data_6WB7
#
_entry.id   6WB7
#
_cell.length_a   47.545
_cell.length_b   50.268
_cell.length_c   127.794
_cell.angle_alpha   89.060
_cell.angle_beta   80.180
_cell.angle_gamma   71.810
#
_symmetry.space_group_name_H-M   'P 1'
#
loop_
_entity.id
_entity.type
_entity.pdbx_description
1 polymer 'Acarbose 7(IV)-phosphotransferase'
2 branched 4,6-dideoxy-4-{[(1S,4R,5S,6S)-4,5,6-trihydroxy-3-(hydroxymethyl)cyclohex-2-en-1-yl]amino}-alpha-D-glucopyranose-(1-4)-alpha-D-glucopyranose-(1-4)-alpha-D-glucopyranose
3 non-polymer 'PHOSPHOAMINOPHOSPHONIC ACID-ADENYLATE ESTER'
4 non-polymer 'MANGANESE (II) ION'
5 non-polymer 'SODIUM ION'
6 water water
#
_entity_poly.entity_id   1
_entity_poly.type   'polypeptide(L)'
_entity_poly.pdbx_seq_one_letter_code
;MGSSHHHHHHSSGLVPRGSHMSEHTDVLVLGGAGVDTIAYVPELPLPFQDSYVVAAIEPRAGQTGDNVALGLHTLGLRTM
HVDVLGDDPEGDLVRAFHTRHGLPFAALPTAAGTKRAVNLVGPDGRRLSLWDGSREAEEDRYPAALIAAHTAHARHVHVC
ITPPGQHVFGQLNDLPVTVSTDLHNWDGAYEGFEVYAFNADLVFLSATALTDVAATMRRVIDRGRARLVVATDGAHGGSV
LVRGETEVRRYAAVAPEAPVVDSNGAGDAFVSGFLFGHLAGEPLETCLRYGAIAGAYACTIPATRAGAIDRAALLRPAA
;
_entity_poly.pdbx_strand_id   A,B,C,D
#
loop_
_chem_comp.id
_chem_comp.type
_chem_comp.name
_chem_comp.formula
AC1 D-saccharide 4,6-dideoxy-4-{[(1S,4R,5S,6S)-4,5,6-trihydroxy-3-(hydroxymethyl)cyclohex-2-en-1-yl]amino}-alpha-D-glucopyranose 'C13 H23 N O8'
ANP non-polymer 'PHOSPHOAMINOPHOSPHONIC ACID-ADENYLATE ESTER' 'C10 H17 N6 O12 P3'
GLC D-saccharide, alpha linking alpha-D-glucopyranose 'C6 H12 O6'
MN non-polymer 'MANGANESE (II) ION' 'Mn 2'
NA non-polymer 'SODIUM ION' 'Na 1'
#
# COMPACT_ATOMS: atom_id res chain seq x y z
N GLU A 23 15.42 26.22 46.08
CA GLU A 23 14.29 26.01 45.17
C GLU A 23 14.62 26.46 43.74
N HIS A 24 15.56 27.40 43.62
CA HIS A 24 15.88 28.00 42.33
C HIS A 24 17.18 27.44 41.72
N THR A 25 17.52 27.93 40.53
CA THR A 25 18.75 27.51 39.86
C THR A 25 19.99 27.85 40.68
N ASP A 26 20.81 26.84 40.97
CA ASP A 26 22.05 27.09 41.67
C ASP A 26 23.17 27.30 40.64
N VAL A 27 23.19 26.44 39.63
CA VAL A 27 24.20 26.53 38.57
C VAL A 27 23.56 26.61 37.20
N LEU A 28 23.79 27.72 36.50
CA LEU A 28 23.29 27.87 35.14
C LEU A 28 24.32 27.39 34.13
N VAL A 29 23.89 26.50 33.24
CA VAL A 29 24.77 26.00 32.18
C VAL A 29 24.33 26.61 30.86
N LEU A 30 25.26 27.26 30.16
CA LEU A 30 24.93 27.91 28.89
C LEU A 30 25.53 27.19 27.69
N GLY A 31 24.66 26.74 26.79
CA GLY A 31 25.09 26.16 25.52
C GLY A 31 25.44 24.68 25.58
N GLY A 32 26.21 24.24 24.60
CA GLY A 32 26.77 22.90 24.58
C GLY A 32 25.82 21.73 24.42
N ALA A 33 24.57 21.99 24.08
CA ALA A 33 23.62 20.91 23.84
C ALA A 33 23.72 20.40 22.39
N GLY A 34 23.84 19.09 22.22
CA GLY A 34 24.01 18.52 20.89
C GLY A 34 23.99 17.00 20.82
N VAL A 35 24.33 16.46 19.66
CA VAL A 35 24.23 15.02 19.43
C VAL A 35 25.50 14.42 18.84
N ASP A 36 26.04 13.42 19.52
CA ASP A 36 27.17 12.65 18.98
C ASP A 36 26.71 11.33 18.37
N THR A 37 27.20 11.03 17.18
CA THR A 37 27.01 9.70 16.60
C THR A 37 28.33 8.94 16.68
N ILE A 38 28.38 7.95 17.58
CA ILE A 38 29.61 7.24 17.88
C ILE A 38 29.75 5.98 17.04
N ALA A 39 30.91 5.82 16.40
CA ALA A 39 31.24 4.57 15.73
C ALA A 39 32.52 3.99 16.33
N TYR A 40 32.42 2.78 16.88
CA TYR A 40 33.58 2.12 17.46
C TYR A 40 34.39 1.45 16.37
N VAL A 41 35.65 1.83 16.27
CA VAL A 41 36.54 1.41 15.18
C VAL A 41 37.69 0.59 15.74
N PRO A 42 38.26 -0.31 14.90
CA PRO A 42 39.33 -1.21 15.36
C PRO A 42 40.60 -0.47 15.79
N GLU A 43 40.87 0.68 15.19
CA GLU A 43 42.07 1.44 15.54
C GLU A 43 42.03 2.86 15.00
N LEU A 44 42.84 3.73 15.62
CA LEU A 44 42.98 5.11 15.19
C LEU A 44 44.45 5.48 15.04
N PRO A 45 44.85 6.01 13.87
CA PRO A 45 44.02 6.27 12.69
C PRO A 45 43.49 5.00 12.02
N LEU A 46 42.31 5.09 11.44
CA LEU A 46 41.67 3.95 10.80
C LEU A 46 42.18 3.82 9.37
N PRO A 47 42.90 2.72 9.08
CA PRO A 47 43.41 2.52 7.72
C PRO A 47 42.27 2.41 6.70
N PHE A 48 42.50 2.91 5.50
CA PHE A 48 41.44 3.02 4.51
C PHE A 48 40.99 1.68 3.93
N GLN A 49 39.69 1.49 3.93
CA GLN A 49 39.03 0.37 3.28
C GLN A 49 37.70 0.87 2.74
N ASP A 50 37.03 0.08 1.92
CA ASP A 50 35.72 0.46 1.43
C ASP A 50 34.71 0.44 2.57
N SER A 51 34.83 -0.53 3.47
CA SER A 51 33.95 -0.58 4.64
C SER A 51 34.44 -1.51 5.74
N TYR A 52 34.14 -1.13 6.98
CA TYR A 52 34.33 -1.98 8.14
C TYR A 52 32.96 -2.37 8.67
N VAL A 53 32.82 -3.58 9.18
CA VAL A 53 31.63 -3.91 9.97
C VAL A 53 31.92 -3.51 11.41
N VAL A 54 31.14 -2.56 11.92
CA VAL A 54 31.33 -2.07 13.28
C VAL A 54 30.16 -2.50 14.17
N ALA A 55 30.24 -2.12 15.45
CA ALA A 55 29.19 -2.43 16.40
C ALA A 55 28.01 -1.48 16.20
N ALA A 56 27.05 -1.53 17.13
CA ALA A 56 25.83 -0.73 17.03
C ALA A 56 26.13 0.76 16.95
N ILE A 57 25.55 1.41 15.94
CA ILE A 57 25.62 2.85 15.81
C ILE A 57 24.31 3.46 16.25
N GLU A 58 24.37 4.32 17.26
CA GLU A 58 23.16 4.88 17.82
C GLU A 58 23.36 6.32 18.28
N PRO A 59 22.84 7.28 17.50
CA PRO A 59 22.96 8.70 17.85
C PRO A 59 22.41 8.98 19.23
N ARG A 60 23.20 9.67 20.04
CA ARG A 60 22.80 10.04 21.39
C ARG A 60 23.05 11.51 21.64
N ALA A 61 22.27 12.09 22.54
CA ALA A 61 22.61 13.41 23.06
C ALA A 61 23.76 13.23 24.02
N GLY A 62 24.40 14.32 24.40
CA GLY A 62 25.48 14.24 25.37
C GLY A 62 26.72 14.95 24.90
N GLN A 63 26.55 16.17 24.41
CA GLN A 63 27.68 17.01 24.10
C GLN A 63 28.03 17.82 25.35
N THR A 64 29.02 18.70 25.24
CA THR A 64 29.67 19.25 26.42
C THR A 64 28.70 19.92 27.41
N GLY A 65 27.69 20.62 26.90
CA GLY A 65 26.71 21.27 27.74
C GLY A 65 25.80 20.26 28.41
N ASP A 66 25.51 19.17 27.71
CA ASP A 66 24.65 18.12 28.24
C ASP A 66 25.35 17.39 29.38
N ASN A 67 26.64 17.16 29.23
CA ASN A 67 27.40 16.40 30.21
C ASN A 67 27.66 17.19 31.49
N VAL A 68 27.97 18.47 31.34
CA VAL A 68 28.23 19.30 32.50
C VAL A 68 26.95 19.42 33.33
N ALA A 69 25.83 19.61 32.65
CA ALA A 69 24.52 19.66 33.32
C ALA A 69 24.24 18.35 34.06
N LEU A 70 24.30 17.24 33.33
CA LEU A 70 24.02 15.93 33.91
C LEU A 70 24.93 15.62 35.09
N GLY A 71 26.22 15.88 34.92
CA GLY A 71 27.20 15.63 35.97
C GLY A 71 26.91 16.41 37.24
N LEU A 72 26.62 17.70 37.08
CA LEU A 72 26.34 18.58 38.21
C LEU A 72 25.04 18.16 38.90
N HIS A 73 24.04 17.81 38.10
CA HIS A 73 22.75 17.41 38.63
C HIS A 73 22.82 16.06 39.34
N THR A 74 23.60 15.13 38.80
CA THR A 74 23.79 13.82 39.42
C THR A 74 24.48 13.99 40.77
N LEU A 75 25.23 15.07 40.92
CA LEU A 75 25.94 15.33 42.16
C LEU A 75 25.10 16.14 43.14
N GLY A 76 23.85 16.43 42.78
CA GLY A 76 22.91 17.04 43.71
C GLY A 76 22.76 18.55 43.65
N LEU A 77 23.18 19.15 42.54
CA LEU A 77 23.06 20.60 42.39
C LEU A 77 21.86 20.97 41.54
N ARG A 78 21.19 22.05 41.91
CA ARG A 78 20.06 22.54 41.12
C ARG A 78 20.58 23.25 39.87
N THR A 79 20.54 22.55 38.74
CA THR A 79 21.02 23.13 37.49
C THR A 79 19.88 23.57 36.57
N MET A 80 20.17 24.59 35.78
CA MET A 80 19.34 24.92 34.63
C MET A 80 20.23 24.81 33.40
N HIS A 81 19.68 24.33 32.29
CA HIS A 81 20.44 24.26 31.05
C HIS A 81 19.69 24.99 29.95
N VAL A 82 20.35 25.97 29.34
CA VAL A 82 19.76 26.75 28.26
C VAL A 82 20.64 26.67 27.02
N ASP A 83 20.04 26.42 25.87
CA ASP A 83 20.78 26.39 24.62
C ASP A 83 19.86 26.54 23.43
N VAL A 84 20.40 27.02 22.32
CA VAL A 84 19.67 27.02 21.07
C VAL A 84 19.55 25.57 20.58
N LEU A 85 18.42 25.27 19.97
CA LEU A 85 18.09 23.91 19.59
C LEU A 85 17.27 23.90 18.31
N GLY A 86 17.61 23.02 17.39
CA GLY A 86 16.88 22.93 16.14
C GLY A 86 15.62 22.10 16.25
N ASP A 87 14.72 22.28 15.29
CA ASP A 87 13.53 21.46 15.17
C ASP A 87 13.92 20.14 14.49
N ASP A 88 14.88 19.45 15.11
CA ASP A 88 15.59 18.33 14.50
C ASP A 88 15.28 16.99 15.13
N PRO A 89 15.63 15.89 14.43
CA PRO A 89 15.69 14.60 15.10
C PRO A 89 16.80 14.61 16.14
N GLU A 90 17.82 15.43 15.90
CA GLU A 90 18.89 15.64 16.88
C GLU A 90 18.33 16.42 18.06
N GLY A 91 17.47 17.39 17.77
CA GLY A 91 16.80 18.17 18.81
C GLY A 91 15.94 17.30 19.70
N ASP A 92 15.26 16.34 19.10
CA ASP A 92 14.43 15.39 19.84
C ASP A 92 15.26 14.61 20.84
N LEU A 93 16.46 14.20 20.43
CA LEU A 93 17.34 13.43 21.30
C LEU A 93 17.79 14.23 22.51
N VAL A 94 18.06 15.52 22.31
CA VAL A 94 18.50 16.37 23.41
C VAL A 94 17.36 16.62 24.41
N ARG A 95 16.17 16.89 23.90
CA ARG A 95 15.00 17.06 24.75
C ARG A 95 14.75 15.81 25.59
N ALA A 96 14.81 14.64 24.94
CA ALA A 96 14.59 13.37 25.61
C ALA A 96 15.68 13.08 26.64
N PHE A 97 16.90 13.54 26.35
CA PHE A 97 18.03 13.38 27.27
C PHE A 97 17.77 14.09 28.60
N HIS A 98 17.24 15.30 28.53
CA HIS A 98 17.02 16.08 29.74
C HIS A 98 15.80 15.57 30.49
N THR A 99 14.80 15.15 29.73
CA THR A 99 13.61 14.56 30.32
C THR A 99 13.98 13.28 31.07
N ARG A 100 14.81 12.46 30.45
CA ARG A 100 15.20 11.18 31.03
C ARG A 100 16.02 11.34 32.31
N HIS A 101 16.86 12.37 32.37
CA HIS A 101 17.73 12.52 33.52
C HIS A 101 17.28 13.61 34.48
N GLY A 102 16.08 14.14 34.23
CA GLY A 102 15.48 15.14 35.09
C GLY A 102 16.23 16.46 35.11
N LEU A 103 16.74 16.86 33.95
CA LEU A 103 17.46 18.12 33.81
C LEU A 103 16.55 19.25 33.37
N PRO A 104 16.42 20.31 34.21
CA PRO A 104 15.73 21.53 33.76
C PRO A 104 16.35 22.09 32.49
N PHE A 105 15.52 22.39 31.50
CA PHE A 105 16.02 22.71 30.18
C PHE A 105 15.19 23.76 29.45
N ALA A 106 15.87 24.69 28.80
CA ALA A 106 15.21 25.67 27.93
C ALA A 106 15.77 25.61 26.51
N ALA A 107 14.96 25.13 25.58
CA ALA A 107 15.35 25.07 24.18
C ALA A 107 15.00 26.38 23.47
N LEU A 108 16.01 27.05 22.95
CA LEU A 108 15.81 28.27 22.18
C LEU A 108 15.73 27.91 20.70
N PRO A 109 14.90 28.63 19.94
CA PRO A 109 14.80 28.35 18.50
C PRO A 109 16.06 28.74 17.75
N THR A 110 16.37 28.01 16.67
CA THR A 110 17.47 28.37 15.79
C THR A 110 17.29 27.74 14.41
N ALA A 111 17.62 28.49 13.37
CA ALA A 111 17.44 28.00 12.01
C ALA A 111 18.65 27.18 11.57
N ALA A 112 19.73 27.26 12.35
CA ALA A 112 20.97 26.56 12.02
C ALA A 112 20.85 25.06 12.25
N GLY A 113 20.11 24.66 13.27
CA GLY A 113 19.95 23.26 13.62
C GLY A 113 20.75 22.90 14.86
N THR A 114 20.45 21.72 15.42
CA THR A 114 21.13 21.24 16.61
C THR A 114 22.58 20.91 16.32
N LYS A 115 23.46 21.19 17.27
CA LYS A 115 24.87 20.88 17.14
C LYS A 115 25.11 19.36 17.00
N ARG A 116 26.04 18.98 16.13
CA ARG A 116 26.32 17.57 15.84
C ARG A 116 27.80 17.29 15.76
N ALA A 117 28.14 16.02 15.94
CA ALA A 117 29.46 15.52 15.66
C ALA A 117 29.39 14.05 15.29
N VAL A 118 30.38 13.57 14.55
CA VAL A 118 30.55 12.15 14.32
C VAL A 118 31.88 11.75 14.91
N ASN A 119 31.86 10.84 15.87
CA ASN A 119 33.08 10.47 16.58
C ASN A 119 33.50 9.03 16.33
N LEU A 120 34.80 8.85 16.09
CA LEU A 120 35.38 7.53 15.96
C LEU A 120 36.07 7.20 17.26
N VAL A 121 35.65 6.11 17.90
CA VAL A 121 36.22 5.70 19.17
C VAL A 121 37.04 4.41 19.03
N GLY A 122 38.32 4.49 19.37
CA GLY A 122 39.20 3.33 19.33
C GLY A 122 38.99 2.42 20.53
N PRO A 123 39.62 1.23 20.50
CA PRO A 123 39.48 0.23 21.58
C PRO A 123 40.15 0.67 22.89
N ASP A 124 41.00 1.70 22.81
CA ASP A 124 41.70 2.22 23.97
C ASP A 124 40.92 3.38 24.59
N GLY A 125 39.79 3.71 23.97
CA GLY A 125 38.93 4.75 24.49
C GLY A 125 39.15 6.09 23.82
N ARG A 126 40.19 6.19 22.99
CA ARG A 126 40.49 7.42 22.28
C ARG A 126 39.40 7.75 21.28
N ARG A 127 39.21 9.05 21.08
CA ARG A 127 38.11 9.55 20.28
C ARG A 127 38.59 10.53 19.22
N LEU A 128 38.06 10.39 18.01
CA LEU A 128 38.30 11.34 16.94
C LEU A 128 36.98 12.02 16.57
N SER A 129 36.83 13.28 16.95
CA SER A 129 35.56 13.96 16.73
C SER A 129 35.49 14.76 15.44
N LEU A 130 34.44 14.53 14.67
CA LEU A 130 34.17 15.31 13.47
C LEU A 130 33.06 16.31 13.78
N TRP A 131 33.45 17.53 14.11
CA TRP A 131 32.52 18.55 14.58
C TRP A 131 31.85 19.31 13.42
N ASP A 132 30.53 19.26 13.38
CA ASP A 132 29.77 20.01 12.38
C ASP A 132 29.85 21.50 12.70
N GLY A 133 30.51 22.25 11.82
CA GLY A 133 30.74 23.67 12.05
C GLY A 133 29.76 24.59 11.33
N SER A 134 28.66 24.02 10.83
CA SER A 134 27.65 24.82 10.13
C SER A 134 26.48 25.14 11.06
N ARG A 135 26.54 24.63 12.27
CA ARG A 135 25.42 24.74 13.20
C ARG A 135 25.50 26.03 14.00
N GLU A 136 25.65 27.14 13.29
CA GLU A 136 25.69 28.46 13.91
C GLU A 136 24.85 29.49 13.16
N ALA A 137 23.95 30.15 13.89
CA ALA A 137 23.25 31.31 13.36
C ALA A 137 23.72 32.55 14.11
N GLU A 138 24.25 33.52 13.38
CA GLU A 138 24.82 34.72 13.98
C GLU A 138 23.78 35.56 14.73
N GLU A 139 22.51 35.36 14.39
CA GLU A 139 21.45 36.17 14.98
C GLU A 139 20.91 35.57 16.28
N ASP A 140 21.41 34.40 16.67
CA ASP A 140 20.98 33.77 17.92
C ASP A 140 21.48 34.55 19.13
N ARG A 141 20.65 34.61 20.16
CA ARG A 141 21.01 35.25 21.42
C ARG A 141 20.38 34.51 22.59
N TYR A 142 21.13 34.34 23.67
CA TYR A 142 20.50 33.98 24.95
C TYR A 142 19.87 35.25 25.49
N PRO A 143 18.53 35.26 25.59
CA PRO A 143 17.83 36.47 26.07
C PRO A 143 18.33 36.91 27.44
N ALA A 144 18.59 38.21 27.58
CA ALA A 144 19.11 38.78 28.82
C ALA A 144 18.17 38.55 30.00
N ALA A 145 16.87 38.52 29.75
CA ALA A 145 15.89 38.36 30.82
C ALA A 145 15.92 36.93 31.36
N LEU A 146 16.27 35.99 30.48
CA LEU A 146 16.32 34.58 30.84
C LEU A 146 17.56 34.28 31.67
N ILE A 147 18.68 34.86 31.27
CA ILE A 147 19.91 34.79 32.05
C ILE A 147 19.68 35.40 33.43
N ALA A 148 19.00 36.54 33.47
CA ALA A 148 18.75 37.24 34.72
C ALA A 148 17.83 36.46 35.64
N ALA A 149 16.82 35.83 35.07
CA ALA A 149 15.86 35.07 35.87
C ALA A 149 16.53 33.86 36.54
N HIS A 150 17.44 33.20 35.84
CA HIS A 150 18.06 32.00 36.38
C HIS A 150 19.33 32.27 37.16
N THR A 151 19.68 33.54 37.34
CA THR A 151 20.87 33.89 38.10
C THR A 151 20.53 34.76 39.31
N ALA A 152 19.22 34.89 39.58
CA ALA A 152 18.73 35.73 40.66
C ALA A 152 19.16 35.23 42.04
N HIS A 153 19.32 33.91 42.16
CA HIS A 153 19.73 33.31 43.42
C HIS A 153 20.86 32.31 43.21
N ALA A 154 21.41 32.30 42.00
CA ALA A 154 22.43 31.34 41.62
C ALA A 154 23.82 31.73 42.13
N ARG A 155 24.67 30.73 42.28
CA ARG A 155 26.05 30.96 42.70
C ARG A 155 27.04 30.92 41.55
N HIS A 156 26.69 30.22 40.46
CA HIS A 156 27.66 29.93 39.41
C HIS A 156 27.04 29.73 38.01
N VAL A 157 27.74 30.23 37.00
CA VAL A 157 27.33 30.01 35.62
C VAL A 157 28.48 29.40 34.81
N HIS A 158 28.21 28.28 34.15
CA HIS A 158 29.18 27.67 33.25
C HIS A 158 28.82 27.97 31.81
N VAL A 159 29.74 28.60 31.08
CA VAL A 159 29.49 28.96 29.69
C VAL A 159 30.27 28.06 28.74
N CYS A 160 29.56 27.25 27.95
CA CYS A 160 30.19 26.44 26.93
C CYS A 160 30.62 27.32 25.78
N ILE A 161 31.69 26.94 25.10
CA ILE A 161 32.27 27.76 24.04
C ILE A 161 31.51 27.67 22.71
N THR A 162 30.20 27.48 22.78
CA THR A 162 29.40 27.43 21.56
C THR A 162 28.54 28.70 21.45
N PRO A 163 28.31 29.17 20.21
CA PRO A 163 27.50 30.38 19.99
C PRO A 163 26.04 30.15 20.40
N PRO A 164 25.37 31.19 20.91
CA PRO A 164 25.86 32.56 21.05
C PRO A 164 26.47 32.87 22.42
N GLY A 165 27.35 32.01 22.92
CA GLY A 165 27.96 32.22 24.21
C GLY A 165 28.84 33.45 24.25
N GLN A 166 29.29 33.89 23.07
CA GLN A 166 30.26 34.98 22.98
C GLN A 166 29.63 36.33 23.30
N HIS A 167 28.31 36.36 23.48
CA HIS A 167 27.59 37.61 23.69
C HIS A 167 27.06 37.78 25.11
N VAL A 168 27.41 36.84 25.99
CA VAL A 168 26.77 36.78 27.30
C VAL A 168 27.61 37.40 28.42
N PHE A 169 28.89 37.68 28.14
CA PHE A 169 29.81 38.04 29.20
C PHE A 169 29.76 39.50 29.62
N GLY A 170 29.10 40.34 28.83
CA GLY A 170 28.85 41.70 29.26
C GLY A 170 27.92 41.64 30.45
N GLN A 171 26.95 40.74 30.35
CA GLN A 171 25.92 40.59 31.38
C GLN A 171 26.46 39.87 32.62
N LEU A 172 27.15 38.74 32.41
CA LEU A 172 27.63 37.92 33.53
C LEU A 172 28.67 38.63 34.38
N ASN A 173 29.46 39.50 33.76
CA ASN A 173 30.55 40.18 34.46
C ASN A 173 30.05 41.11 35.56
N ASP A 174 28.81 41.59 35.43
CA ASP A 174 28.23 42.47 36.44
C ASP A 174 27.46 41.70 37.51
N LEU A 175 27.35 40.37 37.35
CA LEU A 175 26.58 39.57 38.29
C LEU A 175 27.44 39.05 39.44
N PRO A 176 26.82 38.90 40.63
CA PRO A 176 27.51 38.30 41.78
C PRO A 176 27.56 36.77 41.71
N VAL A 177 28.05 36.25 40.59
CA VAL A 177 28.25 34.81 40.45
C VAL A 177 29.65 34.54 39.96
N THR A 178 30.13 33.33 40.18
CA THR A 178 31.38 32.90 39.57
C THR A 178 31.06 32.29 38.21
N VAL A 179 32.00 32.41 37.27
CA VAL A 179 31.80 31.87 35.93
C VAL A 179 32.92 30.91 35.56
N SER A 180 32.57 29.82 34.89
CA SER A 180 33.56 28.87 34.40
C SER A 180 33.33 28.59 32.91
N THR A 181 34.39 28.17 32.23
CA THR A 181 34.27 27.79 30.83
C THR A 181 35.23 26.64 30.50
N ASP A 182 35.06 26.05 29.33
CA ASP A 182 35.87 24.91 28.91
C ASP A 182 36.24 25.11 27.46
N LEU A 183 37.50 25.44 27.19
CA LEU A 183 37.96 25.78 25.86
C LEU A 183 38.31 24.55 25.02
N HIS A 184 38.20 23.37 25.63
CA HIS A 184 38.50 22.11 24.98
C HIS A 184 39.86 22.10 24.27
N ASN A 185 39.90 21.68 23.01
CA ASN A 185 41.17 21.59 22.30
C ASN A 185 41.58 22.92 21.66
N TRP A 186 41.66 23.96 22.50
CA TRP A 186 42.03 25.29 22.05
C TRP A 186 43.41 25.31 21.39
N ASP A 187 43.50 26.12 20.33
CA ASP A 187 44.74 26.42 19.65
C ASP A 187 45.75 27.02 20.62
N GLY A 188 45.27 27.96 21.43
CA GLY A 188 46.13 28.81 22.23
C GLY A 188 46.28 30.14 21.52
N ALA A 189 45.87 30.19 20.26
CA ALA A 189 46.01 31.38 19.44
C ALA A 189 44.68 31.86 18.85
N TYR A 190 43.81 30.92 18.51
CA TYR A 190 42.51 31.23 17.88
C TYR A 190 41.70 32.27 18.67
N GLU A 191 41.48 33.42 18.05
CA GLU A 191 40.91 34.59 18.74
C GLU A 191 39.49 34.35 19.25
N GLY A 192 38.78 33.41 18.64
CA GLY A 192 37.38 33.18 18.96
C GLY A 192 37.07 32.77 20.39
N PHE A 193 38.00 32.05 21.01
CA PHE A 193 37.77 31.54 22.37
C PHE A 193 38.20 32.53 23.44
N GLU A 194 38.82 33.61 23.01
CA GLU A 194 39.39 34.58 23.95
C GLU A 194 38.33 35.20 24.86
N VAL A 195 37.18 35.54 24.30
CA VAL A 195 36.13 36.16 25.11
C VAL A 195 35.69 35.23 26.24
N TYR A 196 35.78 33.92 26.00
CA TYR A 196 35.49 32.92 27.02
C TYR A 196 36.64 32.83 28.02
N ALA A 197 37.85 32.70 27.48
CA ALA A 197 39.04 32.47 28.29
C ALA A 197 39.39 33.63 29.23
N PHE A 198 38.98 34.84 28.87
CA PHE A 198 39.40 36.03 29.60
C PHE A 198 38.31 36.61 30.50
N ASN A 199 37.13 35.99 30.50
CA ASN A 199 36.03 36.47 31.33
C ASN A 199 35.47 35.38 32.22
N ALA A 200 36.32 34.42 32.60
CA ALA A 200 35.88 33.30 33.41
C ALA A 200 36.80 33.14 34.62
N ASP A 201 36.20 32.92 35.79
CA ASP A 201 36.97 32.77 37.02
C ASP A 201 37.71 31.45 37.07
N LEU A 202 37.09 30.43 36.47
CA LEU A 202 37.68 29.09 36.42
C LEU A 202 37.73 28.63 34.97
N VAL A 203 38.92 28.57 34.40
CA VAL A 203 39.06 28.19 33.01
C VAL A 203 39.60 26.77 32.86
N PHE A 204 38.88 25.94 32.13
CA PHE A 204 39.34 24.60 31.82
C PHE A 204 39.64 24.47 30.33
N LEU A 205 40.55 23.58 29.99
CA LEU A 205 40.88 23.28 28.60
C LEU A 205 41.72 22.02 28.53
N SER A 206 41.77 21.42 27.34
CA SER A 206 42.64 20.28 27.10
C SER A 206 43.99 20.76 26.63
N ALA A 207 45.01 19.93 26.82
CA ALA A 207 46.37 20.31 26.46
C ALA A 207 46.84 19.70 25.14
N THR A 208 45.97 18.95 24.46
CA THR A 208 46.41 18.18 23.30
C THR A 208 46.75 19.04 22.08
N ALA A 209 46.18 20.23 21.98
CA ALA A 209 46.40 21.07 20.81
C ALA A 209 47.19 22.32 21.13
N LEU A 210 47.83 22.34 22.29
CA LEU A 210 48.61 23.51 22.71
C LEU A 210 50.07 23.38 22.29
N THR A 211 50.58 24.44 21.66
CA THR A 211 51.99 24.51 21.29
C THR A 211 52.84 24.66 22.54
N ASP A 212 52.40 25.53 23.44
CA ASP A 212 53.11 25.83 24.67
C ASP A 212 52.12 25.90 25.83
N VAL A 213 51.94 24.77 26.51
CA VAL A 213 50.95 24.67 27.59
C VAL A 213 51.14 25.72 28.68
N ALA A 214 52.37 25.84 29.17
CA ALA A 214 52.68 26.76 30.26
C ALA A 214 52.40 28.20 29.87
N ALA A 215 52.73 28.55 28.62
CA ALA A 215 52.54 29.92 28.15
C ALA A 215 51.07 30.29 28.00
N THR A 216 50.28 29.36 27.47
CA THR A 216 48.85 29.59 27.31
C THR A 216 48.20 29.78 28.67
N MET A 217 48.57 28.93 29.62
CA MET A 217 48.02 29.01 30.98
C MET A 217 48.37 30.32 31.66
N ARG A 218 49.59 30.82 31.43
CA ARG A 218 50.01 32.07 32.05
C ARG A 218 49.28 33.24 31.42
N ARG A 219 48.97 33.11 30.14
CA ARG A 219 48.32 34.20 29.41
C ARG A 219 46.89 34.41 29.88
N VAL A 220 46.19 33.31 30.13
CA VAL A 220 44.82 33.36 30.64
C VAL A 220 44.78 34.03 32.01
N ILE A 221 45.81 33.77 32.82
CA ILE A 221 45.92 34.35 34.16
C ILE A 221 46.28 35.83 34.08
N ASP A 222 47.12 36.19 33.12
CA ASP A 222 47.60 37.57 33.00
C ASP A 222 46.53 38.55 32.48
N ARG A 223 45.32 38.07 32.28
CA ARG A 223 44.22 38.97 31.91
C ARG A 223 43.52 39.51 33.15
N GLY A 224 43.78 38.89 34.30
CA GLY A 224 43.32 39.40 35.57
C GLY A 224 41.89 39.07 35.94
N ARG A 225 41.43 37.90 35.51
CA ARG A 225 40.06 37.46 35.81
C ARG A 225 40.02 36.06 36.41
N ALA A 226 40.71 35.13 35.76
CA ALA A 226 40.70 33.74 36.21
C ALA A 226 41.52 33.53 37.47
N ARG A 227 40.98 32.78 38.43
CA ARG A 227 41.70 32.44 39.65
C ARG A 227 42.65 31.28 39.41
N LEU A 228 42.25 30.39 38.52
CA LEU A 228 43.07 29.25 38.15
C LEU A 228 42.76 28.77 36.72
N VAL A 229 43.73 28.07 36.14
CA VAL A 229 43.57 27.45 34.83
C VAL A 229 43.92 25.97 34.93
N VAL A 230 43.09 25.12 34.33
CA VAL A 230 43.38 23.70 34.32
C VAL A 230 43.58 23.18 32.91
N ALA A 231 44.76 22.63 32.65
CA ALA A 231 45.04 22.00 31.36
C ALA A 231 45.10 20.48 31.52
N THR A 232 44.07 19.79 31.05
CA THR A 232 43.96 18.35 31.28
C THR A 232 44.76 17.55 30.27
N ASP A 233 45.35 16.45 30.75
CA ASP A 233 46.19 15.61 29.91
C ASP A 233 45.83 14.13 30.02
N GLY A 234 44.57 13.81 29.77
CA GLY A 234 44.09 12.43 29.73
C GLY A 234 44.55 11.55 30.88
N ALA A 235 45.08 10.37 30.54
CA ALA A 235 45.52 9.40 31.55
C ALA A 235 46.71 9.89 32.36
N HIS A 236 47.35 10.97 31.91
CA HIS A 236 48.47 11.54 32.63
C HIS A 236 48.00 12.49 33.72
N GLY A 237 46.69 12.65 33.83
CA GLY A 237 46.12 13.60 34.77
C GLY A 237 46.02 14.98 34.12
N GLY A 238 46.82 15.91 34.61
CA GLY A 238 46.86 17.23 34.01
C GLY A 238 47.66 18.21 34.83
N SER A 239 47.60 19.48 34.44
CA SER A 239 48.33 20.52 35.14
C SER A 239 47.46 21.74 35.40
N VAL A 240 47.79 22.47 36.46
CA VAL A 240 46.98 23.61 36.88
C VAL A 240 47.90 24.79 37.24
N LEU A 241 47.43 26.00 36.97
CA LEU A 241 48.16 27.21 37.33
C LEU A 241 47.29 28.13 38.15
N VAL A 242 47.78 28.54 39.31
CA VAL A 242 47.03 29.36 40.25
C VAL A 242 47.46 30.82 40.16
N ARG A 243 46.49 31.73 40.24
CA ARG A 243 46.77 33.16 40.22
C ARG A 243 47.81 33.53 41.27
N GLY A 244 48.89 34.16 40.83
CA GLY A 244 49.93 34.61 41.74
C GLY A 244 51.04 33.59 41.97
N GLU A 245 50.89 32.39 41.40
CA GLU A 245 51.92 31.37 41.51
C GLU A 245 52.76 31.31 40.24
N THR A 246 54.02 30.88 40.39
CA THR A 246 54.95 30.87 39.27
C THR A 246 55.01 29.52 38.58
N GLU A 247 55.06 28.45 39.39
CA GLU A 247 55.15 27.10 38.87
C GLU A 247 53.76 26.49 38.63
N VAL A 248 53.62 25.73 37.56
CA VAL A 248 52.38 24.99 37.34
C VAL A 248 52.37 23.76 38.25
N ARG A 249 51.20 23.35 38.68
CA ARG A 249 51.06 22.16 39.52
C ARG A 249 50.57 21.00 38.67
N ARG A 250 50.74 19.78 39.17
CA ARG A 250 50.15 18.62 38.50
C ARG A 250 49.08 18.00 39.39
N TYR A 251 48.23 17.17 38.78
CA TYR A 251 47.40 16.26 39.54
C TYR A 251 47.48 14.89 38.86
N ALA A 252 47.36 13.85 39.66
CA ALA A 252 47.43 12.49 39.15
C ALA A 252 46.07 12.04 38.64
N ALA A 253 46.08 11.23 37.58
CA ALA A 253 44.86 10.61 37.11
C ALA A 253 44.47 9.47 38.05
N VAL A 254 43.18 9.18 38.12
CA VAL A 254 42.70 8.10 38.96
C VAL A 254 42.36 6.90 38.10
N ALA A 255 42.82 5.72 38.51
CA ALA A 255 42.49 4.49 37.81
C ALA A 255 41.00 4.15 37.98
N PRO A 256 40.29 3.97 36.86
CA PRO A 256 38.88 3.61 36.87
C PRO A 256 38.65 2.19 37.39
N GLU A 257 37.47 1.95 37.96
CA GLU A 257 37.14 0.63 38.50
C GLU A 257 36.54 -0.26 37.42
N ALA A 258 36.62 0.21 36.19
CA ALA A 258 36.05 -0.47 35.04
C ALA A 258 36.93 -0.16 33.84
N PRO A 259 36.80 -0.96 32.76
CA PRO A 259 37.60 -0.71 31.55
C PRO A 259 37.31 0.64 30.92
N VAL A 260 38.35 1.32 30.44
CA VAL A 260 38.17 2.53 29.68
C VAL A 260 37.56 2.18 28.34
N VAL A 261 36.35 2.66 28.09
CA VAL A 261 35.63 2.32 26.88
C VAL A 261 35.50 3.52 25.95
N ASP A 262 35.08 4.65 26.53
CA ASP A 262 34.83 5.85 25.74
C ASP A 262 35.24 7.08 26.53
N SER A 263 36.27 7.77 26.04
CA SER A 263 36.82 8.93 26.74
C SER A 263 36.03 10.20 26.42
N ASN A 264 34.89 10.03 25.76
CA ASN A 264 33.98 11.14 25.54
C ASN A 264 33.33 11.61 26.83
N GLY A 265 33.45 12.90 27.11
CA GLY A 265 32.79 13.48 28.26
C GLY A 265 33.63 13.50 29.52
N ALA A 266 34.87 13.02 29.43
CA ALA A 266 35.76 12.98 30.58
C ALA A 266 36.08 14.39 31.10
N GLY A 267 36.43 15.29 30.17
CA GLY A 267 36.75 16.66 30.50
C GLY A 267 35.55 17.40 31.07
N ASP A 268 34.36 17.00 30.63
CA ASP A 268 33.11 17.54 31.15
C ASP A 268 32.84 16.97 32.53
N ALA A 269 33.19 15.71 32.71
CA ALA A 269 33.06 15.05 33.99
C ALA A 269 34.02 15.70 34.98
N PHE A 270 35.21 16.04 34.49
CA PHE A 270 36.20 16.72 35.32
C PHE A 270 35.68 18.07 35.80
N VAL A 271 35.08 18.84 34.90
CA VAL A 271 34.52 20.13 35.25
C VAL A 271 33.44 19.96 36.32
N SER A 272 32.53 19.02 36.09
CA SER A 272 31.44 18.76 37.03
C SER A 272 31.94 18.40 38.42
N GLY A 273 32.91 17.50 38.48
CA GLY A 273 33.51 17.12 39.75
C GLY A 273 34.21 18.29 40.43
N PHE A 274 34.97 19.06 39.66
CA PHE A 274 35.71 20.19 40.20
C PHE A 274 34.76 21.23 40.78
N LEU A 275 33.74 21.57 40.01
CA LEU A 275 32.78 22.59 40.41
C LEU A 275 32.07 22.16 41.69
N PHE A 276 31.75 20.88 41.80
CA PHE A 276 31.08 20.36 42.99
C PHE A 276 31.88 20.73 44.23
N GLY A 277 33.19 20.54 44.15
CA GLY A 277 34.08 20.88 45.25
C GLY A 277 34.22 22.38 45.41
N HIS A 278 34.18 23.11 44.31
CA HIS A 278 34.34 24.56 44.33
C HIS A 278 33.19 25.22 45.08
N LEU A 279 31.98 24.78 44.80
CA LEU A 279 30.78 25.31 45.43
C LEU A 279 30.61 24.82 46.87
N ALA A 280 31.42 23.84 47.25
CA ALA A 280 31.36 23.28 48.60
C ALA A 280 32.52 23.78 49.46
N GLY A 281 33.25 24.76 48.95
CA GLY A 281 34.32 25.40 49.71
C GLY A 281 35.57 24.56 49.90
N GLU A 282 35.72 23.51 49.10
CA GLU A 282 36.87 22.62 49.21
C GLU A 282 38.15 23.26 48.65
N PRO A 283 39.31 22.90 49.23
CA PRO A 283 40.61 23.37 48.75
C PRO A 283 40.90 22.89 47.32
N LEU A 284 41.83 23.55 46.65
CA LEU A 284 42.15 23.22 45.25
C LEU A 284 42.43 21.75 45.02
N GLU A 285 43.24 21.15 45.89
CA GLU A 285 43.67 19.76 45.71
C GLU A 285 42.52 18.77 45.76
N THR A 286 41.55 19.04 46.62
CA THR A 286 40.35 18.22 46.71
C THR A 286 39.52 18.37 45.44
N CYS A 287 39.35 19.62 44.99
CA CYS A 287 38.61 19.91 43.76
C CYS A 287 39.22 19.18 42.55
N LEU A 288 40.55 19.19 42.49
CA LEU A 288 41.25 18.48 41.44
C LEU A 288 41.03 16.98 41.57
N ARG A 289 41.01 16.48 42.81
CA ARG A 289 40.77 15.06 43.06
C ARG A 289 39.36 14.67 42.61
N TYR A 290 38.38 15.51 42.93
CA TYR A 290 37.01 15.28 42.51
C TYR A 290 36.90 15.18 41.00
N GLY A 291 37.56 16.10 40.32
CA GLY A 291 37.54 16.13 38.87
C GLY A 291 38.13 14.86 38.27
N ALA A 292 39.27 14.44 38.80
CA ALA A 292 39.98 13.29 38.27
C ALA A 292 39.16 12.01 38.44
N ILE A 293 38.54 11.86 39.60
CA ILE A 293 37.70 10.71 39.88
C ILE A 293 36.50 10.67 38.94
N ALA A 294 35.88 11.83 38.75
CA ALA A 294 34.71 11.94 37.89
C ALA A 294 35.08 11.68 36.43
N GLY A 295 36.26 12.13 36.03
CA GLY A 295 36.74 11.94 34.68
C GLY A 295 37.01 10.48 34.38
N ALA A 296 37.60 9.79 35.35
CA ALA A 296 37.90 8.37 35.19
C ALA A 296 36.62 7.56 35.08
N TYR A 297 35.62 7.91 35.89
CA TYR A 297 34.34 7.25 35.83
C TYR A 297 33.74 7.37 34.43
N ALA A 298 33.72 8.60 33.91
CA ALA A 298 33.14 8.87 32.59
C ALA A 298 33.80 8.07 31.47
N CYS A 299 35.08 7.72 31.65
CA CYS A 299 35.81 6.95 30.64
C CYS A 299 35.29 5.52 30.54
N THR A 300 34.53 5.09 31.53
CA THR A 300 34.05 3.72 31.61
C THR A 300 32.62 3.56 31.13
N ILE A 301 32.01 4.66 30.69
CA ILE A 301 30.64 4.63 30.22
C ILE A 301 30.59 4.50 28.70
N PRO A 302 29.86 3.49 28.20
CA PRO A 302 29.63 3.31 26.76
C PRO A 302 28.73 4.40 26.21
N ALA A 303 28.61 4.46 24.87
CA ALA A 303 27.65 5.38 24.24
C ALA A 303 26.25 4.79 24.33
N THR A 304 26.18 3.53 24.76
CA THR A 304 24.92 2.80 24.86
C THR A 304 24.10 3.22 26.07
N ARG A 305 24.76 3.82 27.06
CA ARG A 305 24.09 4.38 28.22
C ARG A 305 24.60 5.79 28.49
N ALA A 306 23.80 6.57 29.20
CA ALA A 306 24.27 7.84 29.73
C ALA A 306 24.61 7.63 31.20
N GLY A 307 25.72 8.20 31.63
CA GLY A 307 26.17 7.99 32.98
C GLY A 307 27.05 9.09 33.52
N ALA A 308 26.80 9.47 34.77
CA ALA A 308 27.64 10.41 35.47
C ALA A 308 27.85 9.91 36.89
N ILE A 309 29.03 10.14 37.45
CA ILE A 309 29.37 9.65 38.77
C ILE A 309 28.44 10.27 39.81
N ASP A 310 28.08 9.49 40.82
CA ASP A 310 27.19 9.94 41.88
C ASP A 310 27.97 10.52 43.06
N ARG A 311 27.29 11.25 43.93
CA ARG A 311 27.92 11.92 45.06
C ARG A 311 28.71 10.97 45.95
N ALA A 312 28.08 9.85 46.33
CA ALA A 312 28.69 8.90 47.25
C ALA A 312 30.02 8.34 46.73
N ALA A 313 30.04 7.96 45.46
CA ALA A 313 31.24 7.38 44.86
C ALA A 313 32.35 8.41 44.68
N LEU A 314 31.96 9.66 44.45
CA LEU A 314 32.92 10.75 44.31
C LEU A 314 33.69 10.97 45.62
N LEU A 315 32.99 10.80 46.74
CA LEU A 315 33.54 11.07 48.05
C LEU A 315 34.22 9.84 48.68
N ARG A 316 34.18 8.73 47.96
CA ARG A 316 34.63 7.44 48.50
C ARG A 316 36.16 7.30 48.58
N PRO A 317 36.90 7.66 47.49
CA PRO A 317 38.35 7.60 47.66
C PRO A 317 38.88 8.68 48.59
N ALA A 318 40.10 8.51 49.08
CA ALA A 318 40.69 9.46 50.02
C ALA A 318 41.70 10.36 49.32
N HIS B 24 1.56 -4.31 -12.78
CA HIS B 24 2.29 -3.05 -12.87
C HIS B 24 3.81 -3.22 -12.89
N THR B 25 4.39 -3.48 -11.72
CA THR B 25 5.84 -3.41 -11.51
C THR B 25 6.73 -4.20 -12.48
N ASP B 26 7.82 -3.57 -12.90
CA ASP B 26 8.88 -4.20 -13.67
C ASP B 26 9.85 -4.94 -12.76
N VAL B 27 10.43 -4.20 -11.83
CA VAL B 27 11.49 -4.70 -10.98
C VAL B 27 11.13 -4.66 -9.50
N LEU B 28 11.34 -5.79 -8.82
CA LEU B 28 11.12 -5.89 -7.39
C LEU B 28 12.45 -5.80 -6.65
N VAL B 29 12.65 -4.73 -5.89
CA VAL B 29 13.88 -4.55 -5.14
C VAL B 29 13.69 -5.03 -3.70
N LEU B 30 14.52 -5.99 -3.29
CA LEU B 30 14.43 -6.56 -1.95
C LEU B 30 15.63 -6.21 -1.09
N GLY B 31 15.39 -5.51 0.01
CA GLY B 31 16.43 -5.20 0.98
C GLY B 31 17.10 -3.86 0.78
N GLY B 32 18.14 -3.60 1.57
CA GLY B 32 18.99 -2.44 1.34
C GLY B 32 18.43 -1.10 1.74
N ALA B 33 17.29 -1.09 2.43
CA ALA B 33 16.74 0.16 2.94
C ALA B 33 17.49 0.59 4.20
N GLY B 34 18.10 1.77 4.17
CA GLY B 34 18.87 2.21 5.31
C GLY B 34 19.31 3.66 5.25
N VAL B 35 20.07 4.07 6.25
CA VAL B 35 20.49 5.45 6.42
C VAL B 35 21.99 5.60 6.57
N ASP B 36 22.59 6.43 5.72
CA ASP B 36 24.00 6.77 5.84
C ASP B 36 24.16 8.11 6.56
N THR B 37 25.14 8.17 7.46
CA THR B 37 25.51 9.45 8.06
C THR B 37 26.90 9.84 7.54
N ILE B 38 26.92 10.86 6.68
CA ILE B 38 28.12 11.25 5.96
C ILE B 38 28.89 12.37 6.67
N ALA B 39 30.19 12.17 6.82
CA ALA B 39 31.06 13.24 7.29
C ALA B 39 32.18 13.44 6.29
N TYR B 40 32.28 14.64 5.74
CA TYR B 40 33.34 14.93 4.78
C TYR B 40 34.62 15.27 5.52
N VAL B 41 35.70 14.56 5.18
CA VAL B 41 36.96 14.69 5.88
C VAL B 41 38.09 15.12 4.93
N PRO B 42 39.10 15.82 5.46
CA PRO B 42 40.18 16.36 4.61
C PRO B 42 40.98 15.28 3.87
N GLU B 43 41.14 14.10 4.45
CA GLU B 43 41.88 13.02 3.78
C GLU B 43 41.60 11.62 4.35
N LEU B 44 41.78 10.61 3.52
CA LEU B 44 41.66 9.22 3.94
C LEU B 44 42.96 8.46 3.65
N PRO B 45 43.49 7.74 4.65
CA PRO B 45 42.95 7.60 6.01
C PRO B 45 43.14 8.88 6.83
N LEU B 46 42.24 9.11 7.78
CA LEU B 46 42.23 10.34 8.56
C LEU B 46 43.19 10.25 9.75
N PRO B 47 44.24 11.08 9.76
CA PRO B 47 45.18 11.05 10.89
C PRO B 47 44.52 11.44 12.20
N PHE B 48 45.08 10.93 13.30
CA PHE B 48 44.44 11.11 14.59
C PHE B 48 44.62 12.51 15.15
N GLN B 49 43.49 13.17 15.40
CA GLN B 49 43.43 14.39 16.18
C GLN B 49 42.28 14.25 17.13
N ASP B 50 42.20 15.13 18.11
CA ASP B 50 41.08 15.12 19.03
C ASP B 50 39.80 15.56 18.32
N SER B 51 39.94 16.45 17.34
CA SER B 51 38.78 17.00 16.66
C SER B 51 39.09 17.70 15.35
N TYR B 52 38.20 17.54 14.38
CA TYR B 52 38.21 18.32 13.16
C TYR B 52 36.92 19.11 13.07
N VAL B 53 36.97 20.26 12.39
CA VAL B 53 35.77 20.98 12.03
C VAL B 53 35.39 20.59 10.60
N VAL B 54 34.20 20.05 10.42
CA VAL B 54 33.77 19.59 9.10
C VAL B 54 32.51 20.32 8.66
N ALA B 55 32.09 20.05 7.42
CA ALA B 55 30.88 20.65 6.87
C ALA B 55 29.65 19.97 7.45
N ALA B 56 28.48 20.32 6.92
CA ALA B 56 27.20 19.83 7.42
C ALA B 56 27.17 18.31 7.52
N ILE B 57 26.74 17.84 8.68
CA ILE B 57 26.47 16.42 8.87
C ILE B 57 24.97 16.27 8.94
N GLU B 58 24.41 15.54 7.98
CA GLU B 58 22.97 15.40 7.87
C GLU B 58 22.61 13.98 7.48
N PRO B 59 22.17 13.18 8.47
CA PRO B 59 21.77 11.79 8.19
C PRO B 59 20.77 11.73 7.04
N ARG B 60 21.00 10.85 6.09
CA ARG B 60 20.08 10.73 4.96
C ARG B 60 19.77 9.28 4.65
N ALA B 61 18.60 9.05 4.07
CA ALA B 61 18.28 7.74 3.51
C ALA B 61 19.07 7.57 2.22
N GLY B 62 19.23 6.32 1.78
CA GLY B 62 19.94 6.07 0.55
C GLY B 62 21.06 5.06 0.70
N GLN B 63 20.71 3.86 1.15
CA GLN B 63 21.65 2.75 1.12
C GLN B 63 21.37 1.93 -0.14
N THR B 64 22.01 0.77 -0.27
CA THR B 64 22.07 0.07 -1.57
C THR B 64 20.69 -0.18 -2.19
N GLY B 65 19.70 -0.56 -1.39
CA GLY B 65 18.36 -0.81 -1.90
C GLY B 65 17.60 0.43 -2.29
N ASP B 66 17.71 1.48 -1.49
CA ASP B 66 17.06 2.76 -1.80
C ASP B 66 17.57 3.35 -3.11
N ASN B 67 18.88 3.26 -3.32
CA ASN B 67 19.52 3.82 -4.51
C ASN B 67 19.15 3.08 -5.78
N VAL B 68 19.10 1.76 -5.71
CA VAL B 68 18.74 0.95 -6.87
C VAL B 68 17.31 1.26 -7.26
N ALA B 69 16.44 1.35 -6.26
CA ALA B 69 15.04 1.68 -6.47
C ALA B 69 14.88 3.03 -7.15
N LEU B 70 15.50 4.05 -6.59
CA LEU B 70 15.45 5.40 -7.13
C LEU B 70 16.05 5.49 -8.53
N GLY B 71 17.16 4.77 -8.74
CA GLY B 71 17.79 4.73 -10.04
C GLY B 71 16.88 4.14 -11.12
N LEU B 72 16.30 2.97 -10.83
CA LEU B 72 15.41 2.31 -11.76
C LEU B 72 14.15 3.14 -12.00
N HIS B 73 13.66 3.76 -10.95
CA HIS B 73 12.46 4.60 -11.02
C HIS B 73 12.70 5.85 -11.87
N THR B 74 13.85 6.49 -11.63
CA THR B 74 14.20 7.70 -12.35
C THR B 74 14.34 7.41 -13.84
N LEU B 75 14.81 6.21 -14.18
CA LEU B 75 14.97 5.83 -15.58
C LEU B 75 13.66 5.41 -16.23
N GLY B 76 12.57 5.40 -15.46
CA GLY B 76 11.25 5.18 -16.01
C GLY B 76 10.69 3.77 -15.85
N LEU B 77 11.36 2.96 -15.05
CA LEU B 77 10.87 1.61 -14.78
C LEU B 77 9.90 1.60 -13.61
N ARG B 78 8.94 0.68 -13.63
CA ARG B 78 8.00 0.54 -12.53
C ARG B 78 8.61 -0.33 -11.44
N THR B 79 8.81 0.26 -10.27
CA THR B 79 9.55 -0.42 -9.22
C THR B 79 8.69 -0.67 -7.99
N MET B 80 9.10 -1.67 -7.20
CA MET B 80 8.53 -1.89 -5.88
C MET B 80 9.65 -2.31 -4.93
N HIS B 81 9.72 -1.64 -3.78
CA HIS B 81 10.79 -1.87 -2.83
C HIS B 81 10.24 -2.42 -1.52
N VAL B 82 10.79 -3.57 -1.11
CA VAL B 82 10.33 -4.25 0.09
C VAL B 82 11.51 -4.54 1.01
N ASP B 83 11.40 -4.15 2.28
CA ASP B 83 12.45 -4.40 3.25
C ASP B 83 11.97 -4.27 4.70
N VAL B 84 12.68 -4.92 5.61
CA VAL B 84 12.43 -4.72 7.03
C VAL B 84 12.88 -3.31 7.41
N LEU B 85 12.18 -2.74 8.38
CA LEU B 85 12.42 -1.38 8.82
C LEU B 85 12.09 -1.25 10.30
N GLY B 86 12.91 -0.52 11.03
CA GLY B 86 12.69 -0.34 12.45
C GLY B 86 11.86 0.90 12.72
N ASP B 87 11.19 0.91 13.87
CA ASP B 87 10.45 2.10 14.29
C ASP B 87 11.44 3.16 14.76
N ASP B 88 12.30 3.55 13.83
CA ASP B 88 13.49 4.34 14.11
C ASP B 88 13.37 5.76 13.58
N PRO B 89 14.24 6.66 14.04
CA PRO B 89 14.41 7.92 13.31
C PRO B 89 14.95 7.64 11.92
N GLU B 90 15.82 6.63 11.84
CA GLU B 90 16.34 6.16 10.56
C GLU B 90 15.21 5.66 9.67
N GLY B 91 14.24 4.98 10.28
CA GLY B 91 13.06 4.55 9.56
C GLY B 91 12.29 5.72 8.98
N ASP B 92 12.21 6.81 9.75
CA ASP B 92 11.51 8.01 9.30
C ASP B 92 12.13 8.56 8.02
N LEU B 93 13.46 8.68 8.02
CA LEU B 93 14.18 9.14 6.84
C LEU B 93 13.92 8.24 5.63
N VAL B 94 13.93 6.93 5.83
CA VAL B 94 13.71 5.99 4.74
C VAL B 94 12.31 6.12 4.17
N ARG B 95 11.30 6.16 5.04
CA ARG B 95 9.92 6.31 4.61
C ARG B 95 9.68 7.65 3.89
N ALA B 96 10.31 8.71 4.39
CA ALA B 96 10.20 10.03 3.79
C ALA B 96 10.83 10.05 2.39
N PHE B 97 11.94 9.34 2.26
CA PHE B 97 12.67 9.22 1.01
C PHE B 97 11.81 8.60 -0.10
N HIS B 98 11.12 7.51 0.22
CA HIS B 98 10.32 6.82 -0.79
C HIS B 98 9.10 7.64 -1.18
N THR B 99 8.51 8.30 -0.18
CA THR B 99 7.37 9.19 -0.40
C THR B 99 7.78 10.39 -1.26
N ARG B 100 8.89 11.03 -0.91
CA ARG B 100 9.35 12.18 -1.66
C ARG B 100 9.61 11.86 -3.13
N HIS B 101 10.23 10.71 -3.38
CA HIS B 101 10.63 10.35 -4.73
C HIS B 101 9.59 9.47 -5.42
N GLY B 102 8.49 9.19 -4.73
CA GLY B 102 7.41 8.41 -5.30
C GLY B 102 7.77 6.96 -5.58
N LEU B 103 8.54 6.35 -4.69
CA LEU B 103 8.89 4.94 -4.79
C LEU B 103 7.89 4.10 -4.01
N PRO B 104 7.16 3.22 -4.70
CA PRO B 104 6.30 2.24 -4.02
C PRO B 104 7.11 1.46 -2.99
N PHE B 105 6.59 1.33 -1.77
CA PHE B 105 7.38 0.83 -0.67
C PHE B 105 6.55 0.12 0.39
N ALA B 106 7.04 -1.03 0.86
CA ALA B 106 6.39 -1.78 1.92
C ALA B 106 7.39 -2.13 3.01
N ALA B 107 7.20 -1.57 4.20
CA ALA B 107 8.13 -1.81 5.30
C ALA B 107 7.65 -2.93 6.20
N LEU B 108 8.51 -3.92 6.40
CA LEU B 108 8.24 -5.00 7.32
C LEU B 108 8.82 -4.66 8.68
N PRO B 109 8.12 -5.04 9.76
CA PRO B 109 8.62 -4.66 11.08
C PRO B 109 9.84 -5.49 11.51
N THR B 110 10.74 -4.87 12.26
CA THR B 110 11.88 -5.59 12.82
C THR B 110 12.32 -4.96 14.16
N ALA B 111 12.84 -5.81 15.04
CA ALA B 111 13.22 -5.37 16.37
C ALA B 111 14.68 -4.99 16.41
N ALA B 112 15.43 -5.37 15.38
CA ALA B 112 16.85 -5.05 15.32
C ALA B 112 17.07 -3.57 14.98
N GLY B 113 16.13 -3.00 14.25
CA GLY B 113 16.23 -1.60 13.86
C GLY B 113 16.64 -1.39 12.41
N THR B 114 16.48 -0.17 11.93
CA THR B 114 16.82 0.18 10.55
C THR B 114 18.35 0.12 10.33
N LYS B 115 18.76 -0.44 9.20
CA LYS B 115 20.17 -0.50 8.85
C LYS B 115 20.77 0.90 8.74
N ARG B 116 22.05 1.01 9.03
CA ARG B 116 22.71 2.31 9.08
C ARG B 116 24.23 2.20 8.97
N ALA B 117 24.84 3.29 8.55
CA ALA B 117 26.29 3.34 8.42
C ALA B 117 26.78 4.76 8.63
N VAL B 118 28.03 4.89 9.04
CA VAL B 118 28.69 6.19 9.10
C VAL B 118 29.81 6.21 8.08
N ASN B 119 29.74 7.12 7.11
CA ASN B 119 30.73 7.14 6.03
C ASN B 119 31.65 8.35 6.07
N LEU B 120 32.95 8.11 5.99
CA LEU B 120 33.93 9.19 5.86
C LEU B 120 34.25 9.41 4.39
N VAL B 121 33.96 10.61 3.90
CA VAL B 121 34.13 10.91 2.49
C VAL B 121 35.24 11.93 2.27
N GLY B 122 36.22 11.57 1.45
CA GLY B 122 37.36 12.43 1.17
C GLY B 122 37.08 13.36 0.01
N PRO B 123 37.98 14.32 -0.23
CA PRO B 123 37.83 15.32 -1.31
C PRO B 123 37.79 14.70 -2.71
N ASP B 124 38.33 13.49 -2.87
CA ASP B 124 38.35 12.83 -4.17
C ASP B 124 37.14 11.94 -4.37
N GLY B 125 36.25 11.91 -3.38
CA GLY B 125 35.04 11.12 -3.47
C GLY B 125 35.18 9.73 -2.90
N ARG B 126 36.39 9.36 -2.48
CA ARG B 126 36.61 8.06 -1.86
C ARG B 126 35.87 7.98 -0.53
N ARG B 127 35.38 6.78 -0.21
CA ARG B 127 34.52 6.59 0.94
C ARG B 127 34.97 5.46 1.85
N LEU B 128 35.06 5.75 3.14
CA LEU B 128 35.31 4.74 4.15
C LEU B 128 34.02 4.51 4.92
N SER B 129 33.30 3.45 4.60
CA SER B 129 32.02 3.19 5.23
C SER B 129 32.18 2.43 6.56
N LEU B 130 31.38 2.81 7.55
CA LEU B 130 31.36 2.08 8.81
C LEU B 130 30.00 1.42 8.99
N TRP B 131 29.90 0.18 8.54
CA TRP B 131 28.64 -0.56 8.51
C TRP B 131 28.24 -1.12 9.87
N ASP B 132 27.03 -0.81 10.29
CA ASP B 132 26.48 -1.34 11.53
C ASP B 132 26.04 -2.78 11.31
N GLY B 133 26.77 -3.71 11.92
CA GLY B 133 26.49 -5.13 11.74
C GLY B 133 25.56 -5.71 12.79
N SER B 134 24.91 -4.84 13.56
CA SER B 134 24.01 -5.31 14.60
C SER B 134 22.56 -5.26 14.12
N ARG B 135 22.33 -4.62 12.98
CA ARG B 135 20.97 -4.45 12.47
C ARG B 135 20.48 -5.69 11.72
N GLU B 136 20.42 -6.80 12.44
CA GLU B 136 19.86 -8.04 11.90
C GLU B 136 19.09 -8.78 12.98
N ALA B 137 17.89 -9.25 12.63
CA ALA B 137 17.13 -10.12 13.50
C ALA B 137 16.88 -11.44 12.79
N GLU B 138 17.41 -12.53 13.34
CA GLU B 138 17.35 -13.84 12.69
C GLU B 138 15.94 -14.32 12.40
N GLU B 139 14.96 -13.85 13.18
CA GLU B 139 13.59 -14.32 12.99
C GLU B 139 12.90 -13.64 11.81
N ASP B 140 13.52 -12.60 11.27
CA ASP B 140 12.93 -11.87 10.16
C ASP B 140 12.87 -12.70 8.89
N ARG B 141 11.79 -12.56 8.15
CA ARG B 141 11.60 -13.23 6.87
C ARG B 141 10.80 -12.32 5.94
N TYR B 142 11.11 -12.34 4.65
CA TYR B 142 10.19 -11.77 3.68
C TYR B 142 9.05 -12.76 3.55
N PRO B 143 7.82 -12.32 3.88
CA PRO B 143 6.68 -13.22 3.75
C PRO B 143 6.46 -13.66 2.30
N ALA B 144 6.38 -14.97 2.08
CA ALA B 144 6.25 -15.55 0.74
C ALA B 144 5.07 -14.97 -0.03
N ALA B 145 3.97 -14.70 0.67
CA ALA B 145 2.77 -14.18 0.02
C ALA B 145 2.98 -12.77 -0.47
N LEU B 146 3.84 -12.02 0.22
CA LEU B 146 4.18 -10.67 -0.20
C LEU B 146 5.15 -10.74 -1.38
N ILE B 147 6.06 -11.71 -1.32
CA ILE B 147 7.01 -11.94 -2.41
C ILE B 147 6.28 -12.35 -3.67
N ALA B 148 5.44 -13.39 -3.55
CA ALA B 148 4.68 -13.92 -4.67
C ALA B 148 3.75 -12.87 -5.29
N ALA B 149 3.20 -12.00 -4.45
CA ALA B 149 2.30 -10.96 -4.92
C ALA B 149 3.02 -9.95 -5.82
N HIS B 150 4.26 -9.63 -5.47
CA HIS B 150 4.99 -8.61 -6.21
C HIS B 150 5.87 -9.21 -7.30
N THR B 151 5.84 -10.54 -7.43
CA THR B 151 6.57 -11.19 -8.52
C THR B 151 5.61 -11.69 -9.59
N ALA B 152 4.33 -11.45 -9.38
CA ALA B 152 3.28 -11.90 -10.29
C ALA B 152 3.40 -11.27 -11.66
N HIS B 153 3.69 -9.97 -11.70
CA HIS B 153 3.80 -9.25 -12.96
C HIS B 153 5.22 -8.75 -13.20
N ALA B 154 6.06 -8.84 -12.17
CA ALA B 154 7.45 -8.42 -12.28
C ALA B 154 8.22 -9.30 -13.26
N ARG B 155 9.08 -8.68 -14.07
CA ARG B 155 9.94 -9.42 -14.98
C ARG B 155 11.25 -9.78 -14.31
N HIS B 156 11.60 -9.00 -13.29
CA HIS B 156 12.92 -9.08 -12.69
C HIS B 156 12.87 -8.77 -11.18
N VAL B 157 13.75 -9.41 -10.43
CA VAL B 157 13.87 -9.16 -9.00
C VAL B 157 15.33 -8.90 -8.64
N HIS B 158 15.59 -7.78 -7.98
CA HIS B 158 16.93 -7.49 -7.49
C HIS B 158 16.98 -7.69 -5.98
N VAL B 159 17.86 -8.59 -5.54
CA VAL B 159 17.98 -8.90 -4.11
C VAL B 159 19.27 -8.34 -3.52
N CYS B 160 19.13 -7.37 -2.63
CA CYS B 160 20.29 -6.84 -1.91
C CYS B 160 20.75 -7.89 -0.90
N ILE B 161 22.03 -7.83 -0.53
CA ILE B 161 22.63 -8.86 0.31
C ILE B 161 22.45 -8.58 1.80
N THR B 162 21.29 -8.06 2.16
CA THR B 162 20.98 -7.81 3.56
C THR B 162 19.91 -8.79 4.03
N PRO B 163 20.03 -9.27 5.28
CA PRO B 163 19.05 -10.22 5.82
C PRO B 163 17.67 -9.58 5.90
N PRO B 164 16.61 -10.36 5.67
CA PRO B 164 16.60 -11.81 5.46
C PRO B 164 16.74 -12.25 4.00
N GLY B 165 17.54 -11.53 3.22
CA GLY B 165 17.72 -11.86 1.82
C GLY B 165 18.10 -13.31 1.57
N GLN B 166 18.88 -13.89 2.49
CA GLN B 166 19.43 -15.22 2.29
C GLN B 166 18.39 -16.35 2.35
N HIS B 167 17.15 -16.02 2.70
CA HIS B 167 16.11 -17.03 2.85
C HIS B 167 15.09 -16.98 1.73
N VAL B 168 15.33 -16.13 0.74
CA VAL B 168 14.30 -15.80 -0.25
C VAL B 168 14.51 -16.52 -1.58
N PHE B 169 15.66 -17.14 -1.75
CA PHE B 169 16.02 -17.70 -3.05
C PHE B 169 15.37 -19.05 -3.33
N GLY B 170 14.79 -19.67 -2.30
CA GLY B 170 14.06 -20.90 -2.51
C GLY B 170 12.80 -20.61 -3.31
N GLN B 171 12.10 -19.56 -2.91
CA GLN B 171 10.89 -19.13 -3.60
C GLN B 171 11.21 -18.60 -5.00
N LEU B 172 12.20 -17.72 -5.08
CA LEU B 172 12.56 -17.07 -6.35
C LEU B 172 12.98 -18.06 -7.42
N ASN B 173 13.61 -19.15 -6.99
CA ASN B 173 14.14 -20.15 -7.91
C ASN B 173 13.05 -20.83 -8.72
N ASP B 174 11.84 -20.88 -8.17
CA ASP B 174 10.73 -21.54 -8.82
C ASP B 174 9.83 -20.55 -9.57
N LEU B 175 10.22 -19.29 -9.59
CA LEU B 175 9.41 -18.26 -10.24
C LEU B 175 9.95 -17.90 -11.63
N PRO B 176 9.06 -17.49 -12.55
CA PRO B 176 9.45 -17.05 -13.89
C PRO B 176 9.98 -15.63 -13.92
N VAL B 177 11.06 -15.38 -13.20
CA VAL B 177 11.68 -14.06 -13.16
C VAL B 177 13.20 -14.18 -13.20
N THR B 178 13.85 -13.19 -13.81
CA THR B 178 15.30 -13.10 -13.72
C THR B 178 15.66 -12.45 -12.39
N VAL B 179 16.83 -12.81 -11.85
CA VAL B 179 17.24 -12.34 -10.54
C VAL B 179 18.64 -11.73 -10.59
N SER B 180 18.80 -10.56 -9.99
CA SER B 180 20.12 -9.94 -9.88
C SER B 180 20.48 -9.64 -8.43
N THR B 181 21.77 -9.51 -8.16
CA THR B 181 22.26 -9.17 -6.82
C THR B 181 23.57 -8.40 -6.90
N ASP B 182 23.92 -7.73 -5.81
CA ASP B 182 25.15 -6.94 -5.74
C ASP B 182 25.90 -7.32 -4.47
N LEU B 183 27.09 -7.87 -4.64
CA LEU B 183 27.83 -8.44 -3.51
C LEU B 183 28.75 -7.45 -2.83
N HIS B 184 28.87 -6.24 -3.40
CA HIS B 184 29.70 -5.19 -2.83
C HIS B 184 31.12 -5.67 -2.54
N ASN B 185 31.69 -5.23 -1.42
CA ASN B 185 33.09 -5.52 -1.12
C ASN B 185 33.32 -6.95 -0.61
N TRP B 186 32.75 -7.91 -1.32
CA TRP B 186 32.88 -9.33 -0.98
C TRP B 186 34.33 -9.81 -0.96
N ASP B 187 34.65 -10.64 0.03
CA ASP B 187 35.89 -11.40 0.09
C ASP B 187 36.11 -12.22 -1.17
N GLY B 188 35.05 -12.87 -1.62
CA GLY B 188 35.17 -13.94 -2.60
C GLY B 188 35.35 -15.23 -1.82
N ALA B 189 35.19 -15.13 -0.50
CA ALA B 189 35.41 -16.25 0.41
C ALA B 189 34.35 -16.34 1.50
N TYR B 190 33.88 -15.18 1.97
CA TYR B 190 32.86 -15.13 3.01
C TYR B 190 31.62 -15.91 2.55
N GLU B 191 31.30 -16.96 3.30
CA GLU B 191 30.32 -17.95 2.90
C GLU B 191 28.89 -17.40 2.89
N GLY B 192 28.65 -16.35 3.67
CA GLY B 192 27.32 -15.81 3.84
C GLY B 192 26.70 -15.19 2.60
N PHE B 193 27.53 -14.85 1.63
CA PHE B 193 27.05 -14.21 0.40
C PHE B 193 26.81 -15.23 -0.72
N GLU B 194 27.26 -16.46 -0.51
CA GLU B 194 27.22 -17.48 -1.54
C GLU B 194 25.80 -17.80 -2.02
N VAL B 195 24.83 -17.75 -1.12
CA VAL B 195 23.45 -18.04 -1.50
C VAL B 195 22.97 -17.00 -2.52
N TYR B 196 23.45 -15.77 -2.40
CA TYR B 196 23.12 -14.71 -3.36
C TYR B 196 23.86 -14.94 -4.68
N ALA B 197 25.17 -15.12 -4.57
CA ALA B 197 26.04 -15.22 -5.73
C ALA B 197 25.73 -16.43 -6.62
N PHE B 198 25.10 -17.46 -6.05
CA PHE B 198 24.90 -18.71 -6.77
C PHE B 198 23.45 -18.93 -7.18
N ASN B 199 22.62 -17.91 -7.03
CA ASN B 199 21.22 -18.01 -7.44
C ASN B 199 20.73 -16.74 -8.14
N ALA B 200 21.61 -16.11 -8.91
CA ALA B 200 21.25 -14.88 -9.61
C ALA B 200 21.64 -14.93 -11.08
N ASP B 201 20.76 -14.43 -11.94
CA ASP B 201 21.03 -14.35 -13.36
C ASP B 201 22.14 -13.34 -13.65
N LEU B 202 22.11 -12.23 -12.90
CA LEU B 202 23.10 -11.18 -13.04
C LEU B 202 23.73 -10.89 -11.68
N VAL B 203 25.04 -11.11 -11.57
CA VAL B 203 25.73 -10.89 -10.31
C VAL B 203 26.71 -9.72 -10.43
N PHE B 204 26.42 -8.64 -9.70
CA PHE B 204 27.31 -7.49 -9.62
C PHE B 204 28.11 -7.56 -8.31
N LEU B 205 29.29 -6.96 -8.31
CA LEU B 205 30.12 -6.89 -7.12
C LEU B 205 31.24 -5.89 -7.32
N SER B 206 31.81 -5.43 -6.20
CA SER B 206 32.97 -4.55 -6.24
C SER B 206 34.25 -5.37 -6.21
N ALA B 207 35.31 -4.85 -6.81
CA ALA B 207 36.57 -5.59 -6.89
C ALA B 207 37.61 -5.12 -5.88
N THR B 208 37.23 -4.20 -4.98
CA THR B 208 38.19 -3.61 -4.05
C THR B 208 38.77 -4.62 -3.07
N ALA B 209 37.98 -5.60 -2.65
CA ALA B 209 38.44 -6.58 -1.67
C ALA B 209 38.75 -7.92 -2.32
N LEU B 210 38.90 -7.96 -3.64
CA LEU B 210 39.18 -9.21 -4.32
C LEU B 210 40.69 -9.42 -4.52
N THR B 211 41.20 -10.51 -3.93
CA THR B 211 42.57 -10.94 -4.11
C THR B 211 42.79 -11.39 -5.56
N ASP B 212 41.82 -12.11 -6.08
CA ASP B 212 41.90 -12.69 -7.41
C ASP B 212 40.59 -12.45 -8.14
N VAL B 213 40.48 -11.31 -8.81
CA VAL B 213 39.24 -10.91 -9.45
C VAL B 213 38.73 -11.97 -10.42
N ALA B 214 39.58 -12.38 -11.35
CA ALA B 214 39.18 -13.32 -12.40
C ALA B 214 38.68 -14.64 -11.82
N ALA B 215 39.38 -15.16 -10.82
CA ALA B 215 39.02 -16.45 -10.23
C ALA B 215 37.66 -16.40 -9.55
N THR B 216 37.38 -15.29 -8.86
CA THR B 216 36.12 -15.13 -8.16
C THR B 216 34.96 -15.08 -9.14
N MET B 217 35.16 -14.37 -10.25
CA MET B 217 34.12 -14.26 -11.29
C MET B 217 33.80 -15.62 -11.90
N ARG B 218 34.84 -16.38 -12.25
CA ARG B 218 34.64 -17.71 -12.82
C ARG B 218 33.99 -18.66 -11.84
N ARG B 219 34.28 -18.46 -10.55
CA ARG B 219 33.73 -19.29 -9.50
C ARG B 219 32.23 -19.07 -9.38
N VAL B 220 31.80 -17.83 -9.59
CA VAL B 220 30.37 -17.50 -9.59
C VAL B 220 29.68 -18.19 -10.77
N ILE B 221 30.36 -18.21 -11.93
CA ILE B 221 29.85 -18.86 -13.12
C ILE B 221 29.74 -20.38 -12.91
N ASP B 222 30.79 -20.98 -12.36
CA ASP B 222 30.86 -22.43 -12.24
C ASP B 222 30.00 -22.99 -11.11
N ARG B 223 30.02 -22.36 -9.95
CA ARG B 223 29.25 -22.85 -8.81
C ARG B 223 27.84 -22.31 -8.78
N GLY B 224 27.64 -21.15 -9.40
CA GLY B 224 26.33 -20.52 -9.45
C GLY B 224 25.66 -20.72 -10.80
N ARG B 225 24.65 -19.91 -11.08
CA ARG B 225 23.97 -20.01 -12.37
C ARG B 225 24.00 -18.68 -13.14
N ALA B 226 24.93 -17.81 -12.77
CA ALA B 226 25.00 -16.48 -13.36
C ALA B 226 25.20 -16.54 -14.88
N ARG B 227 24.50 -15.67 -15.59
CA ARG B 227 24.67 -15.55 -17.02
C ARG B 227 25.80 -14.57 -17.33
N LEU B 228 26.03 -13.65 -16.41
CA LEU B 228 27.20 -12.79 -16.47
C LEU B 228 27.53 -12.20 -15.11
N VAL B 229 28.78 -11.83 -14.92
CA VAL B 229 29.27 -11.30 -13.66
C VAL B 229 29.97 -9.97 -13.93
N VAL B 230 29.75 -8.98 -13.08
CA VAL B 230 30.36 -7.68 -13.26
C VAL B 230 31.10 -7.24 -12.01
N ALA B 231 32.41 -7.04 -12.15
CA ALA B 231 33.24 -6.59 -11.03
C ALA B 231 33.70 -5.17 -11.26
N THR B 232 33.01 -4.22 -10.63
CA THR B 232 33.34 -2.81 -10.79
C THR B 232 34.66 -2.47 -10.11
N ASP B 233 35.33 -1.45 -10.64
CA ASP B 233 36.67 -1.08 -10.20
C ASP B 233 36.81 0.43 -10.11
N GLY B 234 35.69 1.09 -9.81
CA GLY B 234 35.67 2.53 -9.67
C GLY B 234 36.04 3.26 -10.94
N ALA B 235 36.91 4.26 -10.82
CA ALA B 235 37.28 5.12 -11.93
C ALA B 235 38.09 4.39 -13.01
N HIS B 236 38.47 3.15 -12.74
CA HIS B 236 39.20 2.35 -13.70
C HIS B 236 38.27 1.46 -14.52
N GLY B 237 36.96 1.65 -14.32
CA GLY B 237 35.96 0.85 -15.01
C GLY B 237 35.61 -0.41 -14.24
N GLY B 238 35.81 -1.57 -14.87
CA GLY B 238 35.56 -2.84 -14.20
C GLY B 238 35.78 -4.05 -15.09
N SER B 239 35.31 -5.20 -14.63
CA SER B 239 35.48 -6.45 -15.36
C SER B 239 34.15 -7.18 -15.53
N VAL B 240 33.97 -7.81 -16.68
CA VAL B 240 32.79 -8.64 -16.91
C VAL B 240 33.19 -10.03 -17.41
N LEU B 241 32.45 -11.05 -16.96
CA LEU B 241 32.63 -12.40 -17.47
C LEU B 241 31.28 -12.97 -17.92
N VAL B 242 31.23 -13.44 -19.16
CA VAL B 242 29.98 -13.94 -19.73
C VAL B 242 29.97 -15.46 -19.80
N ARG B 243 28.86 -16.08 -19.41
CA ARG B 243 28.74 -17.53 -19.47
C ARG B 243 29.01 -18.05 -20.89
N GLY B 244 29.83 -19.09 -20.99
CA GLY B 244 30.18 -19.65 -22.28
C GLY B 244 31.46 -19.08 -22.84
N GLU B 245 31.90 -17.95 -22.29
CA GLU B 245 33.16 -17.34 -22.70
C GLU B 245 34.30 -17.75 -21.77
N THR B 246 35.53 -17.65 -22.25
CA THR B 246 36.69 -18.08 -21.49
C THR B 246 37.34 -16.91 -20.78
N GLU B 247 37.44 -15.78 -21.49
CA GLU B 247 38.20 -14.63 -21.01
C GLU B 247 37.30 -13.57 -20.37
N VAL B 248 37.85 -12.83 -19.42
CA VAL B 248 37.13 -11.73 -18.82
C VAL B 248 37.33 -10.47 -19.66
N ARG B 249 36.29 -9.67 -19.78
CA ARG B 249 36.38 -8.44 -20.56
C ARG B 249 36.55 -7.25 -19.64
N ARG B 250 36.94 -6.12 -20.22
CA ARG B 250 37.04 -4.88 -19.45
C ARG B 250 36.11 -3.84 -20.05
N TYR B 251 35.59 -2.97 -19.21
CA TYR B 251 34.91 -1.78 -19.71
C TYR B 251 35.62 -0.56 -19.11
N ALA B 252 35.55 0.56 -19.83
CA ALA B 252 36.23 1.75 -19.40
C ALA B 252 35.29 2.68 -18.66
N ALA B 253 35.82 3.40 -17.68
CA ALA B 253 35.01 4.36 -16.95
C ALA B 253 34.79 5.61 -17.80
N VAL B 254 33.63 6.24 -17.64
CA VAL B 254 33.35 7.50 -18.31
C VAL B 254 33.54 8.63 -17.32
N ALA B 255 34.14 9.73 -17.78
CA ALA B 255 34.38 10.86 -16.89
C ALA B 255 33.07 11.51 -16.48
N PRO B 256 32.94 11.86 -15.20
CA PRO B 256 31.76 12.59 -14.72
C PRO B 256 31.71 13.97 -15.38
N GLU B 257 30.53 14.57 -15.46
CA GLU B 257 30.42 15.86 -16.14
C GLU B 257 30.18 16.99 -15.15
N ALA B 258 30.49 16.71 -13.89
CA ALA B 258 30.42 17.68 -12.81
C ALA B 258 31.47 17.25 -11.79
N PRO B 259 31.81 18.12 -10.82
CA PRO B 259 32.87 17.71 -9.89
C PRO B 259 32.53 16.44 -9.10
N VAL B 260 33.53 15.59 -8.89
CA VAL B 260 33.32 14.39 -8.08
C VAL B 260 33.25 14.75 -6.60
N VAL B 261 32.11 14.46 -5.99
CA VAL B 261 31.83 14.86 -4.62
C VAL B 261 31.79 13.65 -3.70
N ASP B 262 30.96 12.68 -4.06
CA ASP B 262 30.65 11.56 -3.20
C ASP B 262 30.37 10.32 -4.04
N SER B 263 31.32 9.38 -4.05
CA SER B 263 31.21 8.19 -4.89
C SER B 263 30.26 7.15 -4.28
N ASN B 264 29.68 7.47 -3.13
CA ASN B 264 28.66 6.62 -2.55
CA ASN B 264 28.66 6.62 -2.55
C ASN B 264 27.46 6.51 -3.48
N GLY B 265 27.08 5.29 -3.83
CA GLY B 265 25.93 5.08 -4.69
C GLY B 265 26.30 4.89 -6.15
N ALA B 266 27.60 4.91 -6.45
CA ALA B 266 28.09 4.72 -7.81
C ALA B 266 27.75 3.31 -8.31
N GLY B 267 28.12 2.30 -7.52
CA GLY B 267 27.87 0.92 -7.87
C GLY B 267 26.39 0.62 -8.03
N ASP B 268 25.57 1.24 -7.19
CA ASP B 268 24.13 1.06 -7.25
C ASP B 268 23.60 1.69 -8.51
N ALA B 269 24.16 2.85 -8.86
CA ALA B 269 23.76 3.54 -10.07
C ALA B 269 24.16 2.73 -11.29
N PHE B 270 25.29 2.03 -11.18
CA PHE B 270 25.75 1.17 -12.26
C PHE B 270 24.74 0.05 -12.53
N VAL B 271 24.25 -0.56 -11.46
CA VAL B 271 23.23 -1.59 -11.56
C VAL B 271 21.98 -1.04 -12.23
N SER B 272 21.58 0.15 -11.80
CA SER B 272 20.38 0.80 -12.35
C SER B 272 20.51 1.05 -13.85
N GLY B 273 21.61 1.69 -14.24
CA GLY B 273 21.87 1.94 -15.65
C GLY B 273 21.98 0.66 -16.46
N PHE B 274 22.69 -0.34 -15.92
CA PHE B 274 22.83 -1.62 -16.59
C PHE B 274 21.48 -2.30 -16.81
N LEU B 275 20.66 -2.36 -15.76
CA LEU B 275 19.36 -3.04 -15.85
C LEU B 275 18.41 -2.33 -16.78
N PHE B 276 18.51 -1.01 -16.84
CA PHE B 276 17.64 -0.24 -17.73
C PHE B 276 17.79 -0.69 -19.18
N GLY B 277 19.04 -0.97 -19.56
CA GLY B 277 19.34 -1.44 -20.89
C GLY B 277 19.10 -2.93 -21.05
N HIS B 278 19.40 -3.68 -20.00
CA HIS B 278 19.24 -5.13 -20.00
C HIS B 278 17.77 -5.52 -20.19
N LEU B 279 16.90 -4.87 -19.44
CA LEU B 279 15.48 -5.12 -19.54
C LEU B 279 14.94 -4.62 -20.88
N ALA B 280 15.72 -3.80 -21.56
CA ALA B 280 15.34 -3.24 -22.86
C ALA B 280 16.00 -3.99 -24.02
N GLY B 281 16.61 -5.13 -23.71
CA GLY B 281 17.21 -5.98 -24.73
C GLY B 281 18.42 -5.41 -25.43
N GLU B 282 19.03 -4.38 -24.84
CA GLU B 282 20.23 -3.78 -25.40
C GLU B 282 21.42 -4.73 -25.25
N PRO B 283 22.39 -4.67 -26.18
CA PRO B 283 23.55 -5.56 -26.11
C PRO B 283 24.37 -5.33 -24.84
N LEU B 284 25.16 -6.33 -24.45
CA LEU B 284 25.97 -6.24 -23.24
C LEU B 284 26.84 -4.99 -23.20
N GLU B 285 27.48 -4.64 -24.30
CA GLU B 285 28.37 -3.48 -24.33
C GLU B 285 27.60 -2.20 -24.05
N THR B 286 26.36 -2.14 -24.52
CA THR B 286 25.53 -0.97 -24.31
C THR B 286 25.12 -0.87 -22.84
N CYS B 287 24.75 -2.00 -22.25
CA CYS B 287 24.38 -2.05 -20.83
C CYS B 287 25.54 -1.67 -19.92
N LEU B 288 26.73 -2.15 -20.26
CA LEU B 288 27.92 -1.83 -19.48
C LEU B 288 28.20 -0.33 -19.54
N ARG B 289 27.99 0.25 -20.72
CA ARG B 289 28.20 1.68 -20.94
C ARG B 289 27.22 2.53 -20.13
N TYR B 290 25.93 2.19 -20.18
CA TYR B 290 24.89 2.86 -19.39
C TYR B 290 25.25 2.91 -17.92
N GLY B 291 25.73 1.79 -17.39
CA GLY B 291 26.12 1.70 -16.00
C GLY B 291 27.25 2.65 -15.68
N ALA B 292 28.24 2.71 -16.56
CA ALA B 292 29.41 3.57 -16.35
C ALA B 292 28.98 5.03 -16.29
N ILE B 293 28.07 5.41 -17.16
CA ILE B 293 27.54 6.77 -17.19
C ILE B 293 26.74 7.07 -15.94
N ALA B 294 25.87 6.13 -15.57
CA ALA B 294 25.03 6.29 -14.38
C ALA B 294 25.90 6.42 -13.13
N GLY B 295 26.96 5.61 -13.08
CA GLY B 295 27.85 5.59 -11.94
C GLY B 295 28.71 6.83 -11.86
N ALA B 296 29.06 7.38 -13.03
CA ALA B 296 29.85 8.60 -13.10
C ALA B 296 29.01 9.77 -12.61
N TYR B 297 27.74 9.77 -13.01
CA TYR B 297 26.78 10.79 -12.60
C TYR B 297 26.57 10.74 -11.08
N ALA B 298 26.55 9.53 -10.53
CA ALA B 298 26.28 9.33 -9.11
C ALA B 298 27.33 10.00 -8.24
N CYS B 299 28.56 10.04 -8.73
CA CYS B 299 29.67 10.64 -7.98
C CYS B 299 29.58 12.16 -7.90
N THR B 300 28.64 12.75 -8.63
CA THR B 300 28.51 14.20 -8.65
C THR B 300 27.41 14.72 -7.72
N ILE B 301 26.71 13.79 -7.07
CA ILE B 301 25.64 14.13 -6.15
C ILE B 301 26.11 14.13 -4.69
N PRO B 302 25.94 15.28 -4.00
CA PRO B 302 26.25 15.44 -2.58
C PRO B 302 25.39 14.54 -1.69
N ALA B 303 25.72 14.47 -0.40
CA ALA B 303 24.87 13.79 0.55
C ALA B 303 23.71 14.70 0.96
N THR B 304 23.80 15.96 0.56
CA THR B 304 22.77 16.96 0.86
C THR B 304 21.59 16.87 -0.12
N ARG B 305 21.81 16.13 -1.21
CA ARG B 305 20.77 15.91 -2.21
C ARG B 305 20.63 14.44 -2.51
N ALA B 306 19.44 14.05 -2.94
CA ALA B 306 19.24 12.74 -3.54
C ALA B 306 19.20 12.95 -5.04
N GLY B 307 19.85 12.06 -5.78
CA GLY B 307 19.95 12.24 -7.21
C GLY B 307 20.18 10.97 -7.99
N ALA B 308 19.56 10.88 -9.16
CA ALA B 308 19.73 9.75 -10.05
C ALA B 308 19.64 10.25 -11.49
N ILE B 309 20.42 9.65 -12.37
CA ILE B 309 20.44 10.07 -13.77
C ILE B 309 19.11 9.72 -14.43
N ASP B 310 18.65 10.59 -15.33
CA ASP B 310 17.39 10.37 -16.04
C ASP B 310 17.61 9.73 -17.40
N ARG B 311 16.52 9.38 -18.08
CA ARG B 311 16.60 8.73 -19.38
C ARG B 311 17.33 9.61 -20.40
N ALA B 312 17.03 10.90 -20.37
CA ALA B 312 17.59 11.84 -21.34
C ALA B 312 19.11 11.92 -21.28
N ALA B 313 19.65 12.14 -20.09
CA ALA B 313 21.09 12.31 -19.90
C ALA B 313 21.86 11.03 -20.20
N LEU B 314 21.23 9.88 -19.97
CA LEU B 314 21.88 8.60 -20.16
C LEU B 314 22.05 8.25 -21.64
N LEU B 315 21.11 8.67 -22.47
CA LEU B 315 21.03 8.19 -23.84
C LEU B 315 21.87 8.99 -24.83
N ARG B 316 22.60 9.99 -24.36
CA ARG B 316 23.53 10.74 -25.20
C ARG B 316 24.44 11.63 -24.35
N HIS C 24 -30.55 25.35 5.33
CA HIS C 24 -31.26 24.56 4.33
C HIS C 24 -31.02 23.08 4.55
N THR C 25 -30.15 22.48 3.75
CA THR C 25 -29.86 21.06 3.87
C THR C 25 -29.30 20.73 5.26
N ASP C 26 -29.88 19.73 5.92
CA ASP C 26 -29.40 19.26 7.21
C ASP C 26 -28.19 18.35 7.05
N VAL C 27 -28.43 17.18 6.44
CA VAL C 27 -27.37 16.19 6.24
C VAL C 27 -26.94 16.12 4.78
N LEU C 28 -25.63 16.21 4.56
CA LEU C 28 -25.07 15.98 3.23
C LEU C 28 -24.57 14.56 3.13
N VAL C 29 -25.11 13.80 2.17
CA VAL C 29 -24.67 12.43 1.98
C VAL C 29 -23.74 12.34 0.76
N LEU C 30 -22.51 11.90 0.99
CA LEU C 30 -21.52 11.82 -0.08
C LEU C 30 -21.28 10.38 -0.50
N GLY C 31 -21.55 10.08 -1.77
CA GLY C 31 -21.25 8.78 -2.34
C GLY C 31 -22.36 7.76 -2.19
N GLY C 32 -22.07 6.51 -2.52
CA GLY C 32 -22.96 5.39 -2.24
C GLY C 32 -24.12 5.15 -3.20
N ALA C 33 -24.22 5.92 -4.27
CA ALA C 33 -25.32 5.74 -5.23
C ALA C 33 -25.01 4.61 -6.22
N GLY C 34 -25.95 3.69 -6.36
CA GLY C 34 -25.76 2.59 -7.28
C GLY C 34 -26.96 1.69 -7.45
N VAL C 35 -26.75 0.53 -8.07
CA VAL C 35 -27.83 -0.38 -8.42
C VAL C 35 -27.54 -1.81 -8.01
N ASP C 36 -28.43 -2.39 -7.21
CA ASP C 36 -28.35 -3.81 -6.88
C ASP C 36 -29.26 -4.59 -7.84
N THR C 37 -28.74 -5.71 -8.34
CA THR C 37 -29.58 -6.63 -9.11
C THR C 37 -29.85 -7.85 -8.27
N ILE C 38 -31.06 -7.95 -7.75
CA ILE C 38 -31.40 -8.98 -6.78
C ILE C 38 -31.89 -10.27 -7.43
N ALA C 39 -31.27 -11.37 -7.04
CA ALA C 39 -31.74 -12.68 -7.46
C ALA C 39 -32.08 -13.51 -6.23
N TYR C 40 -33.36 -13.84 -6.08
CA TYR C 40 -33.79 -14.68 -4.98
C TYR C 40 -33.42 -16.14 -5.23
N VAL C 41 -32.61 -16.70 -4.34
CA VAL C 41 -32.15 -18.07 -4.47
C VAL C 41 -32.73 -18.95 -3.37
N PRO C 42 -32.92 -20.25 -3.67
CA PRO C 42 -33.54 -21.20 -2.72
C PRO C 42 -32.75 -21.38 -1.44
N GLU C 43 -31.43 -21.17 -1.51
CA GLU C 43 -30.58 -21.39 -0.36
C GLU C 43 -29.20 -20.74 -0.51
N LEU C 44 -28.57 -20.46 0.62
CA LEU C 44 -27.21 -19.93 0.66
C LEU C 44 -26.35 -20.72 1.64
N PRO C 45 -25.19 -21.22 1.20
CA PRO C 45 -24.64 -21.09 -0.16
C PRO C 45 -25.41 -21.94 -1.17
N LEU C 46 -25.46 -21.48 -2.42
CA LEU C 46 -26.26 -22.13 -3.44
C LEU C 46 -25.45 -23.23 -4.12
N PRO C 47 -25.90 -24.49 -3.98
CA PRO C 47 -25.22 -25.64 -4.58
C PRO C 47 -25.14 -25.50 -6.09
N PHE C 48 -24.08 -26.02 -6.70
CA PHE C 48 -23.93 -25.86 -8.13
C PHE C 48 -24.92 -26.72 -8.92
N GLN C 49 -25.64 -26.05 -9.82
CA GLN C 49 -26.47 -26.72 -10.79
C GLN C 49 -26.25 -26.03 -12.13
N ASP C 50 -26.79 -26.60 -13.20
CA ASP C 50 -26.67 -25.95 -14.49
C ASP C 50 -27.55 -24.71 -14.52
N SER C 51 -28.73 -24.82 -13.94
CA SER C 51 -29.66 -23.69 -13.91
C SER C 51 -30.69 -23.79 -12.79
N TYR C 52 -31.15 -22.64 -12.32
CA TYR C 52 -32.29 -22.56 -11.41
C TYR C 52 -33.36 -21.68 -12.03
N VAL C 53 -34.62 -22.01 -11.76
CA VAL C 53 -35.71 -21.12 -12.12
C VAL C 53 -36.07 -20.30 -10.89
N VAL C 54 -35.75 -19.02 -10.91
CA VAL C 54 -35.98 -18.18 -9.75
C VAL C 54 -37.13 -17.20 -9.97
N ALA C 55 -37.55 -16.55 -8.89
CA ALA C 55 -38.54 -15.50 -8.96
C ALA C 55 -37.99 -14.28 -9.68
N ALA C 56 -38.82 -13.25 -9.85
CA ALA C 56 -38.48 -12.09 -10.65
C ALA C 56 -37.11 -11.49 -10.32
N ILE C 57 -36.29 -11.27 -11.35
CA ILE C 57 -35.03 -10.55 -11.22
C ILE C 57 -35.24 -9.12 -11.70
N GLU C 58 -35.02 -8.15 -10.81
CA GLU C 58 -35.37 -6.78 -11.12
C GLU C 58 -34.31 -5.80 -10.58
N PRO C 59 -33.49 -5.25 -11.48
CA PRO C 59 -32.47 -4.25 -11.12
C PRO C 59 -33.09 -3.02 -10.47
N ARG C 60 -32.61 -2.67 -9.29
CA ARG C 60 -33.14 -1.54 -8.54
C ARG C 60 -32.03 -0.64 -8.02
N ALA C 61 -32.30 0.65 -7.97
CA ALA C 61 -31.40 1.59 -7.31
C ALA C 61 -31.61 1.45 -5.81
N GLY C 62 -30.58 1.76 -5.03
CA GLY C 62 -30.70 1.63 -3.59
C GLY C 62 -29.51 0.95 -2.97
N GLN C 63 -28.32 1.48 -3.23
CA GLN C 63 -27.14 1.05 -2.49
C GLN C 63 -26.98 1.95 -1.28
N THR C 64 -25.84 1.85 -0.60
CA THR C 64 -25.71 2.38 0.75
C THR C 64 -26.05 3.88 0.88
N GLY C 65 -25.61 4.69 -0.09
CA GLY C 65 -25.88 6.12 -0.06
C GLY C 65 -27.33 6.45 -0.31
N ASP C 66 -27.90 5.82 -1.33
CA ASP C 66 -29.31 5.97 -1.66
C ASP C 66 -30.21 5.61 -0.47
N ASN C 67 -29.85 4.53 0.25
CA ASN C 67 -30.63 4.06 1.39
C ASN C 67 -30.58 4.99 2.59
N VAL C 68 -29.42 5.61 2.80
CA VAL C 68 -29.27 6.56 3.89
C VAL C 68 -30.02 7.85 3.55
N ALA C 69 -29.86 8.32 2.31
CA ALA C 69 -30.54 9.52 1.86
C ALA C 69 -32.05 9.37 1.92
N LEU C 70 -32.56 8.21 1.49
CA LEU C 70 -33.99 7.97 1.53
C LEU C 70 -34.50 7.83 2.96
N GLY C 71 -33.69 7.21 3.82
CA GLY C 71 -34.06 7.00 5.21
C GLY C 71 -34.14 8.29 5.98
N LEU C 72 -33.11 9.12 5.84
CA LEU C 72 -33.07 10.41 6.54
C LEU C 72 -34.20 11.30 6.06
N HIS C 73 -34.42 11.33 4.75
CA HIS C 73 -35.47 12.12 4.14
C HIS C 73 -36.85 11.72 4.62
N THR C 74 -37.10 10.42 4.66
CA THR C 74 -38.39 9.89 5.09
C THR C 74 -38.70 10.28 6.53
N LEU C 75 -37.66 10.49 7.33
CA LEU C 75 -37.84 10.90 8.72
C LEU C 75 -37.96 12.43 8.83
N GLY C 76 -38.00 13.10 7.70
CA GLY C 76 -38.28 14.53 7.67
C GLY C 76 -37.07 15.44 7.78
N LEU C 77 -35.88 14.88 7.67
CA LEU C 77 -34.67 15.69 7.62
C LEU C 77 -34.48 16.19 6.20
N ARG C 78 -33.84 17.35 6.05
CA ARG C 78 -33.51 17.86 4.72
C ARG C 78 -32.17 17.27 4.26
N THR C 79 -32.19 16.48 3.19
CA THR C 79 -30.97 15.81 2.74
C THR C 79 -30.48 16.29 1.38
N MET C 80 -29.16 16.23 1.20
CA MET C 80 -28.58 16.41 -0.13
C MET C 80 -27.67 15.23 -0.43
N HIS C 81 -27.80 14.69 -1.64
CA HIS C 81 -27.01 13.52 -2.03
C HIS C 81 -26.13 13.83 -3.23
N VAL C 82 -24.83 13.68 -3.04
CA VAL C 82 -23.88 13.92 -4.11
C VAL C 82 -23.07 12.66 -4.35
N ASP C 83 -23.00 12.23 -5.60
CA ASP C 83 -22.14 11.11 -5.96
C ASP C 83 -21.87 11.11 -7.45
N VAL C 84 -20.76 10.49 -7.83
CA VAL C 84 -20.45 10.30 -9.23
C VAL C 84 -21.43 9.30 -9.82
N LEU C 85 -21.73 9.46 -11.11
CA LEU C 85 -22.69 8.58 -11.76
C LEU C 85 -22.36 8.41 -13.23
N GLY C 86 -22.57 7.21 -13.75
CA GLY C 86 -22.26 6.91 -15.14
C GLY C 86 -23.42 7.15 -16.07
N ASP C 87 -23.12 7.35 -17.35
CA ASP C 87 -24.15 7.42 -18.39
C ASP C 87 -24.65 6.00 -18.64
N ASP C 88 -25.33 5.45 -17.65
CA ASP C 88 -25.70 4.05 -17.60
C ASP C 88 -27.20 3.85 -17.58
N PRO C 89 -27.66 2.63 -17.92
CA PRO C 89 -29.00 2.23 -17.51
C PRO C 89 -29.09 2.21 -15.99
N GLU C 90 -27.97 1.91 -15.34
CA GLU C 90 -27.91 1.98 -13.88
C GLU C 90 -28.04 3.43 -13.42
N GLY C 91 -27.40 4.34 -14.15
CA GLY C 91 -27.46 5.75 -13.85
C GLY C 91 -28.88 6.27 -13.97
N ASP C 92 -29.61 5.78 -14.96
CA ASP C 92 -31.02 6.12 -15.15
C ASP C 92 -31.84 5.74 -13.92
N LEU C 93 -31.65 4.49 -13.46
CA LEU C 93 -32.36 3.96 -12.31
C LEU C 93 -32.13 4.79 -11.05
N VAL C 94 -30.87 5.14 -10.82
CA VAL C 94 -30.47 5.92 -9.67
C VAL C 94 -31.13 7.28 -9.69
N ARG C 95 -31.12 7.90 -10.87
CA ARG C 95 -31.74 9.22 -11.04
C ARG C 95 -33.23 9.16 -10.78
N ALA C 96 -33.90 8.18 -11.38
CA ALA C 96 -35.34 8.01 -11.22
C ALA C 96 -35.68 7.79 -9.75
N PHE C 97 -34.80 7.10 -9.03
CA PHE C 97 -34.96 6.82 -7.61
C PHE C 97 -35.07 8.11 -6.80
N HIS C 98 -34.21 9.07 -7.10
CA HIS C 98 -34.16 10.33 -6.35
C HIS C 98 -35.31 11.27 -6.74
N THR C 99 -35.71 11.22 -8.00
CA THR C 99 -36.84 12.03 -8.46
C THR C 99 -38.13 11.50 -7.84
N ARG C 100 -38.32 10.19 -7.95
CA ARG C 100 -39.52 9.54 -7.44
C ARG C 100 -39.69 9.71 -5.93
N HIS C 101 -38.58 9.78 -5.21
CA HIS C 101 -38.64 9.89 -3.75
C HIS C 101 -38.41 11.30 -3.25
N GLY C 102 -38.27 12.24 -4.18
CA GLY C 102 -38.08 13.64 -3.83
C GLY C 102 -36.79 13.94 -3.12
N LEU C 103 -35.74 13.18 -3.45
CA LEU C 103 -34.42 13.35 -2.83
C LEU C 103 -33.51 14.28 -3.63
N PRO C 104 -33.12 15.43 -3.05
CA PRO C 104 -32.19 16.33 -3.70
C PRO C 104 -30.88 15.61 -4.07
N PHE C 105 -30.50 15.69 -5.34
CA PHE C 105 -29.43 14.86 -5.87
C PHE C 105 -28.57 15.62 -6.88
N ALA C 106 -27.26 15.50 -6.76
CA ALA C 106 -26.36 16.05 -7.77
C ALA C 106 -25.44 14.96 -8.29
N ALA C 107 -25.68 14.52 -9.52
CA ALA C 107 -24.84 13.50 -10.14
C ALA C 107 -23.60 14.13 -10.75
N LEU C 108 -22.44 13.62 -10.37
CA LEU C 108 -21.19 13.99 -11.01
C LEU C 108 -20.84 12.95 -12.07
N PRO C 109 -20.32 13.41 -13.23
CA PRO C 109 -19.97 12.47 -14.29
C PRO C 109 -18.75 11.60 -13.97
N THR C 110 -18.74 10.37 -14.47
CA THR C 110 -17.59 9.47 -14.33
C THR C 110 -17.56 8.42 -15.45
N ALA C 111 -16.35 8.07 -15.87
CA ALA C 111 -16.16 7.16 -16.99
C ALA C 111 -16.23 5.70 -16.59
N ALA C 112 -15.99 5.43 -15.31
CA ALA C 112 -15.99 4.05 -14.81
C ALA C 112 -17.39 3.44 -14.82
N GLY C 113 -18.40 4.29 -14.75
CA GLY C 113 -19.78 3.82 -14.70
C GLY C 113 -20.41 3.84 -13.32
N THR C 114 -21.73 3.62 -13.27
CA THR C 114 -22.46 3.62 -12.02
C THR C 114 -22.12 2.39 -11.18
N LYS C 115 -21.91 2.60 -9.89
CA LYS C 115 -21.62 1.52 -8.97
C LYS C 115 -22.75 0.51 -9.00
N ARG C 116 -22.43 -0.75 -8.82
CA ARG C 116 -23.42 -1.81 -8.96
C ARG C 116 -22.96 -3.10 -8.34
N ALA C 117 -23.93 -3.96 -8.05
CA ALA C 117 -23.65 -5.25 -7.43
C ALA C 117 -24.74 -6.24 -7.80
N VAL C 118 -24.40 -7.52 -7.77
CA VAL C 118 -25.38 -8.58 -7.91
C VAL C 118 -25.54 -9.27 -6.56
N ASN C 119 -26.77 -9.31 -6.06
CA ASN C 119 -27.03 -9.85 -4.73
C ASN C 119 -27.92 -11.10 -4.72
N LEU C 120 -27.39 -12.17 -4.14
CA LEU C 120 -28.15 -13.39 -3.99
C LEU C 120 -28.85 -13.38 -2.62
N VAL C 121 -30.17 -13.48 -2.65
CA VAL C 121 -30.97 -13.37 -1.42
C VAL C 121 -31.72 -14.67 -1.16
N GLY C 122 -31.48 -15.26 0.01
CA GLY C 122 -32.16 -16.48 0.41
C GLY C 122 -33.52 -16.18 1.04
N PRO C 123 -34.27 -17.24 1.37
CA PRO C 123 -35.61 -17.14 1.97
C PRO C 123 -35.60 -16.54 3.38
N ASP C 124 -34.45 -16.61 4.06
CA ASP C 124 -34.33 -16.10 5.42
C ASP C 124 -33.90 -14.63 5.45
N GLY C 125 -33.78 -14.03 4.26
CA GLY C 125 -33.42 -12.63 4.15
C GLY C 125 -31.94 -12.36 4.05
N ARG C 126 -31.12 -13.40 4.25
CA ARG C 126 -29.68 -13.24 4.15
C ARG C 126 -29.27 -12.83 2.74
N ARG C 127 -28.11 -12.21 2.63
CA ARG C 127 -27.69 -11.63 1.37
C ARG C 127 -26.22 -11.89 1.07
N LEU C 128 -25.97 -12.39 -0.14
CA LEU C 128 -24.62 -12.56 -0.64
C LEU C 128 -24.43 -11.53 -1.74
N SER C 129 -23.52 -10.58 -1.51
CA SER C 129 -23.32 -9.50 -2.48
C SER C 129 -22.09 -9.73 -3.35
N LEU C 130 -22.25 -9.48 -4.65
CA LEU C 130 -21.13 -9.51 -5.56
C LEU C 130 -20.85 -8.09 -6.02
N TRP C 131 -19.99 -7.40 -5.29
CA TRP C 131 -19.71 -6.00 -5.54
C TRP C 131 -18.75 -5.80 -6.71
N ASP C 132 -19.22 -5.04 -7.70
CA ASP C 132 -18.41 -4.69 -8.87
C ASP C 132 -17.34 -3.67 -8.47
N GLY C 133 -16.10 -4.13 -8.40
CA GLY C 133 -14.99 -3.28 -7.99
C GLY C 133 -14.27 -2.61 -9.15
N SER C 134 -14.91 -2.59 -10.31
CA SER C 134 -14.33 -1.96 -11.49
C SER C 134 -14.86 -0.55 -11.66
N ARG C 135 -15.91 -0.22 -10.91
CA ARG C 135 -16.56 1.08 -11.04
C ARG C 135 -15.83 2.14 -10.22
N GLU C 136 -14.56 2.37 -10.58
CA GLU C 136 -13.77 3.41 -9.97
C GLU C 136 -12.82 4.06 -10.97
N ALA C 137 -12.90 5.38 -11.06
CA ALA C 137 -11.90 6.15 -11.80
C ALA C 137 -11.07 6.95 -10.80
N GLU C 138 -9.76 6.72 -10.79
CA GLU C 138 -8.86 7.32 -9.82
C GLU C 138 -8.85 8.85 -9.86
N GLU C 139 -9.20 9.43 -11.01
CA GLU C 139 -9.07 10.87 -11.17
C GLU C 139 -10.28 11.64 -10.63
N ASP C 140 -11.37 10.92 -10.36
CA ASP C 140 -12.60 11.55 -9.87
C ASP C 140 -12.40 12.28 -8.55
N ARG C 141 -13.06 13.42 -8.40
CA ARG C 141 -13.03 14.21 -7.18
C ARG C 141 -14.36 14.91 -6.98
N TYR C 142 -14.87 14.90 -5.76
CA TYR C 142 -15.95 15.80 -5.41
C TYR C 142 -15.39 17.20 -5.48
N PRO C 143 -15.92 18.04 -6.38
CA PRO C 143 -15.41 19.41 -6.46
C PRO C 143 -15.56 20.13 -5.12
N ALA C 144 -14.46 20.72 -4.65
CA ALA C 144 -14.41 21.36 -3.33
C ALA C 144 -15.50 22.42 -3.17
N ALA C 145 -15.82 23.11 -4.24
CA ALA C 145 -16.83 24.17 -4.22
C ALA C 145 -18.21 23.59 -3.95
N LEU C 146 -18.44 22.38 -4.45
CA LEU C 146 -19.74 21.72 -4.28
C LEU C 146 -19.91 21.23 -2.86
N ILE C 147 -18.84 20.73 -2.26
CA ILE C 147 -18.85 20.35 -0.85
C ILE C 147 -19.13 21.56 0.02
N ALA C 148 -18.36 22.62 -0.19
CA ALA C 148 -18.49 23.86 0.58
C ALA C 148 -19.90 24.44 0.48
N ALA C 149 -20.43 24.47 -0.74
CA ALA C 149 -21.75 25.06 -0.97
C ALA C 149 -22.85 24.32 -0.23
N HIS C 150 -22.70 23.00 -0.13
CA HIS C 150 -23.73 22.17 0.50
C HIS C 150 -23.47 21.91 1.98
N THR C 151 -22.32 22.39 2.48
CA THR C 151 -22.01 22.29 3.90
C THR C 151 -22.14 23.64 4.58
N ALA C 152 -22.44 24.67 3.79
CA ALA C 152 -22.65 26.00 4.32
C ALA C 152 -23.92 26.02 5.16
N HIS C 153 -24.90 25.22 4.75
CA HIS C 153 -26.17 25.13 5.45
C HIS C 153 -26.23 23.87 6.33
N ALA C 154 -25.32 22.93 6.07
CA ALA C 154 -25.41 21.61 6.67
C ALA C 154 -24.94 21.58 8.12
N ARG C 155 -25.56 20.70 8.90
CA ARG C 155 -25.17 20.44 10.28
C ARG C 155 -24.30 19.19 10.36
N HIS C 156 -24.41 18.33 9.36
CA HIS C 156 -23.80 17.01 9.42
C HIS C 156 -23.46 16.48 8.03
N VAL C 157 -22.38 15.70 7.95
CA VAL C 157 -21.98 15.09 6.69
C VAL C 157 -21.81 13.59 6.84
N HIS C 158 -22.53 12.82 6.03
CA HIS C 158 -22.29 11.37 6.00
C HIS C 158 -21.50 10.99 4.75
N VAL C 159 -20.36 10.36 4.97
CA VAL C 159 -19.49 9.96 3.86
C VAL C 159 -19.47 8.45 3.67
N CYS C 160 -20.02 7.98 2.55
CA CYS C 160 -19.96 6.57 2.21
C CYS C 160 -18.54 6.20 1.82
N ILE C 161 -18.18 4.93 2.01
CA ILE C 161 -16.82 4.48 1.74
C ILE C 161 -16.58 4.14 0.27
N THR C 162 -17.11 4.95 -0.64
CA THR C 162 -16.88 4.73 -2.06
C THR C 162 -16.12 5.90 -2.66
N PRO C 163 -15.19 5.60 -3.57
CA PRO C 163 -14.38 6.63 -4.23
C PRO C 163 -15.26 7.67 -4.94
N PRO C 164 -14.83 8.94 -4.94
CA PRO C 164 -13.58 9.47 -4.38
C PRO C 164 -13.72 10.00 -2.96
N GLY C 165 -14.50 9.32 -2.12
CA GLY C 165 -14.73 9.78 -0.76
C GLY C 165 -13.48 9.85 0.11
N GLN C 166 -12.42 9.17 -0.30
CA GLN C 166 -11.22 9.09 0.53
C GLN C 166 -10.37 10.35 0.41
N HIS C 167 -10.80 11.27 -0.47
CA HIS C 167 -10.05 12.50 -0.72
C HIS C 167 -10.70 13.73 -0.10
N VAL C 168 -11.82 13.54 0.58
CA VAL C 168 -12.66 14.68 0.95
C VAL C 168 -12.43 15.11 2.40
N PHE C 169 -11.72 14.31 3.17
CA PHE C 169 -11.62 14.55 4.60
C PHE C 169 -10.65 15.65 4.95
N GLY C 170 -9.85 16.10 3.99
CA GLY C 170 -8.99 17.25 4.21
C GLY C 170 -9.87 18.48 4.39
N GLN C 171 -10.90 18.55 3.57
CA GLN C 171 -11.81 19.69 3.57
C GLN C 171 -12.77 19.65 4.77
N LEU C 172 -13.38 18.50 5.00
CA LEU C 172 -14.35 18.33 6.08
C LEU C 172 -13.76 18.63 7.46
N ASN C 173 -12.48 18.29 7.62
CA ASN C 173 -11.82 18.41 8.92
C ASN C 173 -11.74 19.84 9.42
N ASP C 174 -11.73 20.81 8.49
CA ASP C 174 -11.63 22.22 8.87
C ASP C 174 -12.99 22.91 8.92
N LEU C 175 -14.06 22.16 8.65
CA LEU C 175 -15.40 22.73 8.57
C LEU C 175 -16.22 22.49 9.82
N PRO C 176 -17.14 23.41 10.14
CA PRO C 176 -17.98 23.30 11.33
C PRO C 176 -19.13 22.31 11.15
N VAL C 177 -18.81 21.07 10.80
CA VAL C 177 -19.81 20.02 10.67
C VAL C 177 -19.36 18.78 11.40
N THR C 178 -20.31 17.97 11.85
CA THR C 178 -19.98 16.64 12.36
C THR C 178 -20.05 15.63 11.20
N VAL C 179 -19.21 14.61 11.27
CA VAL C 179 -19.12 13.65 10.17
C VAL C 179 -19.41 12.22 10.62
N SER C 180 -20.16 11.48 9.81
CA SER C 180 -20.37 10.06 10.05
C SER C 180 -19.93 9.24 8.84
N THR C 181 -19.76 7.94 9.05
CA THR C 181 -19.41 7.03 7.96
C THR C 181 -19.87 5.62 8.30
N ASP C 182 -19.87 4.74 7.30
CA ASP C 182 -20.24 3.36 7.49
C ASP C 182 -19.27 2.48 6.71
N LEU C 183 -18.48 1.70 7.45
CA LEU C 183 -17.39 0.94 6.86
C LEU C 183 -17.86 -0.44 6.41
N HIS C 184 -19.08 -0.81 6.79
CA HIS C 184 -19.67 -2.11 6.44
C HIS C 184 -18.80 -3.29 6.93
N ASN C 185 -18.58 -4.27 6.05
CA ASN C 185 -17.88 -5.49 6.44
C ASN C 185 -16.36 -5.35 6.37
N TRP C 186 -15.85 -4.33 7.06
CA TRP C 186 -14.42 -4.06 7.10
C TRP C 186 -13.62 -5.19 7.74
N ASP C 187 -12.42 -5.43 7.21
CA ASP C 187 -11.43 -6.34 7.79
C ASP C 187 -11.10 -6.00 9.22
N GLY C 188 -10.93 -4.71 9.47
CA GLY C 188 -10.34 -4.23 10.71
C GLY C 188 -8.86 -3.98 10.50
N ALA C 189 -8.39 -4.33 9.31
CA ALA C 189 -6.96 -4.25 8.99
C ALA C 189 -6.69 -3.56 7.66
N TYR C 190 -7.59 -3.75 6.70
CA TYR C 190 -7.47 -3.14 5.37
C TYR C 190 -7.28 -1.63 5.46
N GLU C 191 -6.15 -1.15 4.94
CA GLU C 191 -5.73 0.22 5.15
C GLU C 191 -6.55 1.26 4.35
N GLY C 192 -7.25 0.80 3.33
CA GLY C 192 -7.99 1.70 2.46
C GLY C 192 -9.10 2.45 3.16
N PHE C 193 -9.64 1.85 4.21
CA PHE C 193 -10.77 2.42 4.95
C PHE C 193 -10.34 3.25 6.16
N GLU C 194 -9.05 3.33 6.41
CA GLU C 194 -8.56 4.03 7.61
C GLU C 194 -8.82 5.54 7.57
N VAL C 195 -8.80 6.13 6.38
CA VAL C 195 -9.02 7.57 6.27
C VAL C 195 -10.47 7.92 6.62
N TYR C 196 -11.39 7.02 6.32
CA TYR C 196 -12.80 7.19 6.72
C TYR C 196 -12.94 7.02 8.23
N ALA C 197 -12.46 5.89 8.71
CA ALA C 197 -12.59 5.51 10.11
C ALA C 197 -12.01 6.53 11.07
N PHE C 198 -10.94 7.19 10.66
CA PHE C 198 -10.18 8.04 11.57
C PHE C 198 -10.51 9.52 11.42
N ASN C 199 -11.49 9.84 10.58
CA ASN C 199 -11.88 11.23 10.36
C ASN C 199 -13.39 11.47 10.49
N ALA C 200 -14.06 10.66 11.30
CA ALA C 200 -15.50 10.79 11.49
C ALA C 200 -15.86 10.87 12.97
N ASP C 201 -16.96 11.56 13.27
CA ASP C 201 -17.48 11.65 14.63
C ASP C 201 -18.20 10.36 15.00
N LEU C 202 -19.06 9.90 14.10
CA LEU C 202 -19.80 8.66 14.29
C LEU C 202 -19.32 7.62 13.29
N VAL C 203 -18.77 6.52 13.79
CA VAL C 203 -18.27 5.47 12.91
C VAL C 203 -19.12 4.20 13.00
N PHE C 204 -19.84 3.88 11.94
CA PHE C 204 -20.63 2.66 11.88
C PHE C 204 -19.93 1.60 11.05
N LEU C 205 -20.12 0.34 11.41
CA LEU C 205 -19.63 -0.78 10.60
C LEU C 205 -20.30 -2.08 11.02
N SER C 206 -20.11 -3.11 10.21
CA SER C 206 -20.59 -4.43 10.55
C SER C 206 -19.49 -5.22 11.26
N ALA C 207 -19.90 -6.12 12.15
CA ALA C 207 -18.95 -6.87 12.96
C ALA C 207 -18.59 -8.22 12.36
N THR C 208 -19.29 -8.59 11.29
CA THR C 208 -19.19 -9.95 10.77
C THR C 208 -17.83 -10.31 10.19
N ALA C 209 -17.06 -9.29 9.80
CA ALA C 209 -15.73 -9.54 9.21
C ALA C 209 -14.61 -9.15 10.17
N LEU C 210 -14.97 -8.85 11.42
CA LEU C 210 -13.97 -8.47 12.41
C LEU C 210 -13.53 -9.68 13.22
N THR C 211 -12.22 -9.79 13.44
CA THR C 211 -11.66 -10.84 14.29
C THR C 211 -11.87 -10.51 15.76
N ASP C 212 -11.51 -9.29 16.13
CA ASP C 212 -11.70 -8.79 17.49
C ASP C 212 -12.46 -7.48 17.40
N VAL C 213 -13.75 -7.52 17.72
CA VAL C 213 -14.62 -6.36 17.60
C VAL C 213 -14.17 -5.22 18.52
N ALA C 214 -13.97 -5.54 19.79
CA ALA C 214 -13.57 -4.56 20.79
C ALA C 214 -12.25 -3.88 20.42
N ALA C 215 -11.32 -4.67 19.89
CA ALA C 215 -10.01 -4.14 19.53
C ALA C 215 -10.13 -3.10 18.42
N THR C 216 -10.95 -3.40 17.42
CA THR C 216 -11.10 -2.51 16.27
C THR C 216 -11.79 -1.23 16.68
N MET C 217 -12.84 -1.37 17.49
CA MET C 217 -13.57 -0.22 18.00
C MET C 217 -12.66 0.66 18.84
N ARG C 218 -11.89 0.08 19.75
CA ARG C 218 -10.94 0.86 20.55
C ARG C 218 -9.92 1.53 19.66
N ARG C 219 -9.60 0.89 18.54
CA ARG C 219 -8.58 1.41 17.64
C ARG C 219 -9.12 2.59 16.84
N VAL C 220 -10.42 2.55 16.53
CA VAL C 220 -11.05 3.67 15.84
C VAL C 220 -11.05 4.88 16.76
N ILE C 221 -11.26 4.63 18.05
CA ILE C 221 -11.24 5.68 19.06
C ILE C 221 -9.84 6.24 19.28
N ASP C 222 -8.85 5.36 19.34
CA ASP C 222 -7.48 5.78 19.63
C ASP C 222 -6.78 6.43 18.43
N ARG C 223 -6.91 5.82 17.25
CA ARG C 223 -6.23 6.33 16.05
C ARG C 223 -7.02 7.45 15.37
N GLY C 224 -8.33 7.45 15.60
CA GLY C 224 -9.21 8.41 14.95
C GLY C 224 -9.66 9.53 15.85
N ARG C 225 -10.82 10.09 15.54
CA ARG C 225 -11.40 11.18 16.32
C ARG C 225 -12.87 10.93 16.65
N ALA C 226 -13.27 9.66 16.58
CA ALA C 226 -14.67 9.28 16.75
C ALA C 226 -15.16 9.43 18.19
N ARG C 227 -16.39 9.91 18.34
CA ARG C 227 -16.99 10.05 19.66
C ARG C 227 -17.71 8.76 20.06
N LEU C 228 -18.20 8.03 19.07
CA LEU C 228 -18.71 6.68 19.32
C LEU C 228 -18.59 5.80 18.09
N VAL C 229 -18.44 4.51 18.35
CA VAL C 229 -18.32 3.51 17.30
C VAL C 229 -19.40 2.46 17.48
N VAL C 230 -20.08 2.11 16.40
CA VAL C 230 -21.15 1.13 16.45
C VAL C 230 -20.85 -0.02 15.50
N ALA C 231 -20.65 -1.20 16.05
CA ALA C 231 -20.45 -2.41 15.25
C ALA C 231 -21.70 -3.28 15.34
N THR C 232 -22.50 -3.28 14.28
CA THR C 232 -23.78 -3.97 14.28
C THR C 232 -23.58 -5.47 14.08
N ASP C 233 -24.56 -6.25 14.51
CA ASP C 233 -24.50 -7.70 14.39
C ASP C 233 -25.89 -8.27 14.09
N GLY C 234 -26.48 -7.80 12.99
CA GLY C 234 -27.77 -8.30 12.53
C GLY C 234 -28.82 -8.52 13.59
N ALA C 235 -29.42 -9.70 13.58
CA ALA C 235 -30.47 -10.04 14.54
C ALA C 235 -29.94 -10.14 15.97
N HIS C 236 -28.62 -10.16 16.13
CA HIS C 236 -28.02 -10.20 17.47
C HIS C 236 -27.82 -8.80 18.05
N GLY C 237 -28.28 -7.78 17.33
CA GLY C 237 -28.12 -6.40 17.78
C GLY C 237 -26.80 -5.81 17.34
N GLY C 238 -25.98 -5.40 18.31
CA GLY C 238 -24.65 -4.89 18.01
C GLY C 238 -23.93 -4.34 19.23
N SER C 239 -22.75 -3.79 19.00
CA SER C 239 -21.93 -3.23 20.07
C SER C 239 -21.61 -1.75 19.84
N VAL C 240 -21.60 -0.97 20.92
CA VAL C 240 -21.23 0.45 20.84
C VAL C 240 -20.05 0.75 21.78
N LEU C 241 -19.23 1.72 21.40
CA LEU C 241 -18.11 2.14 22.26
C LEU C 241 -17.99 3.65 22.27
N VAL C 242 -18.24 4.25 23.43
CA VAL C 242 -18.19 5.69 23.59
C VAL C 242 -16.81 6.16 23.99
N ARG C 243 -16.34 7.24 23.39
CA ARG C 243 -15.06 7.84 23.75
C ARG C 243 -15.05 8.16 25.24
N GLY C 244 -14.02 7.68 25.92
CA GLY C 244 -13.89 7.91 27.35
C GLY C 244 -14.44 6.81 28.23
N GLU C 245 -15.02 5.78 27.60
CA GLU C 245 -15.51 4.64 28.34
C GLU C 245 -14.59 3.44 28.14
N THR C 246 -14.56 2.56 29.12
CA THR C 246 -13.69 1.37 29.06
C THR C 246 -14.41 0.21 28.39
N GLU C 247 -15.60 -0.10 28.88
CA GLU C 247 -16.37 -1.24 28.42
C GLU C 247 -17.14 -0.91 27.14
N VAL C 248 -17.15 -1.84 26.19
CA VAL C 248 -18.05 -1.68 25.06
C VAL C 248 -19.43 -2.09 25.55
N ARG C 249 -20.47 -1.44 25.02
CA ARG C 249 -21.83 -1.77 25.40
C ARG C 249 -22.50 -2.57 24.30
N ARG C 250 -23.52 -3.34 24.66
CA ARG C 250 -24.36 -4.02 23.69
C ARG C 250 -25.70 -3.31 23.57
N TYR C 251 -26.34 -3.42 22.41
CA TYR C 251 -27.74 -3.02 22.29
C TYR C 251 -28.51 -4.21 21.72
N ALA C 252 -29.79 -4.28 22.05
CA ALA C 252 -30.61 -5.40 21.65
C ALA C 252 -31.33 -5.13 20.34
N ALA C 253 -31.42 -6.16 19.50
CA ALA C 253 -32.19 -6.04 18.27
C ALA C 253 -33.68 -6.01 18.62
N VAL C 254 -34.42 -5.20 17.89
CA VAL C 254 -35.87 -5.14 18.01
C VAL C 254 -36.46 -6.13 17.00
N ALA C 255 -37.57 -6.76 17.35
CA ALA C 255 -38.20 -7.75 16.47
C ALA C 255 -39.01 -7.09 15.35
N PRO C 256 -38.85 -7.59 14.11
CA PRO C 256 -39.64 -7.12 12.98
C PRO C 256 -41.13 -7.40 13.17
N GLU C 257 -41.97 -6.63 12.49
CA GLU C 257 -43.42 -6.78 12.61
C GLU C 257 -44.01 -7.43 11.37
N ALA C 258 -43.13 -8.00 10.55
CA ALA C 258 -43.51 -8.63 9.30
C ALA C 258 -42.42 -9.65 8.95
N PRO C 259 -42.67 -10.52 7.96
CA PRO C 259 -41.62 -11.49 7.64
C PRO C 259 -40.33 -10.85 7.16
N VAL C 260 -39.19 -11.42 7.54
CA VAL C 260 -37.90 -10.91 7.08
C VAL C 260 -37.66 -11.34 5.65
N VAL C 261 -37.57 -10.36 4.75
CA VAL C 261 -37.49 -10.62 3.32
C VAL C 261 -36.08 -10.39 2.77
N ASP C 262 -35.56 -9.17 2.94
CA ASP C 262 -34.21 -8.85 2.50
C ASP C 262 -33.50 -8.03 3.56
N SER C 263 -32.43 -8.60 4.11
CA SER C 263 -31.67 -7.95 5.18
C SER C 263 -30.78 -6.85 4.63
N ASN C 264 -30.70 -6.76 3.31
CA ASN C 264 -29.96 -5.69 2.68
C ASN C 264 -30.64 -4.34 2.95
N GLY C 265 -29.89 -3.43 3.55
CA GLY C 265 -30.41 -2.10 3.83
C GLY C 265 -30.62 -1.83 5.31
N ALA C 266 -30.38 -2.83 6.15
CA ALA C 266 -30.64 -2.69 7.58
C ALA C 266 -29.63 -1.78 8.24
N GLY C 267 -28.36 -1.91 7.86
CA GLY C 267 -27.31 -1.06 8.38
C GLY C 267 -27.56 0.38 7.98
N ASP C 268 -28.03 0.57 6.76
CA ASP C 268 -28.30 1.89 6.24
C ASP C 268 -29.49 2.53 6.95
N ALA C 269 -30.47 1.70 7.27
CA ALA C 269 -31.63 2.17 8.03
C ALA C 269 -31.24 2.45 9.48
N PHE C 270 -30.29 1.68 10.00
CA PHE C 270 -29.80 1.88 11.36
C PHE C 270 -29.14 3.25 11.47
N VAL C 271 -28.33 3.59 10.47
CA VAL C 271 -27.69 4.90 10.40
C VAL C 271 -28.76 5.99 10.33
N SER C 272 -29.77 5.80 9.50
CA SER C 272 -30.90 6.72 9.38
C SER C 272 -31.59 6.99 10.71
N GLY C 273 -32.02 5.92 11.37
CA GLY C 273 -32.71 6.03 12.65
C GLY C 273 -31.82 6.62 13.72
N PHE C 274 -30.56 6.19 13.74
CA PHE C 274 -29.61 6.72 14.71
C PHE C 274 -29.42 8.22 14.54
N LEU C 275 -29.13 8.64 13.30
CA LEU C 275 -28.91 10.04 12.98
C LEU C 275 -30.12 10.90 13.29
N PHE C 276 -31.32 10.35 13.08
CA PHE C 276 -32.55 11.08 13.38
C PHE C 276 -32.58 11.44 14.86
N GLY C 277 -32.35 10.44 15.71
CA GLY C 277 -32.27 10.68 17.13
C GLY C 277 -31.10 11.58 17.47
N HIS C 278 -29.95 11.27 16.88
CA HIS C 278 -28.71 11.98 17.19
C HIS C 278 -28.82 13.47 16.94
N LEU C 279 -29.32 13.83 15.76
CA LEU C 279 -29.46 15.23 15.37
C LEU C 279 -30.58 15.92 16.13
N ALA C 280 -31.35 15.15 16.89
CA ALA C 280 -32.45 15.70 17.69
C ALA C 280 -32.06 15.86 19.17
N GLY C 281 -30.81 15.58 19.50
CA GLY C 281 -30.32 15.72 20.85
C GLY C 281 -30.66 14.57 21.77
N GLU C 282 -31.28 13.53 21.22
CA GLU C 282 -31.71 12.36 21.98
C GLU C 282 -30.52 11.57 22.55
N PRO C 283 -30.73 10.92 23.71
CA PRO C 283 -29.71 10.10 24.39
C PRO C 283 -29.23 8.94 23.52
N LEU C 284 -27.99 8.50 23.74
CA LEU C 284 -27.38 7.43 22.96
C LEU C 284 -28.24 6.18 22.88
N GLU C 285 -28.78 5.76 24.01
CA GLU C 285 -29.61 4.56 24.06
C GLU C 285 -30.84 4.71 23.16
N THR C 286 -31.40 5.91 23.14
CA THR C 286 -32.57 6.19 22.31
C THR C 286 -32.20 6.15 20.82
N CYS C 287 -31.06 6.75 20.48
CA CYS C 287 -30.58 6.77 19.10
C CYS C 287 -30.37 5.35 18.57
N LEU C 288 -29.76 4.51 19.41
CA LEU C 288 -29.56 3.11 19.08
C LEU C 288 -30.89 2.38 18.93
N ARG C 289 -31.86 2.75 19.76
CA ARG C 289 -33.18 2.12 19.71
C ARG C 289 -33.87 2.48 18.42
N TYR C 290 -33.87 3.77 18.09
CA TYR C 290 -34.38 4.25 16.81
C TYR C 290 -33.72 3.49 15.67
N GLY C 291 -32.41 3.28 15.80
CA GLY C 291 -31.65 2.58 14.79
C GLY C 291 -32.05 1.13 14.63
N ALA C 292 -32.33 0.47 15.76
CA ALA C 292 -32.69 -0.95 15.73
C ALA C 292 -34.09 -1.14 15.17
N ILE C 293 -34.97 -0.17 15.43
CA ILE C 293 -36.33 -0.19 14.90
C ILE C 293 -36.34 0.00 13.39
N ALA C 294 -35.55 0.95 12.91
CA ALA C 294 -35.46 1.25 11.50
C ALA C 294 -34.82 0.08 10.74
N GLY C 295 -33.81 -0.51 11.36
CA GLY C 295 -33.13 -1.65 10.78
C GLY C 295 -34.04 -2.86 10.69
N ALA C 296 -34.98 -2.97 11.63
CA ALA C 296 -35.92 -4.08 11.61
C ALA C 296 -36.96 -3.89 10.52
N TYR C 297 -37.39 -2.65 10.32
CA TYR C 297 -38.38 -2.31 9.30
C TYR C 297 -37.84 -2.57 7.90
N ALA C 298 -36.58 -2.22 7.68
CA ALA C 298 -35.93 -2.41 6.40
C ALA C 298 -35.96 -3.86 5.95
N CYS C 299 -35.72 -4.78 6.89
CA CYS C 299 -35.70 -6.21 6.60
C CYS C 299 -37.03 -6.69 6.01
N THR C 300 -38.12 -6.06 6.44
CA THR C 300 -39.45 -6.49 6.02
C THR C 300 -39.82 -5.96 4.64
N ILE C 301 -39.03 -5.03 4.12
CA ILE C 301 -39.24 -4.51 2.76
C ILE C 301 -38.57 -5.42 1.74
N PRO C 302 -39.35 -5.89 0.74
CA PRO C 302 -38.82 -6.68 -0.37
C PRO C 302 -37.66 -5.97 -1.07
N ALA C 303 -36.71 -6.75 -1.58
CA ALA C 303 -35.55 -6.19 -2.28
C ALA C 303 -35.96 -5.55 -3.60
N THR C 304 -37.16 -5.88 -4.09
CA THR C 304 -37.66 -5.34 -5.35
C THR C 304 -38.09 -3.89 -5.21
N ARG C 305 -38.53 -3.52 -4.01
CA ARG C 305 -39.05 -2.18 -3.77
C ARG C 305 -38.16 -1.35 -2.85
N ALA C 306 -38.45 -0.06 -2.81
CA ALA C 306 -37.78 0.86 -1.90
C ALA C 306 -38.66 1.12 -0.69
N GLY C 307 -38.04 1.25 0.47
CA GLY C 307 -38.77 1.48 1.69
C GLY C 307 -37.93 2.04 2.82
N ALA C 308 -38.53 2.90 3.62
CA ALA C 308 -37.88 3.44 4.80
C ALA C 308 -38.94 3.80 5.82
N ILE C 309 -38.66 3.51 7.09
CA ILE C 309 -39.62 3.77 8.14
C ILE C 309 -39.89 5.26 8.28
N ASP C 310 -41.14 5.62 8.54
CA ASP C 310 -41.51 7.03 8.72
C ASP C 310 -41.41 7.41 10.19
N ARG C 311 -41.57 8.70 10.47
CA ARG C 311 -41.36 9.22 11.82
C ARG C 311 -42.37 8.65 12.81
N ALA C 312 -43.61 8.49 12.39
CA ALA C 312 -44.68 8.02 13.26
C ALA C 312 -44.40 6.65 13.86
N ALA C 313 -43.96 5.72 13.02
CA ALA C 313 -43.67 4.37 13.45
C ALA C 313 -42.47 4.33 14.38
N LEU C 314 -41.54 5.25 14.17
CA LEU C 314 -40.32 5.31 14.96
C LEU C 314 -40.59 5.90 16.35
N LEU C 315 -41.65 6.69 16.47
CA LEU C 315 -41.96 7.36 17.73
C LEU C 315 -43.11 6.71 18.50
N ARG C 316 -43.50 5.50 18.09
CA ARG C 316 -44.54 4.76 18.80
C ARG C 316 -43.98 4.06 20.04
N HIS D 24 -39.88 -11.78 -47.83
CA HIS D 24 -39.03 -12.82 -48.42
C HIS D 24 -38.02 -13.38 -47.42
N THR D 25 -38.36 -13.34 -46.14
CA THR D 25 -37.52 -13.90 -45.10
C THR D 25 -37.43 -15.42 -45.25
N ASP D 26 -36.26 -15.98 -44.93
CA ASP D 26 -35.97 -17.38 -45.20
C ASP D 26 -36.15 -18.28 -43.98
N VAL D 27 -35.68 -17.82 -42.82
CA VAL D 27 -35.83 -18.55 -41.58
C VAL D 27 -36.52 -17.69 -40.51
N LEU D 28 -37.59 -18.22 -39.95
CA LEU D 28 -38.30 -17.52 -38.87
C LEU D 28 -37.90 -18.07 -37.51
N VAL D 29 -37.33 -17.22 -36.66
CA VAL D 29 -36.94 -17.62 -35.32
C VAL D 29 -37.94 -17.08 -34.31
N LEU D 30 -38.46 -17.96 -33.45
CA LEU D 30 -39.47 -17.60 -32.48
C LEU D 30 -38.98 -17.73 -31.04
N GLY D 31 -38.98 -16.63 -30.31
CA GLY D 31 -38.63 -16.65 -28.90
C GLY D 31 -37.16 -16.42 -28.59
N GLY D 32 -36.78 -16.71 -27.35
CA GLY D 32 -35.39 -16.70 -26.95
C GLY D 32 -34.70 -15.34 -26.87
N ALA D 33 -35.46 -14.25 -26.93
CA ALA D 33 -34.88 -12.92 -26.80
C ALA D 33 -34.83 -12.51 -25.34
N GLY D 34 -33.64 -12.16 -24.87
CA GLY D 34 -33.46 -11.82 -23.46
C GLY D 34 -32.12 -11.17 -23.13
N VAL D 35 -31.90 -10.99 -21.83
CA VAL D 35 -30.69 -10.32 -21.36
C VAL D 35 -29.99 -11.14 -20.29
N ASP D 36 -28.69 -11.37 -20.47
CA ASP D 36 -27.89 -12.06 -19.48
C ASP D 36 -27.03 -11.06 -18.71
N THR D 37 -26.97 -11.24 -17.39
CA THR D 37 -26.09 -10.43 -16.57
C THR D 37 -25.07 -11.33 -15.88
N ILE D 38 -23.86 -11.35 -16.43
CA ILE D 38 -22.78 -12.19 -15.94
C ILE D 38 -22.08 -11.59 -14.72
N ALA D 39 -21.83 -12.41 -13.70
CA ALA D 39 -20.95 -12.03 -12.61
C ALA D 39 -19.91 -13.12 -12.40
N TYR D 40 -18.63 -12.77 -12.56
CA TYR D 40 -17.58 -13.74 -12.36
C TYR D 40 -17.32 -13.92 -10.87
N VAL D 41 -17.41 -15.17 -10.42
CA VAL D 41 -17.24 -15.47 -9.00
C VAL D 41 -15.99 -16.31 -8.77
N PRO D 42 -15.35 -16.15 -7.60
CA PRO D 42 -14.15 -16.88 -7.21
C PRO D 42 -14.23 -18.39 -7.40
N GLU D 43 -15.39 -18.98 -7.11
CA GLU D 43 -15.56 -20.42 -7.18
C GLU D 43 -17.01 -20.83 -7.18
N LEU D 44 -17.29 -22.01 -7.74
CA LEU D 44 -18.63 -22.59 -7.72
C LEU D 44 -18.59 -23.99 -7.14
N PRO D 45 -19.42 -24.26 -6.11
CA PRO D 45 -20.37 -23.32 -5.52
C PRO D 45 -19.71 -22.25 -4.65
N LEU D 46 -20.33 -21.08 -4.56
CA LEU D 46 -19.76 -19.95 -3.85
C LEU D 46 -20.18 -19.95 -2.39
N PRO D 47 -19.23 -20.15 -1.47
CA PRO D 47 -19.55 -20.15 -0.04
C PRO D 47 -20.08 -18.79 0.43
N PHE D 48 -20.89 -18.80 1.47
CA PHE D 48 -21.57 -17.58 1.89
C PHE D 48 -20.66 -16.58 2.60
N GLN D 49 -20.67 -15.36 2.08
CA GLN D 49 -20.05 -14.21 2.72
C GLN D 49 -20.99 -13.04 2.55
N ASP D 50 -20.80 -12.00 3.35
CA ASP D 50 -21.60 -10.80 3.21
C ASP D 50 -21.40 -10.20 1.82
N SER D 51 -20.15 -10.15 1.36
CA SER D 51 -19.87 -9.68 0.00
C SER D 51 -18.57 -10.22 -0.60
N TYR D 52 -18.52 -10.23 -1.93
CA TYR D 52 -17.30 -10.50 -2.69
C TYR D 52 -17.05 -9.31 -3.60
N VAL D 53 -15.79 -9.03 -3.89
CA VAL D 53 -15.45 -8.02 -4.89
C VAL D 53 -15.12 -8.72 -6.21
N VAL D 54 -15.99 -8.53 -7.21
CA VAL D 54 -15.83 -9.25 -8.47
C VAL D 54 -15.51 -8.29 -9.61
N ALA D 55 -15.32 -8.85 -10.81
CA ALA D 55 -14.99 -8.05 -11.98
C ALA D 55 -16.22 -7.30 -12.50
N ALA D 56 -16.08 -6.67 -13.66
CA ALA D 56 -17.12 -5.82 -14.24
C ALA D 56 -18.44 -6.57 -14.44
N ILE D 57 -19.52 -5.98 -13.94
CA ILE D 57 -20.85 -6.53 -14.14
C ILE D 57 -21.59 -5.69 -15.17
N GLU D 58 -21.97 -6.31 -16.28
CA GLU D 58 -22.47 -5.59 -17.45
C GLU D 58 -23.57 -6.36 -18.18
N PRO D 59 -24.83 -5.96 -17.95
CA PRO D 59 -26.00 -6.55 -18.62
C PRO D 59 -25.83 -6.55 -20.13
N ARG D 60 -26.00 -7.71 -20.75
CA ARG D 60 -25.88 -7.81 -22.20
C ARG D 60 -27.03 -8.63 -22.79
N ALA D 61 -27.58 -8.15 -23.90
CA ALA D 61 -28.54 -8.93 -24.66
C ALA D 61 -27.83 -10.08 -25.35
N GLY D 62 -28.56 -11.14 -25.68
CA GLY D 62 -27.96 -12.28 -26.33
C GLY D 62 -28.30 -13.60 -25.67
N GLN D 63 -29.57 -13.98 -25.72
CA GLN D 63 -29.97 -15.31 -25.24
C GLN D 63 -30.16 -16.22 -26.45
N THR D 64 -30.76 -17.39 -26.23
CA THR D 64 -30.75 -18.45 -27.23
C THR D 64 -31.35 -18.05 -28.57
N GLY D 65 -32.38 -17.20 -28.55
CA GLY D 65 -33.03 -16.75 -29.76
C GLY D 65 -32.22 -15.70 -30.49
N ASP D 66 -31.63 -14.79 -29.73
CA ASP D 66 -30.79 -13.75 -30.30
C ASP D 66 -29.57 -14.37 -30.97
N ASN D 67 -29.05 -15.45 -30.38
CA ASN D 67 -27.82 -16.07 -30.89
C ASN D 67 -28.06 -16.87 -32.16
N VAL D 68 -29.17 -17.59 -32.23
CA VAL D 68 -29.52 -18.31 -33.44
C VAL D 68 -29.79 -17.33 -34.58
N ALA D 69 -30.57 -16.30 -34.31
CA ALA D 69 -30.86 -15.29 -35.32
C ALA D 69 -29.58 -14.61 -35.80
N LEU D 70 -28.71 -14.27 -34.86
CA LEU D 70 -27.41 -13.67 -35.19
C LEU D 70 -26.56 -14.64 -36.00
N GLY D 71 -26.51 -15.89 -35.55
CA GLY D 71 -25.72 -16.91 -36.20
C GLY D 71 -26.14 -17.14 -37.63
N LEU D 72 -27.43 -17.41 -37.83
CA LEU D 72 -27.98 -17.64 -39.15
C LEU D 72 -27.74 -16.44 -40.06
N HIS D 73 -27.97 -15.25 -39.52
CA HIS D 73 -27.80 -14.02 -40.30
C HIS D 73 -26.37 -13.82 -40.75
N THR D 74 -25.42 -14.14 -39.88
CA THR D 74 -24.00 -13.97 -40.17
C THR D 74 -23.57 -14.93 -41.28
N LEU D 75 -24.20 -16.09 -41.34
CA LEU D 75 -23.94 -17.07 -42.39
C LEU D 75 -24.64 -16.72 -43.70
N GLY D 76 -25.31 -15.57 -43.73
CA GLY D 76 -25.89 -15.07 -44.97
C GLY D 76 -27.31 -15.50 -45.26
N LEU D 77 -28.00 -16.04 -44.26
CA LEU D 77 -29.40 -16.40 -44.43
C LEU D 77 -30.30 -15.22 -44.07
N ARG D 78 -31.39 -15.07 -44.80
CA ARG D 78 -32.37 -14.04 -44.50
C ARG D 78 -33.25 -14.47 -43.33
N THR D 79 -33.00 -13.87 -42.16
CA THR D 79 -33.69 -14.28 -40.94
C THR D 79 -34.76 -13.29 -40.53
N MET D 80 -35.68 -13.75 -39.68
CA MET D 80 -36.62 -12.89 -39.00
C MET D 80 -36.83 -13.41 -37.58
N HIS D 81 -36.65 -12.54 -36.60
CA HIS D 81 -36.75 -12.90 -35.19
C HIS D 81 -37.97 -12.25 -34.55
N VAL D 82 -38.82 -13.07 -33.93
CA VAL D 82 -40.04 -12.57 -33.31
C VAL D 82 -40.13 -13.04 -31.86
N ASP D 83 -40.42 -12.12 -30.95
CA ASP D 83 -40.56 -12.50 -29.54
C ASP D 83 -41.41 -11.51 -28.76
N VAL D 84 -41.96 -11.97 -27.64
CA VAL D 84 -42.60 -11.06 -26.72
C VAL D 84 -41.49 -10.30 -26.01
N LEU D 85 -41.68 -8.99 -25.88
CA LEU D 85 -40.66 -8.14 -25.28
C LEU D 85 -41.33 -7.12 -24.38
N GLY D 86 -40.72 -6.84 -23.24
CA GLY D 86 -41.28 -5.87 -22.31
C GLY D 86 -40.80 -4.47 -22.60
N ASP D 87 -41.57 -3.49 -22.15
CA ASP D 87 -41.15 -2.09 -22.15
C ASP D 87 -40.08 -1.92 -21.05
N ASP D 88 -38.98 -2.64 -21.20
CA ASP D 88 -37.95 -2.80 -20.18
C ASP D 88 -36.67 -2.10 -20.57
N PRO D 89 -35.78 -1.86 -19.58
CA PRO D 89 -34.39 -1.53 -19.92
C PRO D 89 -33.71 -2.73 -20.57
N GLU D 90 -34.18 -3.93 -20.25
CA GLU D 90 -33.66 -5.16 -20.84
C GLU D 90 -34.08 -5.26 -22.30
N GLY D 91 -35.33 -4.92 -22.58
CA GLY D 91 -35.82 -4.86 -23.94
C GLY D 91 -35.10 -3.83 -24.79
N ASP D 92 -34.66 -2.74 -24.16
CA ASP D 92 -33.88 -1.74 -24.86
C ASP D 92 -32.58 -2.35 -25.39
N LEU D 93 -31.97 -3.20 -24.56
CA LEU D 93 -30.75 -3.90 -24.93
C LEU D 93 -31.01 -4.92 -26.04
N VAL D 94 -32.17 -5.57 -26.01
CA VAL D 94 -32.52 -6.54 -27.02
C VAL D 94 -32.79 -5.85 -28.36
N ARG D 95 -33.46 -4.70 -28.29
CA ARG D 95 -33.76 -3.93 -29.50
C ARG D 95 -32.47 -3.37 -30.12
N ALA D 96 -31.57 -2.88 -29.27
CA ALA D 96 -30.30 -2.34 -29.75
C ALA D 96 -29.43 -3.45 -30.33
N PHE D 97 -29.49 -4.63 -29.71
CA PHE D 97 -28.75 -5.79 -30.18
C PHE D 97 -29.09 -6.11 -31.64
N HIS D 98 -30.37 -6.10 -31.96
CA HIS D 98 -30.81 -6.41 -33.30
C HIS D 98 -30.44 -5.30 -34.29
N THR D 99 -30.58 -4.06 -33.87
CA THR D 99 -30.18 -2.95 -34.73
C THR D 99 -28.67 -3.02 -35.01
N ARG D 100 -27.88 -3.23 -33.96
CA ARG D 100 -26.43 -3.30 -34.07
C ARG D 100 -25.99 -4.39 -35.06
N HIS D 101 -26.69 -5.51 -35.07
CA HIS D 101 -26.28 -6.62 -35.92
C HIS D 101 -27.14 -6.75 -37.17
N GLY D 102 -28.05 -5.80 -37.35
CA GLY D 102 -28.91 -5.78 -38.53
C GLY D 102 -29.84 -6.96 -38.66
N LEU D 103 -30.35 -7.44 -37.52
CA LEU D 103 -31.28 -8.57 -37.51
C LEU D 103 -32.72 -8.07 -37.56
N PRO D 104 -33.48 -8.43 -38.60
CA PRO D 104 -34.91 -8.12 -38.65
C PRO D 104 -35.62 -8.63 -37.41
N PHE D 105 -36.39 -7.75 -36.77
CA PHE D 105 -36.93 -8.03 -35.45
C PHE D 105 -38.35 -7.50 -35.29
N ALA D 106 -39.17 -8.23 -34.55
CA ALA D 106 -40.52 -7.78 -34.22
C ALA D 106 -40.82 -8.06 -32.77
N ALA D 107 -40.89 -7.00 -31.98
CA ALA D 107 -41.20 -7.11 -30.56
C ALA D 107 -42.72 -7.09 -30.33
N LEU D 108 -43.22 -8.10 -29.66
CA LEU D 108 -44.63 -8.11 -29.24
C LEU D 108 -44.75 -7.61 -27.80
N PRO D 109 -45.73 -6.75 -27.54
CA PRO D 109 -45.92 -6.18 -26.21
C PRO D 109 -46.31 -7.25 -25.18
N THR D 110 -45.73 -7.17 -23.98
CA THR D 110 -46.11 -8.08 -22.91
C THR D 110 -45.87 -7.45 -21.54
N ALA D 111 -46.78 -7.71 -20.62
CA ALA D 111 -46.71 -7.12 -19.28
C ALA D 111 -45.72 -7.88 -18.39
N ALA D 112 -45.38 -9.09 -18.79
CA ALA D 112 -44.49 -9.93 -17.99
C ALA D 112 -43.07 -9.37 -17.94
N GLY D 113 -42.67 -8.67 -18.99
CA GLY D 113 -41.32 -8.13 -19.08
C GLY D 113 -40.41 -8.99 -19.94
N THR D 114 -39.23 -8.45 -20.26
CA THR D 114 -38.23 -9.17 -21.05
C THR D 114 -37.61 -10.32 -20.23
N LYS D 115 -37.26 -11.42 -20.89
CA LYS D 115 -36.64 -12.56 -20.22
C LYS D 115 -35.22 -12.24 -19.75
N ARG D 116 -34.88 -12.69 -18.53
CA ARG D 116 -33.57 -12.45 -17.93
C ARG D 116 -32.99 -13.66 -17.24
N ALA D 117 -31.68 -13.62 -17.05
CA ALA D 117 -31.01 -14.56 -16.18
C ALA D 117 -29.83 -13.85 -15.54
N VAL D 118 -29.45 -14.32 -14.36
CA VAL D 118 -28.19 -13.93 -13.75
C VAL D 118 -27.27 -15.13 -13.81
N ASN D 119 -26.13 -14.98 -14.50
CA ASN D 119 -25.19 -16.08 -14.66
C ASN D 119 -23.96 -15.92 -13.78
N LEU D 120 -23.74 -16.89 -12.91
CA LEU D 120 -22.52 -16.93 -12.09
C LEU D 120 -21.47 -17.79 -12.79
N VAL D 121 -20.35 -17.18 -13.14
CA VAL D 121 -19.30 -17.86 -13.89
C VAL D 121 -18.01 -17.98 -13.09
N GLY D 122 -17.53 -19.20 -12.90
CA GLY D 122 -16.29 -19.45 -12.19
C GLY D 122 -15.07 -19.26 -13.08
N PRO D 123 -13.87 -19.34 -12.50
CA PRO D 123 -12.60 -19.16 -13.23
C PRO D 123 -12.34 -20.26 -14.26
N ASP D 124 -12.96 -21.42 -14.05
CA ASP D 124 -12.77 -22.55 -14.95
C ASP D 124 -13.72 -22.48 -16.14
N GLY D 125 -14.67 -21.57 -16.07
CA GLY D 125 -15.61 -21.38 -17.17
C GLY D 125 -17.00 -21.92 -16.87
N ARG D 126 -17.14 -22.66 -15.78
CA ARG D 126 -18.42 -23.25 -15.40
C ARG D 126 -19.50 -22.20 -15.12
N ARG D 127 -20.72 -22.53 -15.50
CA ARG D 127 -21.82 -21.56 -15.44
C ARG D 127 -22.98 -22.04 -14.57
N LEU D 128 -23.38 -21.20 -13.62
CA LEU D 128 -24.58 -21.45 -12.82
C LEU D 128 -25.61 -20.37 -13.16
N SER D 129 -26.58 -20.73 -13.99
CA SER D 129 -27.54 -19.77 -14.54
C SER D 129 -28.80 -19.64 -13.68
N LEU D 130 -29.25 -18.41 -13.47
CA LEU D 130 -30.44 -18.17 -12.66
C LEU D 130 -31.57 -17.63 -13.53
N TRP D 131 -32.40 -18.54 -14.04
CA TRP D 131 -33.46 -18.18 -14.98
C TRP D 131 -34.66 -17.54 -14.31
N ASP D 132 -34.94 -16.30 -14.70
CA ASP D 132 -36.12 -15.60 -14.22
C ASP D 132 -37.37 -16.24 -14.79
N GLY D 133 -38.09 -17.00 -13.97
CA GLY D 133 -39.27 -17.71 -14.41
C GLY D 133 -40.53 -16.87 -14.41
N SER D 134 -40.43 -15.62 -13.98
CA SER D 134 -41.57 -14.74 -13.86
C SER D 134 -41.89 -14.03 -15.17
N ARG D 135 -40.97 -14.11 -16.12
CA ARG D 135 -41.12 -13.40 -17.39
C ARG D 135 -41.99 -14.18 -18.37
N GLU D 136 -43.20 -14.51 -17.92
CA GLU D 136 -44.17 -15.25 -18.72
C GLU D 136 -45.60 -14.84 -18.39
N ALA D 137 -46.38 -14.52 -19.41
CA ALA D 137 -47.81 -14.29 -19.25
C ALA D 137 -48.57 -15.33 -20.05
N GLU D 138 -49.44 -16.09 -19.38
CA GLU D 138 -50.15 -17.20 -20.01
C GLU D 138 -50.97 -16.77 -21.22
N GLU D 139 -51.52 -15.57 -21.16
CA GLU D 139 -52.43 -15.11 -22.20
C GLU D 139 -51.69 -14.63 -23.46
N ASP D 140 -50.38 -14.48 -23.35
CA ASP D 140 -49.57 -14.06 -24.50
C ASP D 140 -49.62 -15.09 -25.62
N ARG D 141 -49.69 -14.62 -26.85
CA ARG D 141 -49.71 -15.49 -28.03
C ARG D 141 -48.93 -14.86 -29.17
N TYR D 142 -48.18 -15.66 -29.91
CA TYR D 142 -47.73 -15.24 -31.22
C TYR D 142 -48.97 -15.17 -32.09
N PRO D 143 -49.33 -13.95 -32.55
CA PRO D 143 -50.53 -13.81 -33.37
C PRO D 143 -50.41 -14.64 -34.64
N ALA D 144 -51.45 -15.44 -34.93
CA ALA D 144 -51.45 -16.34 -36.06
C ALA D 144 -51.14 -15.62 -37.38
N ALA D 145 -51.71 -14.43 -37.53
CA ALA D 145 -51.53 -13.66 -38.76
C ALA D 145 -50.08 -13.23 -38.95
N LEU D 146 -49.40 -12.95 -37.85
CA LEU D 146 -47.99 -12.59 -37.90
C LEU D 146 -47.15 -13.80 -38.31
N ILE D 147 -47.48 -14.96 -37.73
CA ILE D 147 -46.83 -16.21 -38.09
C ILE D 147 -47.00 -16.48 -39.59
N ALA D 148 -48.24 -16.35 -40.06
CA ALA D 148 -48.57 -16.57 -41.47
C ALA D 148 -47.75 -15.68 -42.40
N ALA D 149 -47.65 -14.40 -42.03
CA ALA D 149 -46.96 -13.42 -42.86
C ALA D 149 -45.48 -13.74 -43.02
N HIS D 150 -44.85 -14.20 -41.95
CA HIS D 150 -43.42 -14.47 -41.96
C HIS D 150 -43.08 -15.91 -42.34
N THR D 151 -44.09 -16.73 -42.62
CA THR D 151 -43.86 -18.08 -43.12
C THR D 151 -44.35 -18.23 -44.55
N ALA D 152 -44.83 -17.12 -45.13
CA ALA D 152 -45.35 -17.12 -46.48
C ALA D 152 -44.28 -17.52 -47.49
N HIS D 153 -43.04 -17.11 -47.22
CA HIS D 153 -41.92 -17.42 -48.11
C HIS D 153 -40.81 -18.16 -47.37
N ALA D 154 -41.02 -18.42 -46.09
CA ALA D 154 -40.01 -19.08 -45.27
C ALA D 154 -39.85 -20.54 -45.63
N ARG D 155 -38.64 -21.06 -45.43
CA ARG D 155 -38.37 -22.47 -45.67
C ARG D 155 -38.29 -23.23 -44.36
N HIS D 156 -38.00 -22.51 -43.27
CA HIS D 156 -37.75 -23.14 -41.98
C HIS D 156 -38.10 -22.24 -40.80
N VAL D 157 -38.68 -22.83 -39.77
CA VAL D 157 -39.00 -22.11 -38.54
C VAL D 157 -38.31 -22.74 -37.35
N HIS D 158 -37.51 -21.95 -36.63
CA HIS D 158 -36.90 -22.43 -35.40
C HIS D 158 -37.61 -21.83 -34.19
N VAL D 159 -38.10 -22.72 -33.33
CA VAL D 159 -38.89 -22.32 -32.18
C VAL D 159 -38.14 -22.52 -30.87
N CYS D 160 -37.72 -21.41 -30.25
CA CYS D 160 -37.10 -21.46 -28.95
C CYS D 160 -38.12 -21.90 -27.92
N ILE D 161 -37.67 -22.62 -26.90
CA ILE D 161 -38.57 -23.21 -25.91
C ILE D 161 -39.05 -22.21 -24.85
N THR D 162 -39.32 -20.99 -25.28
CA THR D 162 -39.88 -19.99 -24.38
C THR D 162 -41.31 -19.65 -24.79
N PRO D 163 -42.19 -19.40 -23.81
CA PRO D 163 -43.58 -18.99 -24.03
C PRO D 163 -43.70 -17.70 -24.84
N PRO D 164 -44.71 -17.59 -25.72
CA PRO D 164 -45.78 -18.56 -25.97
C PRO D 164 -45.47 -19.53 -27.11
N GLY D 165 -44.24 -20.02 -27.18
CA GLY D 165 -43.85 -20.96 -28.22
C GLY D 165 -44.70 -22.21 -28.24
N GLN D 166 -45.20 -22.62 -27.07
CA GLN D 166 -45.93 -23.88 -26.96
C GLN D 166 -47.30 -23.87 -27.66
N HIS D 167 -47.74 -22.71 -28.13
CA HIS D 167 -49.08 -22.58 -28.71
C HIS D 167 -49.05 -22.44 -30.24
N VAL D 168 -47.88 -22.62 -30.84
CA VAL D 168 -47.71 -22.24 -32.24
C VAL D 168 -47.67 -23.43 -33.19
N PHE D 169 -47.58 -24.65 -32.64
CA PHE D 169 -47.34 -25.83 -33.47
C PHE D 169 -48.58 -26.31 -34.24
N GLY D 170 -49.77 -25.96 -33.77
CA GLY D 170 -50.98 -26.26 -34.50
C GLY D 170 -50.97 -25.59 -35.86
N GLN D 171 -50.39 -24.39 -35.90
CA GLN D 171 -50.25 -23.65 -37.14
C GLN D 171 -49.07 -24.14 -37.97
N LEU D 172 -47.93 -24.35 -37.31
CA LEU D 172 -46.70 -24.72 -38.00
C LEU D 172 -46.76 -26.09 -38.65
N ASN D 173 -47.42 -27.04 -38.00
CA ASN D 173 -47.51 -28.41 -38.49
C ASN D 173 -48.17 -28.51 -39.87
N ASP D 174 -49.05 -27.55 -40.17
CA ASP D 174 -49.74 -27.55 -41.45
C ASP D 174 -49.04 -26.72 -42.51
N LEU D 175 -48.01 -25.98 -42.10
CA LEU D 175 -47.28 -25.14 -43.05
C LEU D 175 -46.18 -25.90 -43.78
N PRO D 176 -45.91 -25.51 -45.04
CA PRO D 176 -44.84 -26.09 -45.86
C PRO D 176 -43.44 -25.66 -45.42
N VAL D 177 -43.12 -25.86 -44.14
CA VAL D 177 -41.82 -25.50 -43.60
C VAL D 177 -41.29 -26.59 -42.69
N THR D 178 -39.96 -26.71 -42.63
CA THR D 178 -39.34 -27.59 -41.66
C THR D 178 -39.24 -26.84 -40.35
N VAL D 179 -39.44 -27.54 -39.24
CA VAL D 179 -39.45 -26.91 -37.94
C VAL D 179 -38.38 -27.50 -37.03
N SER D 180 -37.63 -26.64 -36.35
CA SER D 180 -36.61 -27.10 -35.42
C SER D 180 -36.79 -26.46 -34.06
N THR D 181 -36.24 -27.10 -33.04
CA THR D 181 -36.26 -26.56 -31.70
C THR D 181 -35.03 -27.02 -30.93
N ASP D 182 -34.76 -26.35 -29.82
CA ASP D 182 -33.61 -26.65 -28.99
C ASP D 182 -34.07 -26.74 -27.54
N LEU D 183 -33.96 -27.93 -26.97
CA LEU D 183 -34.49 -28.17 -25.64
C LEU D 183 -33.45 -27.88 -24.55
N HIS D 184 -32.23 -27.62 -24.97
CA HIS D 184 -31.11 -27.37 -24.06
C HIS D 184 -30.97 -28.51 -23.05
N ASN D 185 -30.74 -28.16 -21.79
CA ASN D 185 -30.49 -29.16 -20.74
C ASN D 185 -31.78 -29.82 -20.24
N TRP D 186 -32.54 -30.39 -21.17
CA TRP D 186 -33.82 -31.01 -20.84
C TRP D 186 -33.69 -32.23 -19.94
N ASP D 187 -34.57 -32.29 -18.96
CA ASP D 187 -34.70 -33.43 -18.06
C ASP D 187 -34.90 -34.74 -18.84
N GLY D 188 -35.75 -34.68 -19.86
CA GLY D 188 -36.19 -35.86 -20.56
C GLY D 188 -37.49 -36.34 -19.95
N ALA D 189 -37.93 -35.66 -18.90
CA ALA D 189 -39.12 -36.05 -18.16
C ALA D 189 -40.09 -34.88 -17.98
N TYR D 190 -39.55 -33.67 -17.94
CA TYR D 190 -40.35 -32.46 -17.73
C TYR D 190 -41.36 -32.26 -18.86
N GLU D 191 -42.63 -32.14 -18.48
CA GLU D 191 -43.74 -32.15 -19.43
C GLU D 191 -43.83 -30.91 -20.31
N GLY D 192 -43.36 -29.78 -19.79
CA GLY D 192 -43.51 -28.50 -20.46
C GLY D 192 -42.81 -28.37 -21.79
N PHE D 193 -41.79 -29.20 -22.02
CA PHE D 193 -41.00 -29.11 -23.24
C PHE D 193 -41.45 -30.11 -24.31
N GLU D 194 -42.30 -31.05 -23.91
CA GLU D 194 -42.72 -32.12 -24.81
C GLU D 194 -43.35 -31.64 -26.11
N VAL D 195 -44.16 -30.58 -26.02
CA VAL D 195 -44.84 -30.05 -27.19
C VAL D 195 -43.84 -29.60 -28.26
N TYR D 196 -42.68 -29.09 -27.82
CA TYR D 196 -41.60 -28.70 -28.74
C TYR D 196 -40.88 -29.94 -29.27
N ALA D 197 -40.61 -30.88 -28.38
CA ALA D 197 -39.85 -32.07 -28.70
C ALA D 197 -40.58 -33.00 -29.67
N PHE D 198 -41.91 -33.00 -29.58
CA PHE D 198 -42.73 -33.94 -30.34
C PHE D 198 -43.33 -33.36 -31.61
N ASN D 199 -43.06 -32.09 -31.91
CA ASN D 199 -43.64 -31.47 -33.09
C ASN D 199 -42.61 -30.77 -33.98
N ALA D 200 -41.33 -30.98 -33.71
CA ALA D 200 -40.27 -30.40 -34.53
C ALA D 200 -39.62 -31.45 -35.42
N ASP D 201 -39.26 -31.06 -36.64
CA ASP D 201 -38.65 -32.01 -37.57
C ASP D 201 -37.22 -32.32 -37.16
N LEU D 202 -36.51 -31.30 -36.71
CA LEU D 202 -35.17 -31.48 -36.17
C LEU D 202 -35.18 -31.07 -34.70
N VAL D 203 -34.75 -31.97 -33.83
CA VAL D 203 -34.72 -31.64 -32.40
C VAL D 203 -33.30 -31.60 -31.87
N PHE D 204 -32.91 -30.45 -31.33
CA PHE D 204 -31.61 -30.34 -30.67
C PHE D 204 -31.80 -30.22 -29.17
N LEU D 205 -30.88 -30.80 -28.42
CA LEU D 205 -30.88 -30.72 -26.96
C LEU D 205 -29.51 -31.09 -26.43
N SER D 206 -29.26 -30.79 -25.17
CA SER D 206 -28.05 -31.22 -24.52
C SER D 206 -28.26 -32.60 -23.89
N ALA D 207 -27.20 -33.40 -23.83
CA ALA D 207 -27.29 -34.73 -23.24
C ALA D 207 -26.87 -34.71 -21.78
N THR D 208 -26.57 -33.52 -21.28
CA THR D 208 -25.97 -33.35 -19.96
C THR D 208 -26.93 -33.57 -18.79
N ALA D 209 -28.23 -33.57 -19.07
CA ALA D 209 -29.22 -33.76 -18.00
C ALA D 209 -30.04 -35.02 -18.22
N LEU D 210 -29.61 -35.83 -19.19
CA LEU D 210 -30.31 -37.07 -19.51
C LEU D 210 -29.73 -38.26 -18.77
N THR D 211 -30.61 -39.04 -18.14
CA THR D 211 -30.21 -40.30 -17.53
C THR D 211 -29.72 -41.25 -18.61
N ASP D 212 -30.57 -41.45 -19.61
CA ASP D 212 -30.26 -42.35 -20.71
C ASP D 212 -30.44 -41.62 -22.04
N VAL D 213 -29.32 -41.16 -22.60
CA VAL D 213 -29.34 -40.36 -23.83
C VAL D 213 -30.06 -41.07 -24.98
N ALA D 214 -29.75 -42.34 -25.20
CA ALA D 214 -30.36 -43.08 -26.29
C ALA D 214 -31.86 -43.28 -26.08
N ALA D 215 -32.26 -43.44 -24.83
CA ALA D 215 -33.66 -43.68 -24.51
C ALA D 215 -34.53 -42.46 -24.79
N THR D 216 -33.98 -41.28 -24.49
CA THR D 216 -34.70 -40.03 -24.72
C THR D 216 -34.83 -39.74 -26.21
N MET D 217 -33.78 -40.07 -26.96
CA MET D 217 -33.77 -39.83 -28.40
C MET D 217 -34.68 -40.80 -29.11
N ARG D 218 -34.75 -42.03 -28.62
CA ARG D 218 -35.68 -43.01 -29.18
C ARG D 218 -37.10 -42.51 -28.96
N ARG D 219 -37.34 -41.97 -27.77
CA ARG D 219 -38.65 -41.47 -27.40
C ARG D 219 -39.11 -40.33 -28.30
N VAL D 220 -38.22 -39.37 -28.56
CA VAL D 220 -38.55 -38.23 -29.42
C VAL D 220 -38.88 -38.68 -30.84
N ILE D 221 -38.19 -39.72 -31.33
CA ILE D 221 -38.48 -40.28 -32.64
C ILE D 221 -39.80 -41.03 -32.66
N ASP D 222 -40.04 -41.84 -31.62
CA ASP D 222 -41.25 -42.65 -31.55
C ASP D 222 -42.49 -41.82 -31.23
N ARG D 223 -42.36 -40.87 -30.32
CA ARG D 223 -43.50 -40.11 -29.84
C ARG D 223 -43.74 -38.83 -30.66
N GLY D 224 -42.70 -38.36 -31.35
CA GLY D 224 -42.81 -37.14 -32.11
C GLY D 224 -42.80 -37.34 -33.62
N ARG D 225 -42.46 -36.29 -34.36
CA ARG D 225 -42.38 -36.37 -35.80
C ARG D 225 -40.99 -35.98 -36.31
N ALA D 226 -39.99 -36.08 -35.44
CA ALA D 226 -38.61 -35.71 -35.76
C ALA D 226 -37.93 -36.65 -36.75
N ARG D 227 -37.24 -36.08 -37.74
CA ARG D 227 -36.47 -36.84 -38.70
C ARG D 227 -35.13 -37.25 -38.11
N LEU D 228 -34.67 -36.45 -37.14
CA LEU D 228 -33.43 -36.75 -36.45
C LEU D 228 -33.37 -36.00 -35.12
N VAL D 229 -32.67 -36.60 -34.16
CA VAL D 229 -32.46 -35.98 -32.87
C VAL D 229 -30.96 -35.81 -32.65
N VAL D 230 -30.55 -34.63 -32.18
CA VAL D 230 -29.14 -34.38 -31.90
C VAL D 230 -28.94 -34.01 -30.43
N ALA D 231 -28.28 -34.91 -29.69
CA ALA D 231 -27.93 -34.65 -28.29
C ALA D 231 -26.45 -34.29 -28.17
N THR D 232 -26.17 -33.00 -28.02
CA THR D 232 -24.80 -32.51 -27.95
C THR D 232 -24.14 -32.82 -26.60
N ASP D 233 -22.81 -32.85 -26.60
CA ASP D 233 -22.08 -33.28 -25.42
C ASP D 233 -20.80 -32.46 -25.23
N GLY D 234 -20.88 -31.17 -25.54
CA GLY D 234 -19.78 -30.25 -25.34
C GLY D 234 -18.53 -30.60 -26.13
N ALA D 235 -17.40 -30.66 -25.44
CA ALA D 235 -16.11 -30.93 -26.07
C ALA D 235 -15.98 -32.37 -26.55
N HIS D 236 -16.88 -33.24 -26.09
CA HIS D 236 -16.89 -34.64 -26.51
C HIS D 236 -17.65 -34.84 -27.80
N GLY D 237 -18.09 -33.74 -28.41
CA GLY D 237 -18.92 -33.79 -29.58
C GLY D 237 -20.36 -34.01 -29.19
N GLY D 238 -20.92 -35.12 -29.64
CA GLY D 238 -22.30 -35.44 -29.31
C GLY D 238 -22.78 -36.64 -30.11
N SER D 239 -24.10 -36.88 -30.08
CA SER D 239 -24.66 -38.03 -30.74
C SER D 239 -25.96 -37.71 -31.48
N VAL D 240 -26.26 -38.51 -32.50
CA VAL D 240 -27.45 -38.28 -33.31
C VAL D 240 -28.23 -39.59 -33.50
N LEU D 241 -29.55 -39.47 -33.59
CA LEU D 241 -30.39 -40.60 -33.92
C LEU D 241 -31.21 -40.24 -35.14
N VAL D 242 -31.18 -41.09 -36.16
CA VAL D 242 -31.92 -40.84 -37.39
C VAL D 242 -33.13 -41.76 -37.46
N ARG D 243 -34.28 -41.17 -37.80
CA ARG D 243 -35.52 -41.94 -37.96
C ARG D 243 -35.27 -43.17 -38.83
N GLY D 244 -35.64 -44.32 -38.32
CA GLY D 244 -35.50 -45.57 -39.06
C GLY D 244 -34.22 -46.32 -38.73
N GLU D 245 -33.39 -45.73 -37.87
CA GLU D 245 -32.14 -46.39 -37.48
C GLU D 245 -32.22 -46.88 -36.04
N THR D 246 -31.44 -47.92 -35.74
CA THR D 246 -31.46 -48.54 -34.41
C THR D 246 -30.41 -47.92 -33.49
N GLU D 247 -29.21 -47.75 -34.03
CA GLU D 247 -28.08 -47.28 -33.25
C GLU D 247 -27.91 -45.77 -33.36
N VAL D 248 -27.45 -45.15 -32.28
CA VAL D 248 -27.11 -43.73 -32.33
C VAL D 248 -25.75 -43.57 -32.97
N ARG D 249 -25.55 -42.47 -33.68
CA ARG D 249 -24.23 -42.15 -34.23
C ARG D 249 -23.55 -41.11 -33.35
N ARG D 250 -22.23 -41.15 -33.28
CA ARG D 250 -21.49 -40.10 -32.60
C ARG D 250 -20.92 -39.12 -33.63
N TYR D 251 -20.60 -37.92 -33.18
CA TYR D 251 -19.78 -37.01 -33.97
C TYR D 251 -18.72 -36.42 -33.06
N ALA D 252 -17.57 -36.09 -33.63
CA ALA D 252 -16.46 -35.57 -32.86
C ALA D 252 -16.51 -34.04 -32.80
N ALA D 253 -16.02 -33.48 -31.71
CA ALA D 253 -15.82 -32.04 -31.63
C ALA D 253 -14.64 -31.67 -32.53
N VAL D 254 -14.74 -30.50 -33.13
CA VAL D 254 -13.63 -29.95 -33.90
C VAL D 254 -12.92 -28.93 -33.03
N ALA D 255 -11.58 -28.91 -33.09
CA ALA D 255 -10.81 -27.94 -32.33
C ALA D 255 -10.99 -26.55 -32.91
N PRO D 256 -11.23 -25.56 -32.04
CA PRO D 256 -11.34 -24.19 -32.55
C PRO D 256 -9.98 -23.69 -33.03
N GLU D 257 -9.97 -22.67 -33.89
CA GLU D 257 -8.72 -22.12 -34.41
C GLU D 257 -8.19 -21.05 -33.47
N ALA D 258 -8.82 -20.93 -32.31
CA ALA D 258 -8.39 -20.00 -31.28
C ALA D 258 -8.55 -20.65 -29.91
N PRO D 259 -7.91 -20.10 -28.86
CA PRO D 259 -8.10 -20.65 -27.52
C PRO D 259 -9.55 -20.62 -27.06
N VAL D 260 -10.00 -21.69 -26.41
CA VAL D 260 -11.35 -21.73 -25.88
C VAL D 260 -11.45 -20.84 -24.64
N VAL D 261 -12.31 -19.83 -24.72
CA VAL D 261 -12.46 -18.86 -23.64
C VAL D 261 -13.79 -19.04 -22.92
N ASP D 262 -14.88 -18.95 -23.68
CA ASP D 262 -16.23 -19.05 -23.12
C ASP D 262 -17.15 -19.91 -23.98
N SER D 263 -17.49 -21.08 -23.46
CA SER D 263 -18.32 -22.06 -24.18
C SER D 263 -19.80 -21.68 -24.19
N ASN D 264 -20.11 -20.45 -23.77
CA ASN D 264 -21.47 -19.96 -23.87
C ASN D 264 -21.81 -19.60 -25.31
N GLY D 265 -22.85 -20.25 -25.84
CA GLY D 265 -23.32 -19.96 -27.18
C GLY D 265 -23.02 -21.08 -28.17
N ALA D 266 -22.36 -22.12 -27.69
CA ALA D 266 -21.93 -23.23 -28.52
C ALA D 266 -23.10 -24.02 -29.10
N GLY D 267 -24.14 -24.20 -28.30
CA GLY D 267 -25.32 -24.92 -28.76
C GLY D 267 -26.10 -24.11 -29.79
N ASP D 268 -26.17 -22.80 -29.57
CA ASP D 268 -26.87 -21.92 -30.49
C ASP D 268 -26.09 -21.80 -31.79
N ALA D 269 -24.76 -21.80 -31.68
CA ALA D 269 -23.91 -21.81 -32.87
C ALA D 269 -24.08 -23.11 -33.62
N PHE D 270 -24.14 -24.21 -32.88
CA PHE D 270 -24.33 -25.53 -33.47
C PHE D 270 -25.62 -25.59 -34.29
N VAL D 271 -26.71 -25.12 -33.70
CA VAL D 271 -27.99 -25.08 -34.41
C VAL D 271 -27.88 -24.18 -35.63
N SER D 272 -27.22 -23.03 -35.47
CA SER D 272 -27.00 -22.09 -36.57
C SER D 272 -26.33 -22.78 -37.76
N GLY D 273 -25.21 -23.45 -37.50
CA GLY D 273 -24.46 -24.12 -38.55
C GLY D 273 -25.16 -25.34 -39.12
N PHE D 274 -25.82 -26.12 -38.26
CA PHE D 274 -26.53 -27.32 -38.71
C PHE D 274 -27.67 -26.93 -39.66
N LEU D 275 -28.38 -25.87 -39.32
CA LEU D 275 -29.50 -25.42 -40.13
C LEU D 275 -29.03 -24.92 -41.49
N PHE D 276 -27.85 -24.30 -41.52
CA PHE D 276 -27.26 -23.86 -42.77
C PHE D 276 -27.09 -25.03 -43.72
N GLY D 277 -26.61 -26.15 -43.19
CA GLY D 277 -26.41 -27.35 -43.98
C GLY D 277 -27.74 -27.97 -44.35
N HIS D 278 -28.71 -27.86 -43.44
CA HIS D 278 -30.03 -28.43 -43.68
C HIS D 278 -30.75 -27.69 -44.80
N LEU D 279 -30.57 -26.38 -44.84
CA LEU D 279 -31.23 -25.55 -45.83
C LEU D 279 -30.56 -25.65 -47.20
N ALA D 280 -29.31 -26.09 -47.20
CA ALA D 280 -28.58 -26.30 -48.44
C ALA D 280 -28.62 -27.77 -48.87
N GLY D 281 -29.49 -28.55 -48.23
CA GLY D 281 -29.71 -29.93 -48.60
C GLY D 281 -28.50 -30.83 -48.42
N GLU D 282 -27.57 -30.42 -47.57
CA GLU D 282 -26.37 -31.20 -47.30
C GLU D 282 -26.70 -32.45 -46.49
N PRO D 283 -25.90 -33.51 -46.68
CA PRO D 283 -26.09 -34.76 -45.94
C PRO D 283 -25.87 -34.59 -44.43
N LEU D 284 -26.31 -35.58 -43.67
CA LEU D 284 -26.23 -35.55 -42.21
C LEU D 284 -24.83 -35.22 -41.68
N GLU D 285 -23.81 -35.86 -42.23
CA GLU D 285 -22.44 -35.66 -41.75
C GLU D 285 -21.93 -34.24 -42.01
N THR D 286 -22.35 -33.62 -43.11
CA THR D 286 -21.94 -32.26 -43.42
C THR D 286 -22.61 -31.28 -42.48
N CYS D 287 -23.90 -31.50 -42.24
CA CYS D 287 -24.67 -30.68 -41.32
C CYS D 287 -24.08 -30.71 -39.91
N LEU D 288 -23.75 -31.91 -39.44
CA LEU D 288 -23.13 -32.07 -38.14
C LEU D 288 -21.78 -31.35 -38.10
N ARG D 289 -21.05 -31.43 -39.20
CA ARG D 289 -19.74 -30.78 -39.28
C ARG D 289 -19.84 -29.27 -39.12
N TYR D 290 -20.80 -28.65 -39.82
CA TYR D 290 -21.02 -27.21 -39.72
C TYR D 290 -21.33 -26.79 -38.29
N GLY D 291 -22.21 -27.56 -37.63
CA GLY D 291 -22.57 -27.29 -36.26
C GLY D 291 -21.36 -27.32 -35.36
N ALA D 292 -20.54 -28.38 -35.52
CA ALA D 292 -19.34 -28.55 -34.71
C ALA D 292 -18.33 -27.42 -34.93
N ILE D 293 -18.20 -26.97 -36.17
CA ILE D 293 -17.29 -25.88 -36.49
C ILE D 293 -17.82 -24.55 -35.96
N ALA D 294 -19.12 -24.33 -36.11
CA ALA D 294 -19.75 -23.12 -35.59
C ALA D 294 -19.71 -23.08 -34.07
N GLY D 295 -20.02 -24.22 -33.44
CA GLY D 295 -19.98 -24.31 -32.00
C GLY D 295 -18.60 -24.09 -31.43
N ALA D 296 -17.59 -24.65 -32.10
CA ALA D 296 -16.21 -24.46 -31.68
C ALA D 296 -15.82 -23.00 -31.74
N TYR D 297 -16.26 -22.31 -32.79
CA TYR D 297 -15.96 -20.89 -32.95
C TYR D 297 -16.54 -20.06 -31.81
N ALA D 298 -17.74 -20.41 -31.38
CA ALA D 298 -18.43 -19.68 -30.34
C ALA D 298 -17.67 -19.71 -29.02
N CYS D 299 -16.91 -20.79 -28.83
CA CYS D 299 -16.14 -20.99 -27.60
C CYS D 299 -14.95 -20.06 -27.49
N THR D 300 -14.59 -19.41 -28.61
CA THR D 300 -13.43 -18.53 -28.61
C THR D 300 -13.85 -17.10 -28.38
N ILE D 301 -15.16 -16.85 -28.33
CA ILE D 301 -15.68 -15.52 -28.09
C ILE D 301 -16.06 -15.33 -26.63
N PRO D 302 -15.51 -14.28 -25.99
CA PRO D 302 -15.84 -13.98 -24.59
C PRO D 302 -17.30 -13.58 -24.45
N ALA D 303 -17.86 -13.72 -23.26
CA ALA D 303 -19.24 -13.31 -23.01
C ALA D 303 -19.39 -11.81 -23.16
N THR D 304 -18.28 -11.08 -23.10
CA THR D 304 -18.29 -9.62 -23.22
C THR D 304 -18.68 -9.17 -24.62
N ARG D 305 -18.57 -10.07 -25.60
CA ARG D 305 -18.90 -9.74 -26.98
C ARG D 305 -19.91 -10.70 -27.59
N ALA D 306 -20.59 -10.22 -28.63
CA ALA D 306 -21.36 -11.09 -29.51
C ALA D 306 -20.44 -11.57 -30.61
N GLY D 307 -20.56 -12.83 -30.99
CA GLY D 307 -19.74 -13.39 -32.04
C GLY D 307 -20.34 -14.61 -32.69
N ALA D 308 -20.35 -14.61 -34.02
CA ALA D 308 -20.79 -15.77 -34.78
C ALA D 308 -19.88 -16.00 -35.96
N ILE D 309 -19.65 -17.27 -36.29
CA ILE D 309 -18.78 -17.63 -37.41
C ILE D 309 -19.40 -17.18 -38.73
N ASP D 310 -18.55 -16.78 -39.67
CA ASP D 310 -18.99 -16.36 -40.99
C ASP D 310 -18.97 -17.52 -41.96
N ARG D 311 -19.55 -17.33 -43.14
CA ARG D 311 -19.71 -18.41 -44.12
C ARG D 311 -18.38 -18.96 -44.63
N ALA D 312 -17.40 -18.09 -44.83
CA ALA D 312 -16.10 -18.49 -45.36
C ALA D 312 -15.41 -19.51 -44.45
N ALA D 313 -15.38 -19.23 -43.16
CA ALA D 313 -14.74 -20.13 -42.19
C ALA D 313 -15.48 -21.46 -42.07
N LEU D 314 -16.82 -21.39 -42.11
CA LEU D 314 -17.64 -22.58 -41.97
C LEU D 314 -17.41 -23.58 -43.10
N LEU D 315 -17.14 -23.07 -44.30
CA LEU D 315 -17.06 -23.91 -45.49
C LEU D 315 -15.63 -24.35 -45.81
N ARG D 316 -14.72 -24.22 -44.85
CA ARG D 316 -13.34 -24.65 -45.05
C ARG D 316 -13.18 -26.11 -44.70
N PRO D 317 -12.41 -26.85 -45.52
CA PRO D 317 -12.11 -28.26 -45.26
C PRO D 317 -11.05 -28.44 -44.17
C1 GLC E . 32.83 28.24 11.86
C2 GLC E . 34.33 27.98 12.04
C3 GLC E . 34.63 27.00 13.17
C4 GLC E . 33.84 27.36 14.42
C5 GLC E . 32.37 27.36 14.03
C6 GLC E . 31.44 27.51 15.24
O1 GLC E . 32.25 27.14 11.16
O2 GLC E . 34.86 27.44 10.82
O3 GLC E . 36.02 26.95 13.49
O4 GLC E . 34.13 26.38 15.40
O5 GLC E . 32.15 28.43 13.12
O6 GLC E . 31.38 28.88 15.65
C1 GLC E . 34.82 26.90 16.53
C2 GLC E . 36.10 26.12 16.79
C3 GLC E . 35.77 24.69 17.17
C4 GLC E . 34.83 24.69 18.37
C5 GLC E . 33.57 25.47 17.99
C6 GLC E . 32.58 25.50 19.14
O2 GLC E . 36.91 26.13 15.60
O3 GLC E . 36.98 23.97 17.49
O4 GLC E . 34.51 23.35 18.76
O5 GLC E . 33.94 26.81 17.66
O6 GLC E . 31.52 26.42 18.82
C1 AC1 E . 35.14 23.02 20.00
O2 AC1 E . 36.76 21.70 18.76
C2 AC1 E . 35.89 21.70 19.90
C4A AC1 E . 31.71 15.85 22.27
C3 AC1 E . 34.91 20.53 19.79
O3 AC1 E . 35.63 19.30 19.68
C4 AC1 E . 34.02 20.57 21.03
N4A AC1 E . 33.12 19.43 21.07
C5 AC1 E . 33.26 21.89 21.02
O5 AC1 E . 34.19 22.99 21.08
C6 AC1 E . 32.28 21.99 22.19
C1B AC1 E . 33.52 18.20 21.73
C2B AC1 E . 33.34 17.02 20.77
O2B AC1 E . 33.56 17.46 19.44
C3B AC1 E . 31.94 16.44 20.89
O3B AC1 E . 31.79 15.40 19.91
O4 AC1 E . 30.32 15.64 22.48
C5B AC1 E . 32.21 16.79 23.34
C7B AC1 E . 32.78 17.96 23.03
C6B AC1 E . 32.04 16.38 24.78
O6B AC1 E . 32.74 17.29 25.62
C1 GLC F . 27.06 -9.88 11.76
C2 GLC F . 28.34 -10.28 11.02
C3 GLC F . 28.58 -9.36 9.84
C4 GLC F . 27.34 -9.32 8.95
C5 GLC F . 26.16 -8.86 9.81
C6 GLC F . 24.88 -8.70 9.01
O1 GLC F . 27.28 -8.59 12.37
O2 GLC F . 29.46 -10.19 11.91
O3 GLC F . 29.73 -9.77 9.11
O4 GLC F . 27.57 -8.43 7.87
O5 GLC F . 25.96 -9.80 10.86
O6 GLC F . 24.44 -10.00 8.59
C1 GLC F . 27.71 -9.12 6.63
C2 GLC F . 29.04 -8.74 5.99
C3 GLC F . 29.04 -7.30 5.51
C4 GLC F . 27.80 -7.01 4.68
C5 GLC F . 26.57 -7.40 5.47
C6 GLC F . 25.29 -7.06 4.72
O2 GLC F . 30.09 -8.94 6.94
O3 GLC F . 30.23 -7.05 4.74
O4 GLC F . 27.75 -5.63 4.32
O5 GLC F . 26.62 -8.79 5.77
O6 GLC F . 24.21 -6.94 5.66
C1 AC1 F . 28.01 -5.46 2.92
O2 AC1 F . 30.23 -4.68 3.52
C2 AC1 F . 29.07 -4.39 2.72
C4A AC1 F . 26.14 2.43 1.41
C3 AC1 F . 28.52 -3.03 3.10
O3 AC1 F . 29.54 -2.04 2.86
C4 AC1 F . 27.29 -2.77 2.25
N4A AC1 F . 26.79 -1.43 2.46
C5 AC1 F . 26.25 -3.84 2.59
O5 AC1 F . 26.77 -5.12 2.25
C6 AC1 F . 24.94 -3.61 1.84
C1B AC1 F . 27.26 -0.37 1.59
C2B AC1 F . 27.78 0.82 2.39
O2B AC1 F . 28.37 0.36 3.62
C3B AC1 F . 26.66 1.81 2.70
O3B AC1 F . 27.13 2.85 3.56
O4 AC1 F . 24.84 3.01 1.65
C5B AC1 F . 26.07 1.39 0.32
C7B AC1 F . 26.18 0.09 0.63
C6B AC1 F . 25.90 1.78 -1.13
O6B AC1 F . 24.78 2.64 -1.29
C1 GLC G . -10.53 -2.28 -6.22
C2 GLC G . -10.22 -3.24 -5.07
C3 GLC G . -11.40 -3.39 -4.12
C4 GLC G . -12.01 -2.04 -3.75
C5 GLC G . -12.33 -1.28 -5.03
C6 GLC G . -12.96 0.07 -4.72
O1 GLC G . -11.44 -2.92 -7.12
O2 GLC G . -9.89 -4.52 -5.61
O3 GLC G . -10.98 -4.07 -2.93
O4 GLC G . -13.20 -2.28 -2.98
O5 GLC G . -11.11 -1.06 -5.74
O6 GLC G . -12.10 0.80 -3.84
C1 GLC G . -13.05 -1.84 -1.62
C2 GLC G . -13.37 -2.99 -0.67
C3 GLC G . -14.85 -3.36 -0.72
C4 GLC G . -15.70 -2.11 -0.50
C5 GLC G . -15.30 -1.07 -1.54
C6 GLC G . -16.16 0.18 -1.43
O2 GLC G . -12.59 -4.13 -1.03
O3 GLC G . -15.14 -4.36 0.27
O4 GLC G . -17.08 -2.41 -0.64
O5 GLC G . -13.93 -0.74 -1.38
O6 GLC G . -16.01 0.94 -2.63
C1 AC1 G . -17.77 -2.42 0.61
O2 AC1 G . -17.66 -4.83 0.42
C2 AC1 G . -18.53 -3.75 0.75
C4A AC1 G . -25.82 -3.08 -1.02
C3 AC1 G . -19.74 -3.78 -0.16
O3 AC1 G . -20.47 -4.98 0.08
C4 AC1 G . -20.60 -2.55 0.16
N4A AC1 G . -21.83 -2.56 -0.60
C5 AC1 G . -19.77 -1.32 -0.15
O5 AC1 G . -18.65 -1.29 0.73
C6 AC1 G . -20.59 -0.05 0.00
C1B AC1 G . -23.02 -3.13 0.01
C2B AC1 G . -23.62 -4.17 -0.93
O2B AC1 G . -22.56 -4.76 -1.71
C3B AC1 G . -24.64 -3.55 -1.85
O3B AC1 G . -25.08 -4.51 -2.81
O4 AC1 G . -26.70 -2.31 -1.84
C5B AC1 G . -25.34 -2.25 0.14
C7B AC1 G . -24.03 -2.07 0.37
C6B AC1 G . -26.34 -1.61 1.07
O6B AC1 G . -25.62 -0.92 2.09
C1 GLC H . -42.77 -21.48 -14.79
C2 GLC H . -42.02 -22.74 -14.34
C3 GLC H . -40.65 -22.85 -14.98
C4 GLC H . -40.74 -22.65 -16.48
C5 GLC H . -41.44 -21.33 -16.76
C6 GLC H . -41.52 -21.04 -18.26
O1 GLC H . -42.16 -20.31 -14.23
O2 GLC H . -41.88 -22.73 -12.91
O3 GLC H . -40.09 -24.14 -14.69
O4 GLC H . -39.43 -22.68 -17.04
O5 GLC H . -42.75 -21.40 -16.22
O6 GLC H . -42.59 -21.81 -18.82
C1 GLC H . -39.25 -23.77 -17.95
C2 GLC H . -38.06 -24.63 -17.51
C3 GLC H . -36.75 -23.86 -17.64
C4 GLC H . -36.64 -23.29 -19.04
C5 GLC H . -37.85 -22.43 -19.35
C6 GLC H . -37.76 -21.81 -20.74
O2 GLC H . -38.24 -25.08 -16.16
O3 GLC H . -35.65 -24.76 -17.40
O4 GLC H . -35.43 -22.55 -19.21
O5 GLC H . -39.03 -23.25 -19.26
O6 GLC H . -38.87 -20.94 -20.95
C1 AC1 H . -34.54 -23.27 -20.06
O2 AC1 H . -33.33 -23.86 -18.06
C2 AC1 H . -33.17 -23.43 -19.42
C4A AC1 H . -28.30 -18.18 -22.09
C3 AC1 H . -32.37 -22.12 -19.45
O3 AC1 H . -31.03 -22.37 -19.01
C4 AC1 H . -32.38 -21.55 -20.86
N4A AC1 H . -31.64 -20.31 -20.94
C5 AC1 H . -33.83 -21.35 -21.29
O5 AC1 H . -34.47 -22.63 -21.34
C6 AC1 H . -33.92 -20.67 -22.65
C1B AC1 H . -30.21 -20.33 -21.27
C2B AC1 H . -29.44 -19.43 -20.29
O2B AC1 H . -30.18 -19.30 -19.07
C3B AC1 H . -29.21 -18.05 -20.88
O3B AC1 H . -28.57 -17.23 -19.90
O4 AC1 H . -28.20 -16.91 -22.74
C5B AC1 H . -28.86 -19.20 -23.04
C7B AC1 H . -29.94 -19.93 -22.71
C6B AC1 H . -28.18 -19.39 -24.38
O6B AC1 H . -28.67 -20.55 -25.06
PG ANP I . 35.78 15.81 26.59
O1G ANP I . 35.02 14.85 25.71
O2G ANP I . 36.16 17.08 25.72
O3G ANP I . 34.79 16.28 27.73
PB ANP I . 38.60 15.89 27.40
O1B ANP I . 39.49 15.58 26.25
O2B ANP I . 38.29 17.41 27.41
N3B ANP I . 37.14 15.03 27.28
PA ANP I . 40.68 14.60 28.88
O1A ANP I . 41.91 15.42 29.05
O2A ANP I . 40.79 13.61 27.71
O3A ANP I . 39.36 15.50 28.74
O5' ANP I . 40.46 13.86 30.26
C5' ANP I . 39.82 14.54 31.36
C4' ANP I . 40.31 14.00 32.68
O4' ANP I . 39.73 12.71 32.92
C3' ANP I . 41.82 13.80 32.79
O3' ANP I . 42.49 14.95 33.28
C2' ANP I . 41.94 12.64 33.79
O2' ANP I . 41.85 13.10 35.13
C1' ANP I . 40.71 11.81 33.41
N9 ANP I . 40.98 10.81 32.39
C8 ANP I . 40.88 10.97 31.03
N7 ANP I . 41.21 9.90 30.34
C5 ANP I . 41.55 8.98 31.31
C6 ANP I . 41.99 7.64 31.23
N6 ANP I . 42.17 6.98 30.09
N1 ANP I . 42.26 7.00 32.40
C2 ANP I . 42.08 7.66 33.55
N3 ANP I . 41.67 8.91 33.74
C4 ANP I . 41.42 9.52 32.57
MN MN J . 36.94 18.88 26.37
NA NA K . 32.34 8.36 27.87
PG ANP L . 28.49 1.74 -3.83
O1G ANP L . 28.48 2.79 -2.77
O2G ANP L . 28.81 0.34 -3.16
O3G ANP L . 27.03 1.66 -4.45
PB ANP L . 30.79 0.97 -5.45
O1B ANP L . 32.05 1.25 -4.71
O2B ANP L . 30.27 -0.44 -5.02
N3B ANP L . 29.63 2.14 -5.05
PA ANP L . 32.42 1.49 -7.72
O1A ANP L . 33.23 0.34 -8.21
O2A ANP L . 33.17 2.42 -6.77
O3A ANP L . 31.06 0.97 -6.99
O5' ANP L . 31.93 2.26 -9.02
C5' ANP L . 30.97 1.66 -9.91
C4' ANP L . 31.12 2.28 -11.28
O4' ANP L . 30.89 3.70 -11.19
C3' ANP L . 32.49 2.13 -11.92
O3' ANP L . 32.61 0.90 -12.63
C2' ANP L . 32.53 3.33 -12.88
O2' ANP L . 31.88 3.04 -14.11
C1' ANP L . 31.75 4.39 -12.09
N9 ANP L . 32.60 5.28 -11.33
C8 ANP L . 32.91 5.21 -9.99
N7 ANP L . 33.71 6.15 -9.57
C5 ANP L . 33.94 6.91 -10.71
C6 ANP L . 34.73 8.06 -10.94
N6 ANP L . 35.43 8.69 -9.98
N1 ANP L . 34.75 8.56 -12.20
C2 ANP L . 34.05 7.95 -13.14
N3 ANP L . 33.28 6.86 -13.05
C4 ANP L . 33.27 6.39 -11.80
MN MN M . 28.68 -1.58 -3.79
NA NA N . 26.86 10.03 -4.25
PG ANP O . -26.70 -3.38 4.87
O1G ANP O . -27.33 -3.89 3.60
O2G ANP O . -25.18 -3.06 4.60
O3G ANP O . -27.42 -2.00 5.25
PB ANP O . -25.84 -4.42 7.41
O1B ANP O . -25.02 -5.67 7.49
O2B ANP O . -24.87 -3.22 7.18
N3B ANP O . -26.92 -4.53 6.12
PA ANP O . -26.95 -5.37 9.78
O1A ANP O . -25.84 -5.60 10.74
O2A ANP O . -27.38 -6.59 8.95
O3A ANP O . -26.61 -4.20 8.75
O5' ANP O . -28.17 -4.82 10.61
C5' ANP O . -28.09 -3.51 11.20
C4' ANP O . -29.02 -3.45 12.39
O4' ANP O . -30.38 -3.64 11.93
C3' ANP O . -28.80 -4.52 13.45
O3' ANP O . -27.80 -4.14 14.39
C2' ANP O . -30.19 -4.62 14.07
O2' ANP O . -30.40 -3.59 15.03
C1' ANP O . -31.09 -4.46 12.85
N9 ANP O . -31.40 -5.72 12.19
C8 ANP O . -30.75 -6.28 11.12
N7 ANP O . -31.24 -7.44 10.75
C5 ANP O . -32.28 -7.66 11.65
C6 ANP O . -33.19 -8.73 11.79
N6 ANP O . -33.21 -9.81 11.01
N1 ANP O . -34.09 -8.64 12.80
C2 ANP O . -34.08 -7.57 13.59
N3 ANP O . -33.26 -6.51 13.55
C4 ANP O . -32.38 -6.62 12.55
MN MN P . -23.60 -2.29 5.80
NA NA Q . -34.21 -4.17 1.94
MN MN R . -7.06 9.87 18.96
PG ANP S . -25.63 -23.51 -25.16
O1G ANP S . -25.02 -22.52 -24.21
O2G ANP S . -26.97 -24.06 -24.53
O3G ANP S . -25.97 -22.76 -26.50
PB ANP S . -25.20 -26.32 -25.38
O1B ANP S . -25.15 -26.82 -23.98
O2B ANP S . -26.70 -26.28 -25.82
N3B ANP S . -24.53 -24.77 -25.45
PA ANP S . -22.86 -27.64 -26.11
O1A ANP S . -22.70 -29.10 -25.99
O2A ANP S . -22.35 -26.82 -24.92
O3A ANP S . -24.41 -27.28 -26.33
O5' ANP S . -22.11 -27.21 -27.43
C5' ANP S . -22.63 -27.55 -28.73
C4' ANP S . -21.50 -28.02 -29.63
O4' ANP S . -20.43 -27.06 -29.60
C3' ANP S . -20.84 -29.33 -29.25
O3' ANP S . -21.60 -30.46 -29.68
C2' ANP S . -19.49 -29.21 -29.95
O2' ANP S . -19.56 -29.60 -31.32
C1' ANP S . -19.19 -27.72 -29.80
N9 ANP S . -18.32 -27.43 -28.66
C8 ANP S . -18.70 -27.13 -27.38
N7 ANP S . -17.70 -26.94 -26.55
C5 ANP S . -16.58 -27.12 -27.35
C6 ANP S . -15.20 -27.05 -27.08
N6 ANP S . -14.69 -26.76 -25.88
N1 ANP S . -14.34 -27.30 -28.11
C2 ANP S . -14.84 -27.58 -29.31
N3 ANP S . -16.13 -27.67 -29.68
C4 ANP S . -16.95 -27.42 -28.65
MN MN T . -28.31 -25.13 -25.13
NA NA U . -18.92 -17.77 -26.08
#